data_9OIU
#
_entry.id   9OIU
#
_entity_poly.entity_id   1
_entity_poly.type   'polypeptide(L)'
_entity_poly.pdbx_seq_one_letter_code
;MGSSHHHHHHGSGLVPRGSASMSDSEVNQEAKPEVKPEVKPETHINLKVSDGSSEIFFKIKKTTPLRRLMEAFAKRQGKE
MDSLRFLYDGIRIQADQTPEDLDMEDNDIIEAHREQIGG
;
_entity_poly.pdbx_strand_id   A
#
# COMPACT_ATOMS: atom_id res chain seq x y z
N MET A 1 -11.42 23.47 3.53
CA MET A 1 -10.17 24.26 3.70
C MET A 1 -9.96 24.65 5.15
N GLY A 2 -11.03 25.14 5.78
CA GLY A 2 -10.95 25.55 7.17
C GLY A 2 -12.26 26.12 7.69
N SER A 3 -12.26 26.59 8.92
CA SER A 3 -13.45 27.16 9.52
C SER A 3 -13.10 28.30 10.48
N SER A 4 -13.88 29.38 10.40
CA SER A 4 -13.67 30.54 11.25
C SER A 4 -14.96 31.32 11.43
N HIS A 5 -15.13 31.93 12.60
CA HIS A 5 -16.33 32.71 12.88
C HIS A 5 -16.44 33.88 11.90
N HIS A 6 -17.61 34.02 11.29
CA HIS A 6 -17.85 35.10 10.33
C HIS A 6 -19.33 35.42 10.22
N HIS A 7 -19.66 36.70 10.15
CA HIS A 7 -21.04 37.13 10.03
C HIS A 7 -21.17 38.25 9.00
N HIS A 8 -22.05 38.05 8.01
CA HIS A 8 -22.26 39.04 6.97
C HIS A 8 -23.67 38.92 6.39
N HIS A 9 -24.25 40.07 6.07
CA HIS A 9 -25.61 40.11 5.51
C HIS A 9 -25.60 39.54 4.09
N HIS A 10 -26.73 38.96 3.69
CA HIS A 10 -26.83 38.40 2.36
C HIS A 10 -26.51 39.45 1.30
N GLY A 11 -25.72 39.05 0.30
CA GLY A 11 -25.34 39.96 -0.76
C GLY A 11 -23.85 39.96 -1.03
N SER A 12 -23.39 40.89 -1.84
CA SER A 12 -21.97 40.99 -2.17
C SER A 12 -21.14 41.26 -0.92
N GLY A 13 -19.99 40.60 -0.83
CA GLY A 13 -19.12 40.79 0.32
C GLY A 13 -18.28 42.05 0.21
N LEU A 14 -17.60 42.39 1.29
CA LEU A 14 -16.76 43.59 1.32
C LEU A 14 -15.58 43.45 0.35
N VAL A 15 -14.66 42.56 0.70
CA VAL A 15 -13.48 42.33 -0.11
C VAL A 15 -13.00 40.88 0.02
N PRO A 16 -13.70 39.94 -0.62
CA PRO A 16 -13.35 38.52 -0.57
C PRO A 16 -12.22 38.18 -1.53
N ARG A 17 -11.05 38.77 -1.31
CA ARG A 17 -9.90 38.52 -2.15
C ARG A 17 -8.60 38.96 -1.46
N GLY A 18 -8.68 40.04 -0.70
CA GLY A 18 -7.51 40.54 -0.01
C GLY A 18 -6.95 39.54 0.98
N SER A 19 -7.84 38.86 1.71
CA SER A 19 -7.41 37.87 2.69
C SER A 19 -6.87 36.61 2.00
N ALA A 20 -6.09 35.82 2.73
CA ALA A 20 -5.52 34.60 2.19
C ALA A 20 -5.23 33.59 3.29
N SER A 21 -5.34 32.31 2.95
CA SER A 21 -5.09 31.24 3.91
C SER A 21 -4.76 29.94 3.19
N MET A 22 -3.88 29.15 3.79
CA MET A 22 -3.46 27.87 3.20
C MET A 22 -3.69 26.73 4.19
N SER A 23 -4.29 25.64 3.69
CA SER A 23 -4.56 24.47 4.53
C SER A 23 -3.86 23.22 4.00
N ASP A 24 -3.20 23.33 2.84
CA ASP A 24 -2.49 22.20 2.25
C ASP A 24 -1.06 22.12 2.77
N SER A 25 -0.83 21.24 3.73
CA SER A 25 0.50 21.06 4.31
C SER A 25 1.01 19.63 4.12
N GLU A 26 0.37 18.88 3.22
CA GLU A 26 0.76 17.51 2.96
C GLU A 26 2.17 17.42 2.39
N VAL A 27 2.96 16.49 2.90
CA VAL A 27 4.33 16.30 2.45
C VAL A 27 4.60 14.83 2.12
N ASN A 28 5.21 14.59 0.96
CA ASN A 28 5.52 13.24 0.53
C ASN A 28 6.80 13.19 -0.28
N GLN A 29 7.37 12.00 -0.42
CA GLN A 29 8.60 11.82 -1.18
C GLN A 29 8.51 10.59 -2.08
N GLU A 30 9.25 10.62 -3.18
CA GLU A 30 9.26 9.51 -4.13
C GLU A 30 10.52 8.67 -3.96
N ALA A 31 10.37 7.35 -4.13
CA ALA A 31 11.50 6.44 -3.99
C ALA A 31 12.02 6.41 -2.56
N LYS A 32 11.12 6.22 -1.61
CA LYS A 32 11.49 6.17 -0.20
C LYS A 32 12.29 4.91 0.11
N PRO A 33 13.16 4.96 1.13
CA PRO A 33 13.98 3.80 1.53
C PRO A 33 13.16 2.70 2.20
N GLU A 34 13.63 1.47 2.09
CA GLU A 34 12.95 0.33 2.67
C GLU A 34 13.91 -0.51 3.51
N VAL A 35 13.40 -1.10 4.59
CA VAL A 35 14.22 -1.93 5.47
C VAL A 35 13.74 -3.37 5.49
N LYS A 36 14.64 -4.30 5.19
CA LYS A 36 14.32 -5.72 5.17
C LYS A 36 15.22 -6.48 6.16
N PRO A 37 14.69 -6.98 7.30
CA PRO A 37 15.50 -7.72 8.27
C PRO A 37 15.95 -9.07 7.75
N GLU A 38 17.12 -9.52 8.20
CA GLU A 38 17.67 -10.80 7.77
C GLU A 38 17.07 -11.95 8.57
N VAL A 39 16.90 -13.09 7.91
CA VAL A 39 16.33 -14.27 8.56
C VAL A 39 17.18 -15.51 8.29
N LYS A 40 17.04 -16.52 9.14
CA LYS A 40 17.80 -17.75 8.99
C LYS A 40 17.27 -18.58 7.81
N PRO A 41 18.07 -19.50 7.29
CA PRO A 41 17.66 -20.35 6.15
C PRO A 41 16.38 -21.14 6.42
N GLU A 42 15.54 -21.23 5.39
CA GLU A 42 14.27 -21.96 5.47
C GLU A 42 13.39 -21.47 6.62
N THR A 43 13.67 -20.28 7.14
CA THR A 43 12.87 -19.74 8.23
C THR A 43 11.45 -19.42 7.75
N HIS A 44 11.36 -18.86 6.55
CA HIS A 44 10.07 -18.52 5.98
C HIS A 44 9.62 -19.55 4.96
N ILE A 45 8.54 -20.26 5.29
CA ILE A 45 8.00 -21.27 4.40
C ILE A 45 6.48 -21.15 4.27
N ASN A 46 5.99 -21.17 3.04
CA ASN A 46 4.57 -21.06 2.79
C ASN A 46 4.03 -22.38 2.25
N LEU A 47 2.86 -22.80 2.74
CA LEU A 47 2.25 -24.05 2.30
C LEU A 47 0.86 -23.81 1.74
N LYS A 48 0.58 -24.39 0.58
CA LYS A 48 -0.73 -24.22 -0.06
C LYS A 48 -1.07 -25.42 -0.95
N VAL A 49 -2.36 -25.57 -1.23
CA VAL A 49 -2.86 -26.65 -2.07
C VAL A 49 -3.72 -26.11 -3.20
N SER A 50 -3.48 -26.57 -4.42
CA SER A 50 -4.24 -26.12 -5.57
C SER A 50 -4.33 -27.19 -6.65
N ASP A 51 -5.23 -26.97 -7.62
CA ASP A 51 -5.44 -27.89 -8.73
C ASP A 51 -6.22 -29.13 -8.29
N GLY A 52 -6.76 -29.10 -7.06
CA GLY A 52 -7.52 -30.23 -6.56
C GLY A 52 -6.67 -31.44 -6.25
N SER A 53 -5.35 -31.26 -6.18
CA SER A 53 -4.45 -32.35 -5.88
C SER A 53 -3.35 -31.93 -4.92
N SER A 54 -2.34 -31.24 -5.45
CA SER A 54 -1.23 -30.77 -4.64
C SER A 54 -0.55 -29.56 -5.27
N GLU A 55 -0.03 -28.68 -4.43
CA GLU A 55 0.64 -27.46 -4.89
C GLU A 55 1.96 -27.28 -4.15
N ILE A 56 2.98 -26.84 -4.87
CA ILE A 56 4.29 -26.62 -4.28
C ILE A 56 4.63 -25.13 -4.20
N PHE A 57 5.31 -24.75 -3.12
CA PHE A 57 5.70 -23.36 -2.90
C PHE A 57 7.20 -23.18 -3.10
N PHE A 58 7.57 -22.05 -3.69
CA PHE A 58 8.98 -21.74 -3.93
C PHE A 58 9.25 -20.26 -3.69
N LYS A 59 10.53 -19.93 -3.49
CA LYS A 59 10.93 -18.55 -3.23
C LYS A 59 10.83 -17.68 -4.48
N ILE A 60 10.70 -16.38 -4.27
CA ILE A 60 10.59 -15.43 -5.37
C ILE A 60 11.71 -14.41 -5.32
N LYS A 61 11.98 -13.76 -6.45
CA LYS A 61 13.03 -12.76 -6.52
C LYS A 61 12.61 -11.51 -5.75
N LYS A 62 13.48 -11.04 -4.87
CA LYS A 62 13.19 -9.86 -4.07
C LYS A 62 11.84 -10.00 -3.37
N THR A 63 11.36 -8.90 -2.82
CA THR A 63 10.06 -8.89 -2.12
C THR A 63 9.10 -7.94 -2.80
N THR A 64 7.90 -8.43 -3.09
CA THR A 64 6.88 -7.61 -3.73
C THR A 64 5.80 -7.18 -2.73
N PRO A 65 5.76 -5.88 -2.34
CA PRO A 65 4.78 -5.38 -1.37
C PRO A 65 3.37 -5.28 -1.97
N LEU A 66 2.38 -5.20 -1.09
CA LEU A 66 0.99 -5.10 -1.53
C LEU A 66 0.75 -3.80 -2.29
N ARG A 67 1.57 -2.79 -2.01
CA ARG A 67 1.44 -1.51 -2.68
C ARG A 67 1.62 -1.69 -4.18
N ARG A 68 2.53 -2.58 -4.57
CA ARG A 68 2.77 -2.85 -5.98
C ARG A 68 1.49 -3.32 -6.64
N LEU A 69 0.81 -4.27 -6.00
CA LEU A 69 -0.44 -4.81 -6.52
C LEU A 69 -1.49 -3.70 -6.59
N MET A 70 -1.52 -2.86 -5.56
CA MET A 70 -2.46 -1.75 -5.49
C MET A 70 -2.26 -0.77 -6.64
N GLU A 71 -0.99 -0.53 -6.98
CA GLU A 71 -0.66 0.39 -8.06
C GLU A 71 -1.27 -0.05 -9.39
N ALA A 72 -1.24 -1.35 -9.66
CA ALA A 72 -1.79 -1.88 -10.90
C ALA A 72 -3.28 -1.56 -11.00
N PHE A 73 -4.00 -1.73 -9.90
CA PHE A 73 -5.43 -1.45 -9.88
C PHE A 73 -5.70 0.06 -9.85
N ALA A 74 -4.80 0.81 -9.22
CA ALA A 74 -4.95 2.26 -9.11
C ALA A 74 -4.95 2.94 -10.47
N LYS A 75 -4.03 2.54 -11.34
CA LYS A 75 -3.94 3.14 -12.68
C LYS A 75 -5.17 2.80 -13.51
N ARG A 76 -5.83 1.69 -13.18
CA ARG A 76 -7.01 1.27 -13.92
C ARG A 76 -8.11 2.32 -13.79
N GLN A 77 -8.27 2.86 -12.59
CA GLN A 77 -9.28 3.89 -12.32
C GLN A 77 -8.73 5.29 -12.56
N GLY A 78 -7.46 5.39 -12.97
CA GLY A 78 -6.86 6.69 -13.22
C GLY A 78 -6.39 7.38 -11.96
N LYS A 79 -6.26 6.61 -10.87
CA LYS A 79 -5.82 7.17 -9.60
C LYS A 79 -4.30 7.21 -9.53
N GLU A 80 -3.76 8.21 -8.84
CA GLU A 80 -2.32 8.36 -8.70
C GLU A 80 -1.78 7.53 -7.55
N MET A 81 -0.82 6.66 -7.84
CA MET A 81 -0.21 5.80 -6.81
C MET A 81 0.49 6.64 -5.76
N ASP A 82 1.23 7.66 -6.20
CA ASP A 82 1.97 8.53 -5.30
C ASP A 82 1.04 9.32 -4.38
N SER A 83 -0.18 9.59 -4.86
CA SER A 83 -1.15 10.33 -4.07
C SER A 83 -1.74 9.46 -2.95
N LEU A 84 -1.58 8.14 -3.09
CA LEU A 84 -2.10 7.21 -2.08
C LEU A 84 -0.96 6.53 -1.34
N ARG A 85 -0.94 6.67 -0.02
CA ARG A 85 0.09 6.06 0.81
C ARG A 85 -0.53 5.36 2.01
N PHE A 86 0.12 4.30 2.47
CA PHE A 86 -0.37 3.54 3.62
C PHE A 86 0.48 3.79 4.85
N LEU A 87 -0.09 4.47 5.85
CA LEU A 87 0.62 4.77 7.08
C LEU A 87 -0.14 4.25 8.29
N TYR A 88 0.58 3.79 9.30
CA TYR A 88 -0.04 3.26 10.51
C TYR A 88 0.44 4.02 11.75
N ASP A 89 -0.49 4.68 12.42
CA ASP A 89 -0.17 5.45 13.63
C ASP A 89 1.01 6.39 13.39
N GLY A 90 1.08 6.98 12.20
CA GLY A 90 2.17 7.89 11.89
C GLY A 90 3.50 7.18 11.73
N ILE A 91 3.45 5.89 11.40
CA ILE A 91 4.66 5.10 11.23
C ILE A 91 4.89 4.76 9.75
N ARG A 92 6.11 5.03 9.29
CA ARG A 92 6.47 4.76 7.90
C ARG A 92 6.39 3.26 7.60
N ILE A 93 6.00 2.93 6.37
CA ILE A 93 5.88 1.53 5.97
C ILE A 93 7.18 0.77 6.15
N GLN A 94 7.08 -0.47 6.63
CA GLN A 94 8.23 -1.32 6.85
C GLN A 94 8.00 -2.72 6.28
N ALA A 95 9.01 -3.57 6.46
CA ALA A 95 8.93 -4.94 5.97
C ALA A 95 7.76 -5.69 6.61
N ASP A 96 7.51 -5.40 7.88
CA ASP A 96 6.41 -6.04 8.62
C ASP A 96 5.08 -5.33 8.39
N GLN A 97 5.02 -4.43 7.42
CA GLN A 97 3.80 -3.68 7.12
C GLN A 97 2.63 -4.62 6.79
N THR A 98 2.95 -5.87 6.47
CA THR A 98 1.91 -6.84 6.13
C THR A 98 1.05 -7.14 7.36
N PRO A 99 -0.17 -7.68 7.15
CA PRO A 99 -1.07 -8.00 8.26
C PRO A 99 -0.43 -8.89 9.33
N GLU A 100 -0.66 -8.53 10.58
CA GLU A 100 -0.11 -9.27 11.71
C GLU A 100 -0.68 -10.69 11.78
N ASP A 101 -1.96 -10.83 11.45
CA ASP A 101 -2.62 -12.13 11.48
C ASP A 101 -1.93 -13.13 10.55
N LEU A 102 -1.57 -12.69 9.35
CA LEU A 102 -0.90 -13.56 8.40
C LEU A 102 0.53 -13.85 8.82
N ASP A 103 1.09 -12.97 9.65
CA ASP A 103 2.46 -13.11 10.14
C ASP A 103 3.42 -13.44 9.01
N MET A 104 3.18 -12.87 7.84
CA MET A 104 4.02 -13.10 6.67
C MET A 104 4.29 -14.58 6.48
N GLU A 105 3.26 -15.41 6.67
CA GLU A 105 3.41 -16.85 6.51
C GLU A 105 2.21 -17.47 5.80
N ASP A 106 2.49 -18.42 4.91
CA ASP A 106 1.44 -19.09 4.16
C ASP A 106 0.47 -18.09 3.53
N ASN A 107 1.00 -17.23 2.66
CA ASN A 107 0.17 -16.23 1.99
C ASN A 107 -1.04 -16.87 1.34
N ASP A 108 -2.21 -16.26 1.56
CA ASP A 108 -3.46 -16.78 1.00
C ASP A 108 -3.56 -16.51 -0.50
N ILE A 109 -2.71 -17.18 -1.27
CA ILE A 109 -2.70 -17.03 -2.71
C ILE A 109 -2.38 -18.35 -3.39
N ILE A 110 -3.14 -18.70 -4.42
CA ILE A 110 -2.93 -19.95 -5.13
C ILE A 110 -2.85 -19.74 -6.63
N GLU A 111 -2.09 -20.60 -7.30
CA GLU A 111 -1.93 -20.52 -8.75
C GLU A 111 -1.99 -21.91 -9.38
N ALA A 112 -2.59 -22.01 -10.55
CA ALA A 112 -2.71 -23.29 -11.25
C ALA A 112 -1.95 -23.27 -12.57
N HIS A 113 -0.89 -24.06 -12.66
CA HIS A 113 -0.09 -24.13 -13.85
C HIS A 113 0.80 -25.36 -13.84
N ARG A 114 0.92 -26.03 -14.98
CA ARG A 114 1.73 -27.23 -15.09
C ARG A 114 2.70 -27.14 -16.27
N GLU A 115 3.29 -25.97 -16.45
CA GLU A 115 4.25 -25.75 -17.54
C GLU A 115 5.44 -26.68 -17.41
N GLN A 116 5.95 -26.82 -16.19
CA GLN A 116 7.10 -27.68 -15.94
C GLN A 116 6.65 -29.10 -15.64
N ILE A 117 7.17 -30.06 -16.42
CA ILE A 117 6.82 -31.46 -16.24
C ILE A 117 8.05 -32.30 -15.93
N GLY A 118 8.00 -33.05 -14.84
CA GLY A 118 9.11 -33.88 -14.45
C GLY A 118 8.84 -34.69 -13.19
N GLY A 119 9.83 -35.45 -12.75
CA GLY A 119 9.67 -36.26 -11.55
C GLY A 119 9.51 -37.73 -11.86
N MET A 1 -39.53 63.57 2.59
CA MET A 1 -38.79 63.72 3.86
C MET A 1 -38.27 62.37 4.36
N GLY A 2 -39.00 61.32 4.06
CA GLY A 2 -38.60 59.98 4.47
C GLY A 2 -37.26 59.58 3.89
N SER A 3 -37.05 59.91 2.62
CA SER A 3 -35.80 59.58 1.93
C SER A 3 -35.50 58.09 2.05
N SER A 4 -36.53 57.27 1.92
CA SER A 4 -36.36 55.82 2.01
C SER A 4 -35.43 55.31 0.92
N HIS A 5 -35.62 55.79 -0.29
CA HIS A 5 -34.79 55.39 -1.42
C HIS A 5 -34.76 53.86 -1.57
N HIS A 6 -35.93 53.24 -1.59
CA HIS A 6 -36.01 51.79 -1.74
C HIS A 6 -35.31 51.34 -3.01
N HIS A 7 -34.49 50.30 -2.91
CA HIS A 7 -33.77 49.77 -4.06
C HIS A 7 -33.33 48.33 -3.80
N HIS A 8 -33.41 47.51 -4.83
CA HIS A 8 -33.01 46.11 -4.73
C HIS A 8 -31.78 45.83 -5.58
N HIS A 9 -30.70 45.39 -4.93
CA HIS A 9 -29.46 45.08 -5.63
C HIS A 9 -28.75 43.90 -4.98
N HIS A 10 -28.51 42.85 -5.75
CA HIS A 10 -27.84 41.66 -5.25
C HIS A 10 -26.43 41.54 -5.81
N GLY A 11 -25.93 42.60 -6.43
CA GLY A 11 -24.59 42.57 -7.00
C GLY A 11 -23.52 42.33 -5.94
N SER A 12 -23.68 42.96 -4.79
CA SER A 12 -22.72 42.81 -3.70
C SER A 12 -22.67 41.37 -3.21
N GLY A 13 -21.48 40.88 -2.92
CA GLY A 13 -21.33 39.52 -2.45
C GLY A 13 -21.88 38.49 -3.43
N LEU A 14 -22.70 37.58 -2.94
CA LEU A 14 -23.29 36.55 -3.77
C LEU A 14 -22.23 35.65 -4.38
N VAL A 15 -22.60 34.40 -4.66
CA VAL A 15 -21.68 33.44 -5.24
C VAL A 15 -20.36 33.40 -4.48
N PRO A 16 -20.42 33.08 -3.18
CA PRO A 16 -19.23 33.00 -2.32
C PRO A 16 -18.35 31.80 -2.67
N ARG A 17 -17.05 31.94 -2.41
CA ARG A 17 -16.11 30.88 -2.68
C ARG A 17 -16.11 29.84 -1.56
N GLY A 18 -16.70 30.21 -0.43
CA GLY A 18 -16.75 29.30 0.69
C GLY A 18 -15.47 29.35 1.52
N SER A 19 -14.64 30.37 1.25
CA SER A 19 -13.39 30.52 1.98
C SER A 19 -12.54 29.26 1.86
N ALA A 20 -12.53 28.68 0.67
CA ALA A 20 -11.76 27.47 0.42
C ALA A 20 -10.26 27.71 0.62
N SER A 21 -9.58 26.72 1.17
CA SER A 21 -8.15 26.82 1.42
C SER A 21 -7.52 25.43 1.49
N MET A 22 -6.20 25.37 1.36
CA MET A 22 -5.48 24.11 1.41
C MET A 22 -4.50 24.08 2.58
N SER A 23 -4.48 22.94 3.28
CA SER A 23 -3.59 22.78 4.43
C SER A 23 -3.22 21.31 4.61
N ASP A 24 -1.97 21.07 5.00
CA ASP A 24 -1.49 19.70 5.21
C ASP A 24 -0.31 19.67 6.17
N SER A 25 0.18 18.48 6.45
CA SER A 25 1.31 18.31 7.36
C SER A 25 2.13 17.09 6.97
N GLU A 26 3.45 17.19 7.11
CA GLU A 26 4.34 16.09 6.77
C GLU A 26 4.63 15.23 7.99
N VAL A 27 4.21 13.97 7.93
CA VAL A 27 4.43 13.03 9.03
C VAL A 27 4.93 11.69 8.49
N ASN A 28 5.61 10.94 9.35
CA ASN A 28 6.14 9.64 8.96
C ASN A 28 6.47 8.78 10.17
N GLN A 29 6.84 7.54 9.92
CA GLN A 29 7.20 6.60 10.98
C GLN A 29 6.12 6.55 12.05
N GLU A 30 4.87 6.75 11.64
CA GLU A 30 3.74 6.72 12.57
C GLU A 30 3.58 5.33 13.18
N ALA A 31 3.72 4.30 12.35
CA ALA A 31 3.60 2.92 12.80
C ALA A 31 3.95 1.93 11.69
N LYS A 32 4.29 0.71 12.09
CA LYS A 32 4.65 -0.33 11.13
C LYS A 32 5.69 0.16 10.12
N PRO A 33 6.92 0.43 10.58
CA PRO A 33 8.01 0.91 9.71
C PRO A 33 8.24 -0.02 8.52
N GLU A 34 8.54 0.57 7.37
CA GLU A 34 8.78 -0.21 6.16
C GLU A 34 10.07 -1.03 6.28
N VAL A 35 10.04 -2.24 5.75
CA VAL A 35 11.20 -3.13 5.79
C VAL A 35 11.67 -3.48 4.39
N LYS A 36 12.95 -3.21 4.12
CA LYS A 36 13.53 -3.50 2.81
C LYS A 36 13.77 -4.99 2.63
N PRO A 37 13.88 -5.45 1.36
CA PRO A 37 14.11 -6.87 1.04
C PRO A 37 15.33 -7.47 1.73
N GLU A 38 16.39 -6.67 1.88
CA GLU A 38 17.62 -7.13 2.53
C GLU A 38 18.28 -8.22 1.69
N VAL A 39 17.80 -9.46 1.84
CA VAL A 39 18.36 -10.58 1.09
C VAL A 39 17.26 -11.42 0.46
N LYS A 40 17.62 -12.16 -0.60
CA LYS A 40 16.66 -13.02 -1.29
C LYS A 40 17.26 -14.40 -1.55
N PRO A 41 17.53 -15.16 -0.47
CA PRO A 41 18.11 -16.50 -0.56
C PRO A 41 17.13 -17.52 -1.12
N GLU A 42 17.68 -18.57 -1.74
CA GLU A 42 16.88 -19.63 -2.33
C GLU A 42 16.67 -20.78 -1.35
N THR A 43 17.05 -20.57 -0.09
CA THR A 43 16.89 -21.59 0.94
C THR A 43 15.43 -21.98 1.10
N HIS A 44 14.55 -20.99 1.14
CA HIS A 44 13.12 -21.25 1.30
C HIS A 44 12.39 -21.09 -0.02
N ILE A 45 11.86 -22.19 -0.52
CA ILE A 45 11.13 -22.20 -1.79
C ILE A 45 9.84 -22.99 -1.69
N ASN A 46 8.81 -22.51 -2.37
CA ASN A 46 7.52 -23.17 -2.37
C ASN A 46 6.90 -23.19 -3.76
N LEU A 47 6.07 -24.19 -4.02
CA LEU A 47 5.41 -24.33 -5.31
C LEU A 47 3.96 -24.77 -5.15
N LYS A 48 3.05 -24.10 -5.86
CA LYS A 48 1.63 -24.43 -5.78
C LYS A 48 1.14 -25.11 -7.06
N VAL A 49 0.68 -26.35 -6.92
CA VAL A 49 0.18 -27.11 -8.05
C VAL A 49 -1.20 -27.69 -7.76
N SER A 50 -2.15 -27.48 -8.68
CA SER A 50 -3.49 -27.99 -8.50
C SER A 50 -3.94 -28.83 -9.70
N ASP A 51 -4.82 -29.80 -9.43
CA ASP A 51 -5.33 -30.69 -10.47
C ASP A 51 -4.19 -31.37 -11.21
N GLY A 52 -3.12 -31.68 -10.50
CA GLY A 52 -1.99 -32.34 -11.09
C GLY A 52 -1.05 -31.37 -11.78
N SER A 53 -1.59 -30.58 -12.69
CA SER A 53 -0.79 -29.60 -13.43
C SER A 53 -1.68 -28.70 -14.29
N SER A 54 -2.93 -28.53 -13.88
CA SER A 54 -3.86 -27.68 -14.62
C SER A 54 -3.35 -26.24 -14.66
N GLU A 55 -2.88 -25.76 -13.52
CA GLU A 55 -2.37 -24.39 -13.41
C GLU A 55 -1.01 -24.39 -12.74
N ILE A 56 -0.18 -23.41 -13.10
CA ILE A 56 1.16 -23.30 -12.52
C ILE A 56 1.37 -21.94 -11.87
N PHE A 57 1.82 -21.96 -10.62
CA PHE A 57 2.07 -20.74 -9.87
C PHE A 57 3.44 -20.78 -9.22
N PHE A 58 4.02 -19.60 -8.99
CA PHE A 58 5.34 -19.52 -8.37
C PHE A 58 5.45 -18.28 -7.49
N LYS A 59 6.42 -18.31 -6.57
CA LYS A 59 6.64 -17.20 -5.67
C LYS A 59 7.29 -16.03 -6.39
N ILE A 60 6.85 -14.82 -6.06
CA ILE A 60 7.38 -13.61 -6.68
C ILE A 60 8.16 -12.80 -5.66
N LYS A 61 9.46 -12.62 -5.92
CA LYS A 61 10.32 -11.86 -5.02
C LYS A 61 10.11 -12.33 -3.59
N LYS A 62 9.87 -13.63 -3.44
CA LYS A 62 9.64 -14.21 -2.12
C LYS A 62 8.44 -13.53 -1.45
N THR A 63 8.47 -13.38 -0.13
CA THR A 63 7.37 -12.73 0.55
C THR A 63 7.49 -11.23 0.44
N THR A 64 6.54 -10.61 -0.27
CA THR A 64 6.54 -9.17 -0.45
C THR A 64 6.16 -8.45 0.85
N PRO A 65 6.95 -7.45 1.30
CA PRO A 65 6.66 -6.72 2.53
C PRO A 65 5.47 -5.77 2.38
N LEU A 66 4.87 -5.40 3.50
CA LEU A 66 3.72 -4.50 3.50
C LEU A 66 4.12 -3.07 3.14
N ARG A 67 5.43 -2.79 3.14
CA ARG A 67 5.91 -1.46 2.80
C ARG A 67 5.40 -1.03 1.42
N ARG A 68 5.06 -2.01 0.59
CA ARG A 68 4.56 -1.72 -0.75
C ARG A 68 3.30 -0.86 -0.64
N LEU A 69 2.41 -1.25 0.27
CA LEU A 69 1.17 -0.53 0.48
C LEU A 69 1.46 0.89 0.96
N MET A 70 2.43 1.02 1.87
CA MET A 70 2.81 2.31 2.42
C MET A 70 3.36 3.22 1.32
N GLU A 71 4.11 2.65 0.40
CA GLU A 71 4.70 3.42 -0.69
C GLU A 71 3.61 4.06 -1.54
N ALA A 72 2.52 3.34 -1.75
CA ALA A 72 1.41 3.86 -2.54
C ALA A 72 0.84 5.11 -1.88
N PHE A 73 0.75 5.08 -0.55
CA PHE A 73 0.22 6.21 0.21
C PHE A 73 1.19 7.39 0.17
N ALA A 74 2.49 7.09 0.13
CA ALA A 74 3.50 8.15 0.10
C ALA A 74 3.33 9.03 -1.13
N LYS A 75 3.14 8.41 -2.29
CA LYS A 75 2.96 9.16 -3.53
C LYS A 75 1.60 9.84 -3.57
N ARG A 76 0.63 9.28 -2.84
CA ARG A 76 -0.71 9.84 -2.79
C ARG A 76 -0.68 11.24 -2.20
N GLN A 77 0.12 11.42 -1.16
CA GLN A 77 0.26 12.72 -0.50
C GLN A 77 1.25 13.63 -1.22
N GLY A 78 1.88 13.10 -2.28
CA GLY A 78 2.84 13.89 -3.03
C GLY A 78 4.21 13.95 -2.36
N LYS A 79 4.45 13.03 -1.43
CA LYS A 79 5.72 12.99 -0.73
C LYS A 79 6.70 12.06 -1.43
N GLU A 80 7.99 12.42 -1.39
CA GLU A 80 9.02 11.61 -2.03
C GLU A 80 9.39 10.41 -1.16
N MET A 81 9.33 9.22 -1.75
CA MET A 81 9.67 8.00 -1.04
C MET A 81 11.13 8.00 -0.62
N ASP A 82 11.99 8.50 -1.50
CA ASP A 82 13.42 8.58 -1.23
C ASP A 82 13.71 9.48 -0.04
N SER A 83 12.83 10.46 0.18
CA SER A 83 12.99 11.40 1.28
C SER A 83 12.67 10.72 2.61
N LEU A 84 11.90 9.64 2.56
CA LEU A 84 11.52 8.91 3.77
C LEU A 84 12.42 7.68 3.97
N ARG A 85 13.08 7.63 5.12
CA ARG A 85 13.97 6.52 5.44
C ARG A 85 13.73 6.02 6.87
N PHE A 86 13.69 4.70 7.03
CA PHE A 86 13.46 4.11 8.34
C PHE A 86 14.77 3.58 8.93
N LEU A 87 15.23 4.21 10.01
CA LEU A 87 16.46 3.80 10.68
C LEU A 87 16.23 3.56 12.17
N TYR A 88 16.91 2.56 12.72
CA TYR A 88 16.76 2.24 14.14
C TYR A 88 18.11 2.34 14.85
N ASP A 89 18.25 3.36 15.70
CA ASP A 89 19.48 3.57 16.44
C ASP A 89 20.69 3.57 15.52
N GLY A 90 20.53 4.13 14.32
CA GLY A 90 21.62 4.17 13.37
C GLY A 90 21.96 2.81 12.80
N ILE A 91 21.00 1.89 12.87
CA ILE A 91 21.18 0.54 12.36
C ILE A 91 20.16 0.21 11.27
N ARG A 92 20.65 -0.31 10.15
CA ARG A 92 19.78 -0.67 9.04
C ARG A 92 18.63 -1.55 9.52
N ILE A 93 17.52 -1.54 8.78
CA ILE A 93 16.35 -2.33 9.12
C ILE A 93 16.53 -3.79 8.71
N GLN A 94 16.40 -4.69 9.68
CA GLN A 94 16.54 -6.11 9.43
C GLN A 94 15.23 -6.75 9.00
N ALA A 95 15.36 -7.89 8.34
CA ALA A 95 14.20 -8.63 7.86
C ALA A 95 13.49 -9.39 8.98
N ASP A 96 14.12 -9.44 10.16
CA ASP A 96 13.55 -10.14 11.31
C ASP A 96 12.21 -9.52 11.71
N GLN A 97 12.03 -8.24 11.37
CA GLN A 97 10.79 -7.55 11.70
C GLN A 97 9.60 -8.19 11.00
N THR A 98 9.80 -8.60 9.76
CA THR A 98 8.74 -9.22 8.97
C THR A 98 8.37 -10.59 9.56
N PRO A 99 7.13 -11.07 9.31
CA PRO A 99 6.68 -12.36 9.82
C PRO A 99 7.35 -13.54 9.12
N GLU A 100 8.62 -13.77 9.43
CA GLU A 100 9.38 -14.85 8.84
C GLU A 100 9.17 -16.17 9.62
N ASP A 101 8.39 -16.11 10.70
CA ASP A 101 8.14 -17.29 11.52
C ASP A 101 7.10 -18.21 10.86
N LEU A 102 6.56 -17.79 9.71
CA LEU A 102 5.56 -18.59 9.00
C LEU A 102 6.21 -19.83 8.38
N ASP A 103 7.52 -19.78 8.17
CA ASP A 103 8.23 -20.91 7.58
C ASP A 103 7.58 -21.36 6.29
N MET A 104 7.26 -20.41 5.42
CA MET A 104 6.63 -20.72 4.15
C MET A 104 7.44 -21.76 3.37
N GLU A 105 6.76 -22.81 2.93
CA GLU A 105 7.40 -23.89 2.18
C GLU A 105 6.47 -24.40 1.09
N ASP A 106 6.91 -25.43 0.37
CA ASP A 106 6.11 -26.00 -0.70
C ASP A 106 4.98 -26.83 -0.11
N ASN A 107 3.79 -26.26 -0.08
CA ASN A 107 2.62 -26.92 0.45
C ASN A 107 1.38 -26.06 0.24
N ASP A 108 0.33 -26.34 0.99
CA ASP A 108 -0.92 -25.58 0.88
C ASP A 108 -1.44 -25.60 -0.55
N ILE A 109 -1.63 -26.80 -1.09
CA ILE A 109 -2.11 -26.96 -2.45
C ILE A 109 -3.44 -27.70 -2.48
N ILE A 110 -4.20 -27.52 -3.57
CA ILE A 110 -5.49 -28.18 -3.73
C ILE A 110 -5.49 -29.09 -4.94
N GLU A 111 -5.87 -30.35 -4.73
CA GLU A 111 -5.92 -31.33 -5.81
C GLU A 111 -7.35 -31.78 -6.07
N ALA A 112 -7.69 -31.95 -7.35
CA ALA A 112 -9.03 -32.37 -7.73
C ALA A 112 -9.01 -33.15 -9.04
N HIS A 113 -10.02 -33.98 -9.25
CA HIS A 113 -10.12 -34.79 -10.44
C HIS A 113 -11.05 -34.13 -11.46
N ARG A 114 -10.52 -33.84 -12.64
CA ARG A 114 -11.30 -33.21 -13.69
C ARG A 114 -12.44 -34.12 -14.14
N GLU A 115 -13.64 -33.56 -14.24
CA GLU A 115 -14.82 -34.31 -14.65
C GLU A 115 -14.65 -34.86 -16.07
N GLN A 116 -14.11 -34.02 -16.96
CA GLN A 116 -13.90 -34.42 -18.33
C GLN A 116 -12.80 -35.47 -18.44
N ILE A 117 -12.95 -36.40 -19.38
CA ILE A 117 -11.98 -37.46 -19.58
C ILE A 117 -11.58 -37.57 -21.05
N GLY A 118 -10.43 -38.19 -21.30
CA GLY A 118 -9.95 -38.34 -22.66
C GLY A 118 -10.90 -39.15 -23.51
N GLY A 119 -11.46 -40.21 -22.94
CA GLY A 119 -12.38 -41.06 -23.67
C GLY A 119 -13.62 -40.30 -24.13
N MET A 1 -32.22 90.22 13.54
CA MET A 1 -33.52 90.36 12.83
C MET A 1 -33.53 89.52 11.57
N GLY A 2 -34.18 88.36 11.64
CA GLY A 2 -34.26 87.48 10.49
C GLY A 2 -35.04 86.21 10.79
N SER A 3 -35.14 85.33 9.79
CA SER A 3 -35.86 84.08 9.94
C SER A 3 -35.28 83.00 9.04
N SER A 4 -35.29 81.76 9.52
CA SER A 4 -34.76 80.64 8.75
C SER A 4 -35.43 79.34 9.18
N HIS A 5 -35.31 78.31 8.34
CA HIS A 5 -35.90 77.01 8.64
C HIS A 5 -34.90 75.89 8.36
N HIS A 6 -34.95 74.84 9.18
CA HIS A 6 -34.06 73.70 9.02
C HIS A 6 -34.66 72.44 9.64
N HIS A 7 -34.10 71.29 9.28
CA HIS A 7 -34.59 70.02 9.81
C HIS A 7 -33.43 69.14 10.28
N HIS A 8 -33.67 68.35 11.31
CA HIS A 8 -32.65 67.47 11.85
C HIS A 8 -32.42 66.28 10.94
N HIS A 9 -31.19 65.79 10.90
CA HIS A 9 -30.83 64.65 10.06
C HIS A 9 -30.04 63.62 10.84
N HIS A 10 -30.26 62.35 10.53
CA HIS A 10 -29.56 61.25 11.20
C HIS A 10 -28.85 60.35 10.19
N GLY A 11 -27.55 60.17 10.40
CA GLY A 11 -26.77 59.33 9.49
C GLY A 11 -26.59 57.93 10.03
N SER A 12 -26.68 56.94 9.15
CA SER A 12 -26.51 55.54 9.53
C SER A 12 -26.11 54.70 8.33
N GLY A 13 -25.60 53.50 8.61
CA GLY A 13 -25.19 52.61 7.55
C GLY A 13 -26.36 52.05 6.77
N LEU A 14 -26.12 51.64 5.53
CA LEU A 14 -27.17 51.09 4.68
C LEU A 14 -27.72 49.80 5.28
N VAL A 15 -26.83 48.99 5.82
CA VAL A 15 -27.23 47.72 6.43
C VAL A 15 -26.01 46.94 6.91
N PRO A 16 -26.15 46.12 7.97
CA PRO A 16 -25.04 45.33 8.51
C PRO A 16 -24.63 44.20 7.57
N ARG A 17 -23.36 43.81 7.64
CA ARG A 17 -22.85 42.75 6.80
C ARG A 17 -22.97 41.39 7.48
N GLY A 18 -23.50 41.36 8.70
CA GLY A 18 -23.66 40.11 9.41
C GLY A 18 -22.36 39.63 10.04
N SER A 19 -21.37 40.51 10.11
CA SER A 19 -20.07 40.16 10.68
C SER A 19 -20.21 39.83 12.17
N ALA A 20 -19.42 38.87 12.63
CA ALA A 20 -19.45 38.46 14.03
C ALA A 20 -18.10 37.91 14.47
N SER A 21 -17.82 38.03 15.76
CA SER A 21 -16.56 37.55 16.31
C SER A 21 -16.70 37.23 17.80
N MET A 22 -15.76 36.45 18.33
CA MET A 22 -15.77 36.08 19.73
C MET A 22 -14.36 35.72 20.22
N SER A 23 -14.18 35.72 21.53
CA SER A 23 -12.89 35.39 22.11
C SER A 23 -12.49 33.96 21.79
N ASP A 24 -11.21 33.75 21.48
CA ASP A 24 -10.70 32.42 21.15
C ASP A 24 -10.23 31.70 22.41
N SER A 25 -11.03 30.72 22.85
CA SER A 25 -10.69 29.95 24.04
C SER A 25 -9.51 29.02 23.77
N GLU A 26 -8.86 28.57 24.85
CA GLU A 26 -7.72 27.68 24.73
C GLU A 26 -8.15 26.30 24.26
N VAL A 27 -7.31 25.67 23.43
CA VAL A 27 -7.61 24.34 22.91
C VAL A 27 -6.42 23.40 23.09
N ASN A 28 -6.70 22.09 23.05
CA ASN A 28 -5.66 21.09 23.20
C ASN A 28 -6.09 19.77 22.58
N GLN A 29 -5.19 18.79 22.58
CA GLN A 29 -5.49 17.48 22.01
C GLN A 29 -5.13 16.37 22.99
N GLU A 30 -5.93 15.30 22.97
CA GLU A 30 -5.72 14.16 23.86
C GLU A 30 -5.88 12.85 23.09
N ALA A 31 -5.16 11.83 23.53
CA ALA A 31 -5.22 10.52 22.87
C ALA A 31 -4.68 10.58 21.45
N LYS A 32 -3.36 10.62 21.33
CA LYS A 32 -2.71 10.68 20.02
C LYS A 32 -1.58 9.64 19.90
N PRO A 33 -1.95 8.35 19.77
CA PRO A 33 -0.97 7.26 19.65
C PRO A 33 -0.06 7.44 18.45
N GLU A 34 1.20 7.04 18.61
CA GLU A 34 2.19 7.15 17.54
C GLU A 34 1.77 6.33 16.33
N VAL A 35 1.24 5.14 16.59
CA VAL A 35 0.80 4.25 15.53
C VAL A 35 -0.63 3.76 15.77
N LYS A 36 -1.28 3.31 14.70
CA LYS A 36 -2.66 2.82 14.80
C LYS A 36 -2.71 1.32 14.55
N PRO A 37 -3.75 0.63 15.08
CA PRO A 37 -3.91 -0.82 14.90
C PRO A 37 -3.99 -1.22 13.43
N GLU A 38 -3.47 -2.41 13.12
CA GLU A 38 -3.48 -2.91 11.76
C GLU A 38 -2.69 -2.01 10.81
N VAL A 39 -1.45 -1.73 11.17
CA VAL A 39 -0.59 -0.88 10.35
C VAL A 39 0.78 -1.51 10.14
N LYS A 40 1.32 -1.37 8.95
CA LYS A 40 2.64 -1.94 8.64
C LYS A 40 3.54 -0.89 7.99
N PRO A 41 4.87 -1.02 8.16
CA PRO A 41 5.84 -0.08 7.58
C PRO A 41 5.95 -0.19 6.07
N GLU A 42 6.31 0.91 5.42
CA GLU A 42 6.45 0.94 3.97
C GLU A 42 7.87 0.57 3.53
N THR A 43 8.75 0.31 4.50
CA THR A 43 10.13 -0.06 4.19
C THR A 43 10.17 -1.33 3.37
N HIS A 44 9.38 -2.32 3.79
CA HIS A 44 9.32 -3.60 3.09
C HIS A 44 7.88 -3.94 2.76
N ILE A 45 7.67 -4.46 1.55
CA ILE A 45 6.33 -4.83 1.12
C ILE A 45 6.38 -5.95 0.09
N ASN A 46 5.44 -6.88 0.18
CA ASN A 46 5.39 -7.99 -0.75
C ASN A 46 3.95 -8.33 -1.13
N LEU A 47 3.59 -8.07 -2.37
CA LEU A 47 2.24 -8.35 -2.86
C LEU A 47 2.25 -9.46 -3.90
N LYS A 48 1.34 -10.41 -3.72
CA LYS A 48 1.23 -11.54 -4.65
C LYS A 48 -0.15 -11.57 -5.30
N VAL A 49 -0.21 -12.11 -6.51
CA VAL A 49 -1.47 -12.20 -7.24
C VAL A 49 -1.89 -13.65 -7.44
N SER A 50 -3.14 -13.96 -7.09
CA SER A 50 -3.64 -15.32 -7.23
C SER A 50 -4.53 -15.46 -8.47
N ASP A 51 -4.13 -16.37 -9.35
CA ASP A 51 -4.87 -16.65 -10.59
C ASP A 51 -5.00 -15.40 -11.48
N GLY A 52 -4.26 -14.34 -11.16
CA GLY A 52 -4.33 -13.14 -11.96
C GLY A 52 -5.66 -12.42 -11.83
N SER A 53 -6.49 -12.83 -10.88
CA SER A 53 -7.79 -12.20 -10.67
C SER A 53 -8.08 -11.92 -9.20
N SER A 54 -7.07 -12.05 -8.35
CA SER A 54 -7.25 -11.81 -6.92
C SER A 54 -5.98 -11.27 -6.29
N GLU A 55 -6.14 -10.39 -5.30
CA GLU A 55 -5.00 -9.79 -4.62
C GLU A 55 -4.77 -10.47 -3.27
N ILE A 56 -3.51 -10.82 -3.00
CA ILE A 56 -3.14 -11.49 -1.77
C ILE A 56 -1.73 -11.10 -1.34
N PHE A 57 -1.53 -10.89 -0.04
CA PHE A 57 -0.21 -10.52 0.45
C PHE A 57 0.13 -11.28 1.74
N PHE A 58 1.38 -11.75 1.82
CA PHE A 58 1.85 -12.49 2.99
C PHE A 58 3.37 -12.40 3.13
N LYS A 59 3.86 -12.75 4.30
CA LYS A 59 5.30 -12.72 4.57
C LYS A 59 5.81 -14.11 4.90
N ILE A 60 7.00 -14.43 4.41
CA ILE A 60 7.60 -15.74 4.65
C ILE A 60 8.90 -15.58 5.44
N LYS A 61 9.11 -16.45 6.42
CA LYS A 61 10.30 -16.40 7.24
C LYS A 61 11.52 -16.53 6.34
N LYS A 62 11.41 -17.40 5.34
CA LYS A 62 12.48 -17.63 4.40
C LYS A 62 11.97 -17.44 2.97
N THR A 63 12.79 -16.81 2.13
CA THR A 63 12.40 -16.58 0.75
C THR A 63 12.41 -17.88 -0.03
N THR A 64 11.30 -18.18 -0.70
CA THR A 64 11.19 -19.39 -1.49
C THR A 64 12.17 -19.36 -2.67
N PRO A 65 13.00 -20.42 -2.85
CA PRO A 65 13.97 -20.46 -3.96
C PRO A 65 13.34 -20.30 -5.34
N LEU A 66 13.99 -19.51 -6.18
CA LEU A 66 13.53 -19.25 -7.54
C LEU A 66 13.59 -20.52 -8.38
N ARG A 67 14.63 -21.31 -8.15
CA ARG A 67 14.84 -22.55 -8.89
C ARG A 67 13.67 -23.52 -8.72
N ARG A 68 13.11 -23.59 -7.52
CA ARG A 68 11.98 -24.49 -7.28
C ARG A 68 10.81 -24.14 -8.19
N LEU A 69 10.55 -22.85 -8.35
CA LEU A 69 9.46 -22.39 -9.20
C LEU A 69 9.71 -22.79 -10.65
N MET A 70 10.97 -22.66 -11.07
CA MET A 70 11.36 -23.01 -12.43
C MET A 70 11.17 -24.49 -12.69
N GLU A 71 11.48 -25.31 -11.69
CA GLU A 71 11.34 -26.76 -11.81
C GLU A 71 9.89 -27.12 -12.09
N ALA A 72 8.97 -26.42 -11.45
CA ALA A 72 7.54 -26.67 -11.64
C ALA A 72 7.15 -26.46 -13.09
N PHE A 73 7.72 -25.44 -13.71
CA PHE A 73 7.44 -25.13 -15.10
C PHE A 73 7.94 -26.24 -16.02
N ALA A 74 8.99 -26.94 -15.57
CA ALA A 74 9.57 -28.02 -16.34
C ALA A 74 8.53 -29.11 -16.60
N LYS A 75 7.72 -29.40 -15.59
CA LYS A 75 6.69 -30.42 -15.72
C LYS A 75 5.68 -30.03 -16.80
N ARG A 76 5.36 -28.75 -16.84
CA ARG A 76 4.41 -28.24 -17.83
C ARG A 76 4.96 -28.48 -19.24
N GLN A 77 6.26 -28.29 -19.39
CA GLN A 77 6.92 -28.49 -20.68
C GLN A 77 7.16 -29.97 -20.96
N GLY A 78 6.85 -30.83 -19.98
CA GLY A 78 7.05 -32.25 -20.17
C GLY A 78 8.52 -32.65 -20.13
N LYS A 79 9.32 -31.87 -19.40
CA LYS A 79 10.75 -32.15 -19.29
C LYS A 79 11.14 -32.38 -17.83
N GLU A 80 12.08 -33.31 -17.63
CA GLU A 80 12.55 -33.63 -16.29
C GLU A 80 13.54 -32.58 -15.79
N MET A 81 13.51 -32.31 -14.49
CA MET A 81 14.40 -31.32 -13.89
C MET A 81 15.85 -31.76 -14.03
N ASP A 82 16.06 -33.08 -14.01
CA ASP A 82 17.39 -33.65 -14.13
C ASP A 82 18.00 -33.32 -15.49
N SER A 83 17.15 -33.18 -16.50
CA SER A 83 17.60 -32.86 -17.85
C SER A 83 18.06 -31.41 -17.94
N LEU A 84 17.52 -30.56 -17.07
CA LEU A 84 17.87 -29.15 -17.07
C LEU A 84 18.78 -28.81 -15.89
N ARG A 85 19.98 -28.33 -16.19
CA ARG A 85 20.95 -27.97 -15.17
C ARG A 85 21.60 -26.63 -15.48
N PHE A 86 21.99 -25.90 -14.43
CA PHE A 86 22.63 -24.60 -14.60
C PHE A 86 24.07 -24.63 -14.10
N LEU A 87 25.00 -24.32 -15.00
CA LEU A 87 26.41 -24.31 -14.66
C LEU A 87 27.03 -22.95 -14.95
N TYR A 88 27.94 -22.51 -14.07
CA TYR A 88 28.60 -21.22 -14.23
C TYR A 88 30.11 -21.36 -14.11
N ASP A 89 30.82 -20.96 -15.15
CA ASP A 89 32.27 -21.04 -15.16
C ASP A 89 32.76 -22.45 -14.82
N GLY A 90 31.94 -23.45 -15.16
CA GLY A 90 32.31 -24.82 -14.89
C GLY A 90 32.27 -25.19 -13.41
N ILE A 91 31.47 -24.47 -12.63
CA ILE A 91 31.37 -24.74 -11.20
C ILE A 91 29.93 -25.09 -10.81
N ARG A 92 29.79 -25.97 -9.82
CA ARG A 92 28.48 -26.39 -9.36
C ARG A 92 27.75 -25.23 -8.67
N ILE A 93 26.44 -25.17 -8.87
CA ILE A 93 25.63 -24.11 -8.27
C ILE A 93 24.61 -24.68 -7.30
N GLN A 94 24.64 -24.20 -6.06
CA GLN A 94 23.72 -24.67 -5.04
C GLN A 94 22.39 -23.93 -5.08
N ALA A 95 21.34 -24.63 -4.69
CA ALA A 95 20.00 -24.06 -4.67
C ALA A 95 19.83 -23.06 -3.54
N ASP A 96 20.69 -23.13 -2.54
CA ASP A 96 20.64 -22.23 -1.40
C ASP A 96 20.87 -20.78 -1.82
N GLN A 97 21.51 -20.57 -2.96
CA GLN A 97 21.79 -19.22 -3.45
C GLN A 97 20.49 -18.52 -3.84
N THR A 98 20.39 -17.23 -3.53
CA THR A 98 19.21 -16.46 -3.85
C THR A 98 19.49 -15.51 -5.03
N PRO A 99 18.92 -15.78 -6.23
CA PRO A 99 19.13 -14.93 -7.41
C PRO A 99 18.69 -13.48 -7.18
N GLU A 100 19.48 -12.55 -7.70
CA GLU A 100 19.18 -11.13 -7.56
C GLU A 100 17.95 -10.74 -8.37
N ASP A 101 17.50 -11.63 -9.25
CA ASP A 101 16.33 -11.37 -10.09
C ASP A 101 15.10 -11.10 -9.25
N LEU A 102 14.90 -11.89 -8.20
CA LEU A 102 13.74 -11.71 -7.32
C LEU A 102 13.88 -10.45 -6.48
N ASP A 103 15.11 -10.00 -6.28
CA ASP A 103 15.38 -8.79 -5.49
C ASP A 103 14.63 -8.85 -4.16
N MET A 104 14.76 -9.97 -3.45
CA MET A 104 14.09 -10.13 -2.17
C MET A 104 12.57 -10.17 -2.35
N GLU A 105 11.83 -10.02 -1.27
CA GLU A 105 10.37 -10.04 -1.34
C GLU A 105 9.84 -8.74 -1.96
N ASP A 106 8.83 -8.86 -2.80
CA ASP A 106 8.24 -7.70 -3.45
C ASP A 106 7.07 -8.10 -4.35
N ASN A 107 7.39 -8.49 -5.58
CA ASN A 107 6.36 -8.91 -6.53
C ASN A 107 6.53 -10.37 -6.91
N ASP A 108 5.41 -11.09 -6.97
CA ASP A 108 5.42 -12.50 -7.33
C ASP A 108 4.03 -12.95 -7.78
N ILE A 109 3.94 -14.18 -8.30
CA ILE A 109 2.67 -14.71 -8.77
C ILE A 109 2.39 -16.08 -8.16
N ILE A 110 1.14 -16.28 -7.73
CA ILE A 110 0.74 -17.55 -7.12
C ILE A 110 -0.37 -18.21 -7.93
N GLU A 111 -0.16 -19.46 -8.30
CA GLU A 111 -1.14 -20.22 -9.08
C GLU A 111 -2.22 -20.79 -8.17
N ALA A 112 -3.49 -20.57 -8.55
CA ALA A 112 -4.60 -21.08 -7.76
C ALA A 112 -5.12 -22.40 -8.32
N HIS A 113 -5.36 -23.35 -7.41
CA HIS A 113 -5.85 -24.66 -7.81
C HIS A 113 -6.56 -25.33 -6.64
N ARG A 114 -7.71 -25.94 -6.92
CA ARG A 114 -8.48 -26.62 -5.88
C ARG A 114 -9.26 -27.80 -6.45
N GLU A 115 -9.26 -28.92 -5.72
CA GLU A 115 -9.96 -30.12 -6.15
C GLU A 115 -10.87 -30.64 -5.04
N GLN A 116 -12.03 -31.16 -5.43
CA GLN A 116 -12.99 -31.68 -4.48
C GLN A 116 -12.75 -33.17 -4.21
N ILE A 117 -12.96 -33.59 -2.96
CA ILE A 117 -12.76 -34.99 -2.58
C ILE A 117 -14.06 -35.60 -2.09
N GLY A 118 -14.44 -36.73 -2.69
CA GLY A 118 -15.66 -37.41 -2.29
C GLY A 118 -15.52 -38.11 -0.96
N GLY A 119 -16.65 -38.52 -0.38
CA GLY A 119 -16.64 -39.20 0.89
C GLY A 119 -17.77 -38.78 1.80
N MET A 1 -37.99 33.17 19.21
CA MET A 1 -38.23 33.13 20.67
C MET A 1 -37.09 32.42 21.39
N GLY A 2 -36.69 31.27 20.86
CA GLY A 2 -35.61 30.51 21.46
C GLY A 2 -34.24 31.06 21.10
N SER A 3 -33.20 30.49 21.71
CA SER A 3 -31.84 30.92 21.45
C SER A 3 -31.46 30.70 19.99
N SER A 4 -30.73 31.66 19.43
CA SER A 4 -30.30 31.57 18.03
C SER A 4 -29.28 30.44 17.85
N HIS A 5 -29.31 29.81 16.69
CA HIS A 5 -28.38 28.73 16.39
C HIS A 5 -26.97 29.26 16.17
N HIS A 6 -25.97 28.47 16.56
CA HIS A 6 -24.57 28.86 16.40
C HIS A 6 -23.75 27.71 15.83
N HIS A 7 -22.68 28.05 15.11
CA HIS A 7 -21.81 27.04 14.51
C HIS A 7 -20.40 27.59 14.32
N HIS A 8 -19.45 26.69 14.10
CA HIS A 8 -18.05 27.09 13.91
C HIS A 8 -17.44 26.35 12.72
N HIS A 9 -16.43 26.95 12.11
CA HIS A 9 -15.75 26.36 10.96
C HIS A 9 -14.25 26.26 11.21
N HIS A 10 -13.61 25.36 10.49
CA HIS A 10 -12.18 25.16 10.62
C HIS A 10 -11.57 24.77 9.28
N GLY A 11 -10.30 25.10 9.13
CA GLY A 11 -9.59 24.78 7.89
C GLY A 11 -9.08 23.34 7.87
N SER A 12 -8.45 22.97 6.75
CA SER A 12 -7.92 21.62 6.60
C SER A 12 -6.80 21.61 5.56
N GLY A 13 -6.00 20.53 5.57
CA GLY A 13 -4.90 20.42 4.64
C GLY A 13 -5.37 19.99 3.25
N LEU A 14 -5.73 20.96 2.42
CA LEU A 14 -6.19 20.68 1.07
C LEU A 14 -5.10 20.02 0.25
N VAL A 15 -3.87 20.49 0.40
CA VAL A 15 -2.74 19.96 -0.33
C VAL A 15 -1.43 20.21 0.43
N PRO A 16 -0.57 19.19 0.61
CA PRO A 16 0.71 19.35 1.32
C PRO A 16 1.71 20.17 0.52
N ARG A 17 2.63 20.82 1.23
CA ARG A 17 3.63 21.65 0.59
C ARG A 17 4.95 21.55 1.34
N GLY A 18 6.01 21.21 0.61
CA GLY A 18 7.32 21.09 1.22
C GLY A 18 7.57 19.71 1.81
N SER A 19 6.52 18.87 1.84
CA SER A 19 6.65 17.52 2.37
C SER A 19 7.61 16.69 1.54
N ALA A 20 8.44 15.90 2.21
CA ALA A 20 9.42 15.05 1.53
C ALA A 20 9.71 13.79 2.33
N SER A 21 10.08 12.73 1.65
CA SER A 21 10.39 11.46 2.29
C SER A 21 11.56 11.62 3.27
N MET A 22 12.60 12.34 2.83
CA MET A 22 13.77 12.56 3.67
C MET A 22 14.31 11.25 4.20
N SER A 23 14.28 10.22 3.37
CA SER A 23 14.78 8.90 3.77
C SER A 23 15.80 8.39 2.76
N ASP A 24 16.78 7.64 3.25
CA ASP A 24 17.82 7.07 2.38
C ASP A 24 17.22 6.08 1.38
N SER A 25 17.78 6.05 0.18
CA SER A 25 17.29 5.15 -0.86
C SER A 25 18.03 3.81 -0.79
N GLU A 26 17.26 2.74 -0.62
CA GLU A 26 17.83 1.39 -0.55
C GLU A 26 18.31 0.93 -1.91
N VAL A 27 19.38 0.14 -1.92
CA VAL A 27 19.95 -0.38 -3.16
C VAL A 27 19.90 -1.90 -3.19
N ASN A 28 19.29 -2.44 -4.24
CA ASN A 28 19.17 -3.88 -4.40
C ASN A 28 20.36 -4.45 -5.15
N GLN A 29 21.22 -5.19 -4.44
CA GLN A 29 22.40 -5.78 -5.05
C GLN A 29 22.00 -6.84 -6.08
N GLU A 30 22.61 -6.78 -7.26
CA GLU A 30 22.32 -7.73 -8.32
C GLU A 30 23.50 -8.65 -8.57
N ALA A 31 23.22 -9.93 -8.76
CA ALA A 31 24.27 -10.92 -9.02
C ALA A 31 25.08 -11.20 -7.76
N LYS A 32 26.28 -11.74 -7.95
CA LYS A 32 27.17 -12.07 -6.84
C LYS A 32 26.43 -12.88 -5.78
N PRO A 33 25.89 -14.05 -6.16
CA PRO A 33 25.16 -14.93 -5.24
C PRO A 33 26.09 -15.60 -4.23
N GLU A 34 25.56 -15.91 -3.04
CA GLU A 34 26.36 -16.54 -2.00
C GLU A 34 26.22 -18.06 -2.04
N VAL A 35 24.98 -18.54 -1.99
CA VAL A 35 24.73 -19.99 -2.01
C VAL A 35 23.27 -20.29 -2.33
N LYS A 36 23.03 -21.42 -3.00
CA LYS A 36 21.67 -21.84 -3.36
C LYS A 36 21.43 -23.29 -2.97
N PRO A 37 21.22 -23.55 -1.67
CA PRO A 37 20.97 -24.90 -1.15
C PRO A 37 19.74 -25.55 -1.79
N GLU A 38 19.82 -26.86 -2.01
CA GLU A 38 18.71 -27.59 -2.62
C GLU A 38 17.47 -27.54 -1.72
N VAL A 39 17.69 -27.64 -0.41
CA VAL A 39 16.61 -27.60 0.55
C VAL A 39 16.01 -26.20 0.67
N LYS A 40 14.69 -26.12 0.62
CA LYS A 40 14.01 -24.83 0.71
C LYS A 40 13.04 -24.81 1.90
N PRO A 41 13.53 -24.43 3.09
CA PRO A 41 12.70 -24.36 4.31
C PRO A 41 11.51 -23.44 4.15
N GLU A 42 10.39 -23.81 4.77
CA GLU A 42 9.18 -23.00 4.69
C GLU A 42 8.73 -22.84 3.23
N THR A 43 8.07 -23.87 2.71
CA THR A 43 7.57 -23.84 1.34
C THR A 43 6.62 -22.67 1.14
N HIS A 44 5.68 -22.52 2.07
CA HIS A 44 4.71 -21.45 1.99
C HIS A 44 4.59 -20.74 3.34
N ILE A 45 4.98 -19.48 3.36
CA ILE A 45 4.92 -18.66 4.57
C ILE A 45 5.00 -17.18 4.21
N ASN A 46 4.69 -16.31 5.17
CA ASN A 46 4.73 -14.87 4.93
C ASN A 46 6.13 -14.32 5.14
N LEU A 47 6.45 -13.26 4.41
CA LEU A 47 7.74 -12.61 4.50
C LEU A 47 7.61 -11.25 5.18
N LYS A 48 8.63 -10.85 5.93
CA LYS A 48 8.59 -9.57 6.63
C LYS A 48 9.31 -8.49 5.85
N VAL A 49 8.61 -7.39 5.60
CA VAL A 49 9.17 -6.27 4.85
C VAL A 49 8.97 -4.96 5.61
N SER A 50 10.05 -4.20 5.78
CA SER A 50 9.98 -2.93 6.49
C SER A 50 10.82 -1.87 5.79
N ASP A 51 10.18 -0.77 5.41
CA ASP A 51 10.87 0.32 4.73
C ASP A 51 11.91 0.95 5.64
N GLY A 52 11.57 1.09 6.92
CA GLY A 52 12.49 1.68 7.87
C GLY A 52 13.78 0.91 8.02
N SER A 53 13.70 -0.42 8.05
CA SER A 53 14.89 -1.25 8.19
C SER A 53 15.45 -1.67 6.84
N SER A 54 14.75 -2.61 6.19
CA SER A 54 15.18 -3.09 4.89
C SER A 54 14.01 -3.69 4.11
N GLU A 55 14.05 -3.54 2.79
CA GLU A 55 13.00 -4.06 1.93
C GLU A 55 13.43 -5.37 1.29
N ILE A 56 12.49 -6.30 1.14
CA ILE A 56 12.78 -7.59 0.54
C ILE A 56 11.69 -8.04 -0.41
N PHE A 57 12.06 -8.88 -1.37
CA PHE A 57 11.13 -9.39 -2.37
C PHE A 57 10.33 -10.56 -1.83
N PHE A 58 9.07 -10.65 -2.23
CA PHE A 58 8.21 -11.73 -1.77
C PHE A 58 7.37 -12.29 -2.92
N LYS A 59 7.41 -13.61 -3.08
CA LYS A 59 6.65 -14.27 -4.13
C LYS A 59 5.17 -14.34 -3.78
N ILE A 60 4.33 -14.42 -4.80
CA ILE A 60 2.88 -14.49 -4.60
C ILE A 60 2.26 -15.63 -5.40
N LYS A 61 1.12 -16.10 -4.95
CA LYS A 61 0.41 -17.18 -5.61
C LYS A 61 -0.74 -16.63 -6.45
N LYS A 62 -0.38 -15.92 -7.52
CA LYS A 62 -1.37 -15.33 -8.41
C LYS A 62 -2.29 -14.40 -7.63
N THR A 63 -1.83 -13.92 -6.49
CA THR A 63 -2.63 -13.03 -5.67
C THR A 63 -2.24 -11.57 -5.94
N THR A 64 -3.20 -10.82 -6.45
CA THR A 64 -2.98 -9.41 -6.74
C THR A 64 -4.12 -8.54 -6.21
N PRO A 65 -3.83 -7.29 -5.78
CA PRO A 65 -4.86 -6.39 -5.25
C PRO A 65 -6.00 -6.15 -6.23
N LEU A 66 -7.20 -5.92 -5.68
CA LEU A 66 -8.39 -5.68 -6.48
C LEU A 66 -8.20 -4.46 -7.37
N ARG A 67 -7.56 -3.42 -6.83
CA ARG A 67 -7.31 -2.20 -7.57
C ARG A 67 -6.51 -2.49 -8.83
N ARG A 68 -5.51 -3.36 -8.71
CA ARG A 68 -4.67 -3.72 -9.84
C ARG A 68 -5.50 -4.34 -10.95
N LEU A 69 -6.44 -5.21 -10.58
CA LEU A 69 -7.31 -5.87 -11.55
C LEU A 69 -8.18 -4.84 -12.27
N MET A 70 -8.69 -3.88 -11.50
CA MET A 70 -9.54 -2.83 -12.05
C MET A 70 -8.78 -1.99 -13.08
N GLU A 71 -7.57 -1.59 -12.72
CA GLU A 71 -6.73 -0.78 -13.59
C GLU A 71 -6.41 -1.52 -14.89
N ALA A 72 -6.05 -2.79 -14.76
CA ALA A 72 -5.73 -3.61 -15.93
C ALA A 72 -6.92 -3.76 -16.84
N PHE A 73 -8.09 -3.94 -16.24
CA PHE A 73 -9.33 -4.08 -16.98
C PHE A 73 -9.61 -2.85 -17.84
N ALA A 74 -9.47 -1.68 -17.24
CA ALA A 74 -9.72 -0.42 -17.94
C ALA A 74 -8.79 -0.23 -19.14
N LYS A 75 -7.49 -0.51 -18.99
CA LYS A 75 -6.56 -0.33 -20.10
C LYS A 75 -6.82 -1.38 -21.18
N ARG A 76 -7.36 -2.52 -20.78
CA ARG A 76 -7.65 -3.60 -21.72
C ARG A 76 -8.65 -3.13 -22.76
N GLN A 77 -9.65 -2.39 -22.31
CA GLN A 77 -10.69 -1.87 -23.20
C GLN A 77 -10.27 -0.53 -23.81
N GLY A 78 -9.11 -0.01 -23.43
CA GLY A 78 -8.65 1.25 -23.96
C GLY A 78 -9.30 2.45 -23.30
N LYS A 79 -9.86 2.23 -22.12
CA LYS A 79 -10.54 3.30 -21.39
C LYS A 79 -9.62 3.88 -20.31
N GLU A 80 -9.76 5.17 -20.05
CA GLU A 80 -8.94 5.84 -19.04
C GLU A 80 -9.32 5.38 -17.64
N MET A 81 -8.32 5.24 -16.77
CA MET A 81 -8.55 4.81 -15.40
C MET A 81 -9.45 5.80 -14.66
N ASP A 82 -9.16 7.09 -14.82
CA ASP A 82 -9.95 8.13 -14.16
C ASP A 82 -11.40 8.13 -14.65
N SER A 83 -11.59 7.76 -15.91
CA SER A 83 -12.93 7.72 -16.49
C SER A 83 -13.74 6.52 -15.97
N LEU A 84 -13.03 5.54 -15.39
CA LEU A 84 -13.68 4.35 -14.86
C LEU A 84 -13.62 4.33 -13.33
N ARG A 85 -14.77 4.24 -12.69
CA ARG A 85 -14.83 4.21 -11.23
C ARG A 85 -15.71 3.06 -10.75
N PHE A 86 -15.39 2.52 -9.58
CA PHE A 86 -16.15 1.42 -9.01
C PHE A 86 -16.64 1.76 -7.60
N LEU A 87 -17.95 1.65 -7.40
CA LEU A 87 -18.55 1.95 -6.11
C LEU A 87 -19.19 0.70 -5.50
N TYR A 88 -19.02 0.53 -4.19
CA TYR A 88 -19.59 -0.62 -3.50
C TYR A 88 -20.49 -0.18 -2.36
N ASP A 89 -21.77 -0.57 -2.43
CA ASP A 89 -22.74 -0.22 -1.41
C ASP A 89 -22.74 1.28 -1.14
N GLY A 90 -22.60 2.07 -2.21
CA GLY A 90 -22.60 3.52 -2.06
C GLY A 90 -21.31 4.04 -1.45
N ILE A 91 -20.27 3.22 -1.45
CA ILE A 91 -18.98 3.61 -0.88
C ILE A 91 -17.87 3.56 -1.92
N ARG A 92 -17.13 4.66 -2.06
CA ARG A 92 -16.05 4.74 -3.02
C ARG A 92 -14.90 3.81 -2.62
N ILE A 93 -14.29 3.18 -3.62
CA ILE A 93 -13.17 2.28 -3.38
C ILE A 93 -11.94 3.04 -2.90
N GLN A 94 -11.30 2.52 -1.85
CA GLN A 94 -10.12 3.16 -1.30
C GLN A 94 -8.84 2.49 -1.79
N ALA A 95 -7.78 3.28 -1.84
CA ALA A 95 -6.47 2.81 -2.29
C ALA A 95 -5.95 1.70 -1.38
N ASP A 96 -6.16 1.87 -0.08
CA ASP A 96 -5.71 0.89 0.90
C ASP A 96 -6.83 -0.07 1.29
N GLN A 97 -7.85 -0.17 0.45
CA GLN A 97 -8.97 -1.06 0.73
C GLN A 97 -8.51 -2.51 0.82
N THR A 98 -7.40 -2.81 0.14
CA THR A 98 -6.85 -4.16 0.14
C THR A 98 -6.37 -4.55 1.54
N PRO A 99 -6.61 -5.81 1.97
CA PRO A 99 -6.20 -6.27 3.30
C PRO A 99 -4.70 -6.57 3.37
N GLU A 100 -3.89 -5.56 3.08
CA GLU A 100 -2.44 -5.71 3.10
C GLU A 100 -1.93 -5.92 4.53
N ASP A 101 -2.75 -5.60 5.52
CA ASP A 101 -2.36 -5.77 6.91
C ASP A 101 -2.04 -7.22 7.23
N LEU A 102 -2.86 -8.13 6.70
CA LEU A 102 -2.65 -9.56 6.92
C LEU A 102 -1.65 -10.13 5.93
N ASP A 103 -1.46 -9.42 4.81
CA ASP A 103 -0.52 -9.87 3.77
C ASP A 103 -0.74 -11.33 3.41
N MET A 104 -2.00 -11.74 3.37
CA MET A 104 -2.37 -13.12 3.04
C MET A 104 -1.83 -14.10 4.08
N GLU A 105 -0.56 -14.42 3.97
CA GLU A 105 0.09 -15.35 4.90
C GLU A 105 0.37 -14.65 6.22
N ASP A 106 0.73 -15.44 7.24
CA ASP A 106 1.02 -14.90 8.57
C ASP A 106 -0.16 -14.15 9.16
N ASN A 107 -0.67 -14.64 10.29
CA ASN A 107 -1.80 -13.99 10.96
C ASN A 107 -1.39 -12.65 11.56
N ASP A 108 -0.08 -12.44 11.73
CA ASP A 108 0.43 -11.20 12.31
C ASP A 108 0.33 -10.06 11.30
N ILE A 109 0.29 -8.83 11.81
CA ILE A 109 0.21 -7.65 10.96
C ILE A 109 1.53 -6.90 10.92
N ILE A 110 2.03 -6.65 9.70
CA ILE A 110 3.29 -5.95 9.53
C ILE A 110 3.09 -4.61 8.81
N GLU A 111 3.60 -3.54 9.42
CA GLU A 111 3.49 -2.21 8.84
C GLU A 111 4.87 -1.60 8.61
N ALA A 112 5.10 -1.05 7.43
CA ALA A 112 6.38 -0.44 7.10
C ALA A 112 6.36 1.06 7.39
N HIS A 113 7.48 1.57 7.90
CA HIS A 113 7.60 2.97 8.23
C HIS A 113 8.32 3.73 7.12
N ARG A 114 7.72 4.84 6.70
CA ARG A 114 8.30 5.66 5.64
C ARG A 114 8.19 7.15 5.98
N GLU A 115 9.27 7.88 5.76
CA GLU A 115 9.30 9.32 6.04
C GLU A 115 9.03 9.59 7.51
N GLN A 116 9.97 9.20 8.36
CA GLN A 116 9.83 9.42 9.79
C GLN A 116 9.95 10.89 10.14
N ILE A 117 9.01 11.39 10.94
CA ILE A 117 9.01 12.79 11.33
C ILE A 117 8.62 12.96 12.79
N GLY A 118 9.31 13.87 13.49
CA GLY A 118 9.02 14.11 14.89
C GLY A 118 9.19 12.86 15.73
N GLY A 119 8.19 12.58 16.57
CA GLY A 119 8.25 11.41 17.43
C GLY A 119 8.05 10.11 16.66
N MET A 1 -11.66 -10.25 1.09
CA MET A 1 -12.98 -10.94 1.01
C MET A 1 -13.88 -10.26 -0.01
N GLY A 2 -14.65 -11.06 -0.74
CA GLY A 2 -15.55 -10.52 -1.75
C GLY A 2 -16.30 -11.60 -2.48
N SER A 3 -17.17 -11.19 -3.41
CA SER A 3 -17.96 -12.13 -4.19
C SER A 3 -18.46 -11.49 -5.48
N SER A 4 -19.00 -10.28 -5.36
CA SER A 4 -19.52 -9.56 -6.52
C SER A 4 -19.42 -8.05 -6.31
N HIS A 5 -19.08 -7.33 -7.37
CA HIS A 5 -18.96 -5.89 -7.30
C HIS A 5 -17.98 -5.47 -6.21
N HIS A 6 -16.91 -6.26 -6.04
CA HIS A 6 -15.91 -5.98 -5.03
C HIS A 6 -14.58 -5.58 -5.67
N HIS A 7 -14.12 -4.36 -5.38
CA HIS A 7 -12.87 -3.87 -5.94
C HIS A 7 -12.18 -2.92 -4.97
N HIS A 8 -10.87 -3.08 -4.81
CA HIS A 8 -10.10 -2.22 -3.91
C HIS A 8 -10.15 -0.76 -4.37
N HIS A 9 -10.33 0.13 -3.41
CA HIS A 9 -10.40 1.57 -3.73
C HIS A 9 -9.15 2.29 -3.21
N HIS A 10 -8.34 2.78 -4.13
CA HIS A 10 -7.12 3.49 -3.79
C HIS A 10 -7.43 4.78 -3.03
N GLY A 11 -8.47 5.48 -3.46
CA GLY A 11 -8.84 6.73 -2.82
C GLY A 11 -9.34 7.76 -3.81
N SER A 12 -9.49 9.01 -3.34
CA SER A 12 -9.96 10.08 -4.19
C SER A 12 -9.02 10.30 -5.37
N GLY A 13 -7.73 10.22 -5.11
CA GLY A 13 -6.74 10.41 -6.16
C GLY A 13 -5.54 9.50 -5.97
N LEU A 14 -4.83 9.23 -7.07
CA LEU A 14 -3.65 8.38 -7.01
C LEU A 14 -2.56 9.00 -6.15
N VAL A 15 -2.39 10.30 -6.25
CA VAL A 15 -1.38 11.00 -5.48
C VAL A 15 -1.72 12.49 -5.33
N PRO A 16 -1.52 13.09 -4.13
CA PRO A 16 -1.81 14.51 -3.92
C PRO A 16 -0.83 15.43 -4.62
N ARG A 17 -1.28 16.62 -4.99
CA ARG A 17 -0.43 17.58 -5.67
C ARG A 17 -1.13 18.94 -5.73
N GLY A 18 -0.35 20.00 -5.66
CA GLY A 18 -0.91 21.33 -5.72
C GLY A 18 -1.47 21.78 -4.38
N SER A 19 -1.44 20.90 -3.38
CA SER A 19 -1.95 21.23 -2.06
C SER A 19 -0.97 20.80 -0.97
N ALA A 20 -0.58 21.76 -0.13
CA ALA A 20 0.34 21.49 0.96
C ALA A 20 0.21 22.53 2.06
N SER A 21 0.57 22.15 3.28
CA SER A 21 0.48 23.07 4.41
C SER A 21 1.66 22.88 5.36
N MET A 22 2.35 23.98 5.66
CA MET A 22 3.50 23.95 6.55
C MET A 22 3.71 25.31 7.20
N SER A 23 4.02 25.32 8.50
CA SER A 23 4.24 26.57 9.23
C SER A 23 5.44 27.32 8.66
N ASP A 24 6.51 26.59 8.37
CA ASP A 24 7.73 27.19 7.82
C ASP A 24 7.90 26.82 6.35
N SER A 25 8.22 27.81 5.53
CA SER A 25 8.42 27.59 4.10
C SER A 25 9.61 26.66 3.87
N GLU A 26 10.63 26.79 4.70
CA GLU A 26 11.83 25.97 4.59
C GLU A 26 11.54 24.54 5.02
N VAL A 27 12.25 23.59 4.43
CA VAL A 27 12.07 22.18 4.76
C VAL A 27 13.39 21.51 5.08
N ASN A 28 13.34 20.45 5.89
CA ASN A 28 14.52 19.71 6.27
C ASN A 28 15.20 19.08 5.06
N GLN A 29 14.38 18.57 4.14
CA GLN A 29 14.90 17.94 2.93
C GLN A 29 15.65 16.66 3.28
N GLU A 30 15.08 15.89 4.20
CA GLU A 30 15.69 14.64 4.64
C GLU A 30 15.67 13.60 3.52
N ALA A 31 16.74 12.83 3.40
CA ALA A 31 16.84 11.79 2.39
C ALA A 31 17.06 12.39 1.00
N LYS A 32 17.12 11.52 0.00
CA LYS A 32 17.32 11.95 -1.38
C LYS A 32 16.08 12.64 -1.93
N PRO A 33 16.25 13.54 -2.92
CA PRO A 33 15.14 14.27 -3.53
C PRO A 33 14.40 13.43 -4.57
N GLU A 34 13.73 12.38 -4.12
CA GLU A 34 12.98 11.50 -5.01
C GLU A 34 13.83 11.05 -6.20
N VAL A 35 15.05 10.62 -5.91
CA VAL A 35 15.97 10.17 -6.96
C VAL A 35 15.39 8.96 -7.70
N LYS A 36 14.84 8.02 -6.95
CA LYS A 36 14.25 6.83 -7.54
C LYS A 36 15.29 6.04 -8.34
N PRO A 37 16.23 5.38 -7.65
CA PRO A 37 17.29 4.59 -8.29
C PRO A 37 16.74 3.34 -8.96
N GLU A 38 17.49 2.81 -9.93
CA GLU A 38 17.08 1.61 -10.66
C GLU A 38 16.85 0.45 -9.70
N VAL A 39 15.72 -0.23 -9.88
CA VAL A 39 15.36 -1.36 -9.05
C VAL A 39 14.68 -2.44 -9.88
N LYS A 40 14.92 -3.71 -9.51
CA LYS A 40 14.32 -4.83 -10.23
C LYS A 40 12.80 -4.82 -10.08
N PRO A 41 12.03 -4.98 -11.19
CA PRO A 41 10.56 -4.99 -11.12
C PRO A 41 10.01 -6.28 -10.54
N GLU A 42 8.79 -6.20 -10.00
CA GLU A 42 8.13 -7.37 -9.42
C GLU A 42 8.99 -7.99 -8.32
N THR A 43 9.69 -7.16 -7.56
CA THR A 43 10.54 -7.66 -6.48
C THR A 43 9.71 -8.38 -5.43
N HIS A 44 8.60 -7.77 -5.03
CA HIS A 44 7.72 -8.35 -4.02
C HIS A 44 6.44 -8.87 -4.66
N ILE A 45 6.27 -10.18 -4.61
CA ILE A 45 5.09 -10.83 -5.19
C ILE A 45 4.43 -11.79 -4.21
N ASN A 46 3.12 -11.69 -4.08
CA ASN A 46 2.36 -12.56 -3.19
C ASN A 46 1.07 -13.01 -3.85
N LEU A 47 1.00 -14.30 -4.17
CA LEU A 47 -0.19 -14.86 -4.81
C LEU A 47 -0.67 -16.11 -4.06
N LYS A 48 -1.96 -16.19 -3.80
CA LYS A 48 -2.53 -17.33 -3.10
C LYS A 48 -3.77 -17.86 -3.81
N VAL A 49 -3.96 -19.18 -3.74
CA VAL A 49 -5.10 -19.82 -4.37
C VAL A 49 -5.87 -20.68 -3.37
N SER A 50 -7.18 -20.52 -3.34
CA SER A 50 -8.02 -21.28 -2.44
C SER A 50 -9.26 -21.80 -3.15
N ASP A 51 -9.67 -23.03 -2.82
CA ASP A 51 -10.84 -23.65 -3.42
C ASP A 51 -12.09 -22.80 -3.16
N GLY A 52 -12.24 -22.34 -1.93
CA GLY A 52 -13.39 -21.54 -1.57
C GLY A 52 -13.45 -20.24 -2.36
N SER A 53 -12.29 -19.62 -2.57
CA SER A 53 -12.22 -18.37 -3.30
C SER A 53 -13.10 -17.30 -2.67
N SER A 54 -13.23 -17.36 -1.36
CA SER A 54 -14.05 -16.39 -0.63
C SER A 54 -13.48 -14.99 -0.74
N GLU A 55 -12.17 -14.91 -1.01
CA GLU A 55 -11.50 -13.62 -1.14
C GLU A 55 -10.58 -13.61 -2.35
N ILE A 56 -10.25 -12.42 -2.83
CA ILE A 56 -9.38 -12.26 -3.99
C ILE A 56 -8.38 -11.12 -3.77
N PHE A 57 -7.17 -11.29 -4.30
CA PHE A 57 -6.15 -10.27 -4.17
C PHE A 57 -5.56 -9.88 -5.52
N PHE A 58 -5.21 -8.61 -5.66
CA PHE A 58 -4.64 -8.11 -6.91
C PHE A 58 -3.36 -7.32 -6.63
N LYS A 59 -2.29 -7.65 -7.35
CA LYS A 59 -1.02 -6.97 -7.17
C LYS A 59 -0.52 -6.40 -8.50
N ILE A 60 0.39 -5.43 -8.41
CA ILE A 60 0.96 -4.79 -9.59
C ILE A 60 2.43 -5.16 -9.74
N LYS A 61 2.99 -4.87 -10.91
CA LYS A 61 4.38 -5.20 -11.17
C LYS A 61 5.28 -4.48 -10.18
N LYS A 62 4.93 -3.24 -9.87
CA LYS A 62 5.70 -2.46 -8.91
C LYS A 62 5.04 -2.53 -7.54
N THR A 63 5.84 -2.78 -6.52
CA THR A 63 5.30 -2.88 -5.16
C THR A 63 5.48 -1.57 -4.42
N THR A 64 4.36 -0.93 -4.09
CA THR A 64 4.39 0.34 -3.38
C THR A 64 3.41 0.34 -2.21
N PRO A 65 3.88 0.08 -0.97
CA PRO A 65 3.02 0.06 0.22
C PRO A 65 2.41 1.43 0.49
N LEU A 66 1.14 1.47 0.87
CA LEU A 66 0.48 2.73 1.16
C LEU A 66 1.10 3.40 2.37
N ARG A 67 1.44 2.61 3.37
CA ARG A 67 2.05 3.14 4.58
C ARG A 67 3.40 3.76 4.25
N ARG A 68 4.11 3.14 3.30
CA ARG A 68 5.42 3.63 2.88
C ARG A 68 5.27 4.99 2.21
N LEU A 69 4.22 5.14 1.40
CA LEU A 69 3.98 6.38 0.70
C LEU A 69 3.75 7.52 1.70
N MET A 70 2.97 7.23 2.75
CA MET A 70 2.68 8.24 3.77
C MET A 70 3.95 8.61 4.53
N GLU A 71 4.77 7.61 4.80
CA GLU A 71 6.02 7.81 5.52
C GLU A 71 6.96 8.73 4.74
N ALA A 72 6.99 8.55 3.43
CA ALA A 72 7.85 9.36 2.57
C ALA A 72 7.49 10.83 2.67
N PHE A 73 6.19 11.12 2.70
CA PHE A 73 5.73 12.50 2.80
C PHE A 73 6.10 13.11 4.15
N ALA A 74 5.95 12.33 5.21
CA ALA A 74 6.27 12.79 6.56
C ALA A 74 7.75 13.14 6.71
N LYS A 75 8.61 12.27 6.19
CA LYS A 75 10.05 12.49 6.28
C LYS A 75 10.49 13.66 5.39
N ARG A 76 9.69 13.96 4.38
CA ARG A 76 10.00 15.05 3.46
C ARG A 76 10.08 16.37 4.23
N GLN A 77 9.14 16.56 5.15
CA GLN A 77 9.09 17.76 5.96
C GLN A 77 9.95 17.63 7.21
N GLY A 78 10.56 16.46 7.41
CA GLY A 78 11.40 16.25 8.57
C GLY A 78 10.59 16.09 9.85
N LYS A 79 9.34 15.65 9.71
CA LYS A 79 8.47 15.45 10.86
C LYS A 79 8.35 13.97 11.20
N GLU A 80 8.20 13.68 12.49
CA GLU A 80 8.08 12.30 12.95
C GLU A 80 6.73 11.69 12.56
N MET A 81 6.77 10.43 12.15
CA MET A 81 5.56 9.73 11.73
C MET A 81 4.57 9.60 12.89
N ASP A 82 5.09 9.29 14.07
CA ASP A 82 4.26 9.14 15.26
C ASP A 82 3.55 10.44 15.62
N SER A 83 4.20 11.57 15.32
CA SER A 83 3.60 12.87 15.62
C SER A 83 2.48 13.21 14.63
N LEU A 84 2.42 12.47 13.52
CA LEU A 84 1.39 12.68 12.51
C LEU A 84 0.49 11.46 12.38
N ARG A 85 -0.75 11.69 11.95
CA ARG A 85 -1.72 10.62 11.78
C ARG A 85 -2.51 10.84 10.50
N PHE A 86 -3.10 9.76 9.97
CA PHE A 86 -3.87 9.86 8.74
C PHE A 86 -5.33 10.15 9.04
N LEU A 87 -5.82 11.28 8.55
CA LEU A 87 -7.21 11.68 8.75
C LEU A 87 -7.77 12.31 7.48
N TYR A 88 -8.99 11.91 7.13
CA TYR A 88 -9.65 12.44 5.93
C TYR A 88 -11.14 12.60 6.16
N ASP A 89 -11.66 13.77 5.81
CA ASP A 89 -13.08 14.07 5.95
C ASP A 89 -13.54 13.96 7.41
N GLY A 90 -12.59 14.03 8.34
CA GLY A 90 -12.93 13.94 9.74
C GLY A 90 -13.47 12.57 10.16
N ILE A 91 -13.12 11.54 9.41
CA ILE A 91 -13.59 10.18 9.72
C ILE A 91 -12.43 9.20 9.89
N ARG A 92 -12.66 8.17 10.70
CA ARG A 92 -11.65 7.16 10.97
C ARG A 92 -11.03 6.64 9.67
N ILE A 93 -9.81 6.10 9.78
CA ILE A 93 -9.10 5.57 8.63
C ILE A 93 -9.88 4.44 7.96
N GLN A 94 -10.03 4.55 6.64
CA GLN A 94 -10.76 3.55 5.87
C GLN A 94 -9.96 2.27 5.69
N ALA A 95 -10.69 1.20 5.35
CA ALA A 95 -10.08 -0.10 5.14
C ALA A 95 -9.21 -0.13 3.89
N ASP A 96 -9.34 0.89 3.05
CA ASP A 96 -8.56 0.97 1.82
C ASP A 96 -7.06 1.00 2.12
N GLN A 97 -6.70 1.43 3.33
CA GLN A 97 -5.30 1.50 3.73
C GLN A 97 -4.74 0.10 3.95
N THR A 98 -3.45 -0.07 3.72
CA THR A 98 -2.80 -1.36 3.90
C THR A 98 -2.78 -1.76 5.38
N PRO A 99 -3.30 -2.96 5.74
CA PRO A 99 -3.31 -3.43 7.13
C PRO A 99 -1.92 -3.85 7.62
N GLU A 100 -1.70 -3.72 8.93
CA GLU A 100 -0.42 -4.09 9.52
C GLU A 100 -0.39 -5.58 9.87
N ASP A 101 -1.54 -6.25 9.79
CA ASP A 101 -1.63 -7.67 10.11
C ASP A 101 -1.17 -8.54 8.94
N LEU A 102 -0.89 -7.92 7.79
CA LEU A 102 -0.44 -8.66 6.61
C LEU A 102 0.97 -9.20 6.81
N ASP A 103 1.72 -8.60 7.74
CA ASP A 103 3.09 -9.02 8.01
C ASP A 103 3.97 -8.92 6.78
N MET A 104 3.95 -7.76 6.13
CA MET A 104 4.76 -7.52 4.94
C MET A 104 4.20 -8.31 3.74
N GLU A 105 5.05 -8.61 2.77
CA GLU A 105 4.62 -9.34 1.59
C GLU A 105 5.75 -10.23 1.06
N ASP A 106 5.45 -11.02 0.03
CA ASP A 106 6.42 -11.92 -0.57
C ASP A 106 6.73 -13.09 0.35
N ASN A 107 7.28 -14.15 -0.23
CA ASN A 107 7.63 -15.35 0.53
C ASN A 107 6.41 -15.91 1.26
N ASP A 108 5.26 -15.85 0.60
CA ASP A 108 4.02 -16.34 1.17
C ASP A 108 3.02 -16.73 0.08
N ILE A 109 3.00 -18.00 -0.28
CA ILE A 109 2.10 -18.49 -1.32
C ILE A 109 1.44 -19.80 -0.92
N ILE A 110 0.31 -20.08 -1.55
CA ILE A 110 -0.44 -21.32 -1.28
C ILE A 110 -1.03 -21.88 -2.57
N GLU A 111 -0.99 -23.20 -2.71
CA GLU A 111 -1.54 -23.85 -3.90
C GLU A 111 -2.75 -24.71 -3.56
N ALA A 112 -3.77 -24.63 -4.42
CA ALA A 112 -4.99 -25.39 -4.21
C ALA A 112 -5.60 -25.78 -5.55
N HIS A 113 -6.12 -27.01 -5.64
CA HIS A 113 -6.73 -27.49 -6.85
C HIS A 113 -7.59 -28.74 -6.58
N ARG A 114 -8.68 -28.86 -7.33
CA ARG A 114 -9.59 -29.99 -7.16
C ARG A 114 -9.78 -30.73 -8.48
N GLU A 115 -9.77 -32.05 -8.43
CA GLU A 115 -9.95 -32.87 -9.62
C GLU A 115 -10.46 -34.26 -9.26
N GLN A 116 -11.13 -34.90 -10.22
CA GLN A 116 -11.67 -36.24 -10.00
C GLN A 116 -10.56 -37.26 -9.75
N ILE A 117 -9.47 -37.13 -10.50
CA ILE A 117 -8.34 -38.04 -10.35
C ILE A 117 -7.07 -37.29 -9.96
N GLY A 118 -6.44 -37.73 -8.88
CA GLY A 118 -5.22 -37.09 -8.42
C GLY A 118 -4.11 -37.15 -9.45
N GLY A 119 -3.98 -38.28 -10.12
CA GLY A 119 -2.95 -38.45 -11.12
C GLY A 119 -1.74 -39.19 -10.60
N MET A 1 -20.84 47.28 29.52
CA MET A 1 -21.90 48.31 29.51
C MET A 1 -22.12 48.86 28.09
N GLY A 2 -21.04 49.32 27.48
CA GLY A 2 -21.14 49.87 26.13
C GLY A 2 -21.61 51.31 26.11
N SER A 3 -21.82 51.90 27.29
CA SER A 3 -22.28 53.28 27.37
C SER A 3 -21.22 54.24 26.82
N SER A 4 -21.67 55.25 26.08
CA SER A 4 -20.78 56.23 25.50
C SER A 4 -19.66 55.55 24.70
N HIS A 5 -19.96 54.38 24.16
CA HIS A 5 -18.99 53.63 23.37
C HIS A 5 -19.46 53.46 21.93
N HIS A 6 -20.76 53.62 21.71
CA HIS A 6 -21.32 53.49 20.37
C HIS A 6 -20.96 52.13 19.76
N HIS A 7 -20.98 52.05 18.43
CA HIS A 7 -20.65 50.81 17.75
C HIS A 7 -20.12 51.10 16.34
N HIS A 8 -19.12 50.32 15.92
CA HIS A 8 -18.53 50.49 14.59
C HIS A 8 -18.36 49.16 13.89
N HIS A 9 -18.46 49.16 12.56
CA HIS A 9 -18.31 47.96 11.77
C HIS A 9 -17.79 48.29 10.38
N HIS A 10 -16.92 47.43 9.85
CA HIS A 10 -16.35 47.62 8.53
C HIS A 10 -16.87 46.58 7.54
N GLY A 11 -17.54 47.04 6.50
CA GLY A 11 -18.07 46.13 5.49
C GLY A 11 -19.42 45.55 5.90
N SER A 12 -19.96 44.69 5.05
CA SER A 12 -21.24 44.05 5.32
C SER A 12 -21.71 43.23 4.12
N GLY A 13 -21.63 43.84 2.94
CA GLY A 13 -22.05 43.15 1.73
C GLY A 13 -23.51 43.40 1.39
N LEU A 14 -23.90 43.04 0.17
CA LEU A 14 -25.27 43.22 -0.27
C LEU A 14 -26.15 42.06 0.16
N VAL A 15 -25.97 40.93 -0.51
CA VAL A 15 -26.74 39.73 -0.21
C VAL A 15 -25.90 38.47 -0.37
N PRO A 16 -25.03 38.18 0.61
CA PRO A 16 -24.16 37.00 0.57
C PRO A 16 -24.94 35.70 0.77
N ARG A 17 -24.41 34.61 0.22
CA ARG A 17 -25.06 33.31 0.34
C ARG A 17 -24.52 32.53 1.53
N GLY A 18 -23.57 33.11 2.25
CA GLY A 18 -23.00 32.44 3.41
C GLY A 18 -21.78 31.60 3.05
N SER A 19 -21.49 31.49 1.76
CA SER A 19 -20.34 30.71 1.30
C SER A 19 -20.36 29.31 1.91
N ALA A 20 -19.20 28.69 2.03
CA ALA A 20 -19.10 27.34 2.60
C ALA A 20 -17.78 27.17 3.35
N SER A 21 -17.78 26.26 4.32
CA SER A 21 -16.59 25.99 5.11
C SER A 21 -16.00 24.63 4.77
N MET A 22 -14.69 24.59 4.62
CA MET A 22 -13.98 23.34 4.30
C MET A 22 -12.61 23.31 4.97
N SER A 23 -12.26 22.16 5.53
CA SER A 23 -10.97 22.01 6.19
C SER A 23 -9.83 22.02 5.18
N ASP A 24 -8.62 22.32 5.65
CA ASP A 24 -7.45 22.37 4.79
C ASP A 24 -6.19 22.01 5.59
N SER A 25 -5.69 20.80 5.37
CA SER A 25 -4.49 20.34 6.06
C SER A 25 -3.42 19.90 5.06
N GLU A 26 -2.16 20.21 5.37
CA GLU A 26 -1.04 19.85 4.52
C GLU A 26 0.12 19.31 5.33
N VAL A 27 0.86 18.37 4.76
CA VAL A 27 2.00 17.77 5.43
C VAL A 27 3.24 17.77 4.54
N ASN A 28 4.41 17.72 5.16
CA ASN A 28 5.66 17.70 4.42
C ASN A 28 6.54 16.54 4.86
N GLN A 29 7.05 15.79 3.88
CA GLN A 29 7.91 14.65 4.18
C GLN A 29 9.02 14.51 3.13
N GLU A 30 10.26 14.43 3.58
CA GLU A 30 11.40 14.29 2.68
C GLU A 30 12.39 13.26 3.20
N ALA A 31 13.08 12.59 2.29
CA ALA A 31 14.07 11.58 2.66
C ALA A 31 13.47 10.53 3.59
N LYS A 32 12.67 9.63 3.02
CA LYS A 32 12.04 8.57 3.81
C LYS A 32 13.09 7.62 4.37
N PRO A 33 12.82 7.02 5.55
CA PRO A 33 13.75 6.09 6.19
C PRO A 33 13.85 4.76 5.44
N GLU A 34 15.01 4.12 5.53
CA GLU A 34 15.24 2.85 4.87
C GLU A 34 16.00 1.89 5.79
N VAL A 35 15.48 0.68 5.93
CA VAL A 35 16.11 -0.33 6.78
C VAL A 35 16.23 -1.67 6.06
N LYS A 36 17.17 -2.50 6.52
CA LYS A 36 17.39 -3.81 5.93
C LYS A 36 17.61 -4.86 7.01
N PRO A 37 16.54 -5.28 7.69
CA PRO A 37 16.62 -6.29 8.76
C PRO A 37 16.92 -7.68 8.23
N GLU A 38 17.59 -8.49 9.05
CA GLU A 38 17.94 -9.85 8.68
C GLU A 38 17.58 -10.83 9.79
N VAL A 39 17.24 -12.06 9.41
CA VAL A 39 16.87 -13.08 10.39
C VAL A 39 17.80 -14.29 10.32
N LYS A 40 18.41 -14.61 11.46
CA LYS A 40 19.33 -15.73 11.56
C LYS A 40 18.62 -17.01 12.04
N PRO A 41 17.83 -16.93 13.13
CA PRO A 41 17.11 -18.09 13.68
C PRO A 41 16.18 -18.73 12.65
N GLU A 42 16.03 -20.05 12.75
CA GLU A 42 15.16 -20.80 11.85
C GLU A 42 13.71 -20.79 12.32
N THR A 43 13.42 -20.00 13.34
CA THR A 43 12.07 -19.91 13.86
C THR A 43 11.12 -19.45 12.77
N HIS A 44 11.55 -18.45 12.01
CA HIS A 44 10.74 -17.91 10.92
C HIS A 44 11.11 -18.57 9.60
N ILE A 45 10.17 -19.32 9.05
CA ILE A 45 10.38 -20.01 7.78
C ILE A 45 9.37 -19.57 6.72
N ASN A 46 9.87 -19.36 5.50
CA ASN A 46 9.02 -18.93 4.40
C ASN A 46 9.27 -19.75 3.14
N LEU A 47 8.20 -20.36 2.62
CA LEU A 47 8.30 -21.17 1.41
C LEU A 47 7.17 -20.82 0.44
N LYS A 48 7.18 -21.46 -0.73
CA LYS A 48 6.16 -21.21 -1.74
C LYS A 48 5.11 -22.31 -1.71
N VAL A 49 3.85 -21.91 -1.58
CA VAL A 49 2.73 -22.86 -1.53
C VAL A 49 1.78 -22.64 -2.71
N SER A 50 1.42 -23.73 -3.38
CA SER A 50 0.52 -23.65 -4.52
C SER A 50 -0.41 -24.86 -4.59
N ASP A 51 -1.48 -24.73 -5.35
CA ASP A 51 -2.47 -25.79 -5.52
C ASP A 51 -2.16 -26.65 -6.74
N GLY A 52 -1.05 -26.38 -7.41
CA GLY A 52 -0.67 -27.15 -8.59
C GLY A 52 0.14 -28.39 -8.25
N SER A 53 0.16 -28.75 -6.97
CA SER A 53 0.90 -29.93 -6.51
C SER A 53 2.39 -29.76 -6.78
N SER A 54 2.85 -28.52 -6.74
CA SER A 54 4.26 -28.21 -6.98
C SER A 54 4.71 -27.11 -6.02
N GLU A 55 5.43 -27.52 -4.98
CA GLU A 55 5.92 -26.56 -3.99
C GLU A 55 7.30 -26.96 -3.48
N ILE A 56 8.07 -25.96 -3.05
CA ILE A 56 9.42 -26.19 -2.53
C ILE A 56 9.70 -25.35 -1.30
N PHE A 57 10.71 -25.74 -0.53
CA PHE A 57 11.07 -25.00 0.67
C PHE A 57 12.38 -24.25 0.46
N PHE A 58 12.38 -22.95 0.76
CA PHE A 58 13.57 -22.14 0.60
C PHE A 58 13.71 -21.12 1.73
N LYS A 59 14.89 -21.07 2.34
CA LYS A 59 15.14 -20.14 3.44
C LYS A 59 16.30 -19.20 3.11
N ILE A 60 16.21 -17.97 3.58
CA ILE A 60 17.25 -16.98 3.33
C ILE A 60 17.71 -16.31 4.63
N LYS A 61 19.01 -16.04 4.70
CA LYS A 61 19.61 -15.41 5.87
C LYS A 61 19.09 -13.99 6.08
N LYS A 62 18.92 -13.26 4.98
CA LYS A 62 18.44 -11.89 5.04
C LYS A 62 16.97 -11.81 4.62
N THR A 63 16.41 -10.60 4.71
CA THR A 63 15.01 -10.39 4.33
C THR A 63 14.91 -9.50 3.10
N THR A 64 14.20 -9.98 2.08
CA THR A 64 14.02 -9.24 0.85
C THR A 64 12.54 -8.96 0.59
N PRO A 65 12.14 -7.70 0.37
CA PRO A 65 10.74 -7.35 0.10
C PRO A 65 10.28 -7.79 -1.28
N LEU A 66 8.97 -7.90 -1.47
CA LEU A 66 8.41 -8.31 -2.75
C LEU A 66 8.78 -7.31 -3.85
N ARG A 67 8.78 -6.04 -3.51
CA ARG A 67 9.12 -5.00 -4.48
C ARG A 67 10.52 -5.24 -5.04
N ARG A 68 11.46 -5.54 -4.14
CA ARG A 68 12.84 -5.80 -4.55
C ARG A 68 12.90 -6.98 -5.51
N LEU A 69 12.16 -8.03 -5.17
CA LEU A 69 12.13 -9.24 -5.99
C LEU A 69 11.57 -8.93 -7.37
N MET A 70 10.49 -8.14 -7.42
CA MET A 70 9.86 -7.77 -8.67
C MET A 70 10.81 -6.96 -9.55
N GLU A 71 11.58 -6.07 -8.92
CA GLU A 71 12.53 -5.25 -9.65
C GLU A 71 13.56 -6.10 -10.36
N ALA A 72 14.03 -7.15 -9.67
CA ALA A 72 15.02 -8.04 -10.25
C ALA A 72 14.50 -8.73 -11.50
N PHE A 73 13.24 -9.20 -11.45
CA PHE A 73 12.64 -9.87 -12.59
C PHE A 73 12.43 -8.91 -13.76
N ALA A 74 12.00 -7.69 -13.46
CA ALA A 74 11.77 -6.70 -14.50
C ALA A 74 13.07 -6.37 -15.24
N LYS A 75 14.15 -6.23 -14.48
CA LYS A 75 15.45 -5.91 -15.06
C LYS A 75 15.95 -7.05 -15.95
N ARG A 76 15.71 -8.29 -15.52
CA ARG A 76 16.15 -9.45 -16.30
C ARG A 76 15.49 -9.43 -17.67
N GLN A 77 14.22 -9.04 -17.69
CA GLN A 77 13.45 -8.97 -18.94
C GLN A 77 13.77 -7.67 -19.69
N GLY A 78 14.52 -6.77 -19.05
CA GLY A 78 14.87 -5.52 -19.70
C GLY A 78 13.67 -4.59 -19.83
N LYS A 79 12.73 -4.71 -18.89
CA LYS A 79 11.54 -3.89 -18.93
C LYS A 79 11.28 -3.21 -17.57
N GLU A 80 10.71 -2.02 -17.62
CA GLU A 80 10.40 -1.27 -16.40
C GLU A 80 9.15 -1.82 -15.73
N MET A 81 9.11 -1.73 -14.40
CA MET A 81 7.96 -2.22 -13.65
C MET A 81 6.69 -1.45 -14.02
N ASP A 82 6.82 -0.15 -14.21
CA ASP A 82 5.68 0.69 -14.57
C ASP A 82 5.09 0.28 -15.91
N SER A 83 5.94 -0.20 -16.81
CA SER A 83 5.49 -0.63 -18.13
C SER A 83 4.76 -1.98 -18.06
N LEU A 84 4.97 -2.70 -16.95
CA LEU A 84 4.33 -4.00 -16.77
C LEU A 84 3.29 -3.96 -15.64
N ARG A 85 2.17 -4.64 -15.84
CA ARG A 85 1.12 -4.69 -14.84
C ARG A 85 0.70 -6.13 -14.56
N PHE A 86 0.39 -6.40 -13.30
CA PHE A 86 -0.02 -7.75 -12.90
C PHE A 86 -1.45 -7.75 -12.35
N LEU A 87 -2.27 -8.65 -12.87
CA LEU A 87 -3.65 -8.75 -12.43
C LEU A 87 -3.95 -10.17 -11.93
N TYR A 88 -4.59 -10.25 -10.76
CA TYR A 88 -4.94 -11.53 -10.17
C TYR A 88 -6.44 -11.62 -9.89
N ASP A 89 -7.08 -12.62 -10.47
CA ASP A 89 -8.52 -12.81 -10.29
C ASP A 89 -9.30 -11.53 -10.59
N GLY A 90 -8.86 -10.81 -11.62
CA GLY A 90 -9.52 -9.58 -11.99
C GLY A 90 -9.25 -8.44 -11.03
N ILE A 91 -8.21 -8.58 -10.22
CA ILE A 91 -7.84 -7.55 -9.25
C ILE A 91 -6.44 -6.99 -9.52
N ARG A 92 -6.36 -5.67 -9.65
CA ARG A 92 -5.09 -5.01 -9.90
C ARG A 92 -4.13 -5.18 -8.72
N ILE A 93 -2.83 -5.29 -9.03
CA ILE A 93 -1.81 -5.46 -8.00
C ILE A 93 -0.81 -4.31 -8.03
N GLN A 94 -0.56 -3.71 -6.87
CA GLN A 94 0.38 -2.59 -6.76
C GLN A 94 1.50 -2.88 -5.78
N ALA A 95 2.62 -2.21 -5.99
CA ALA A 95 3.80 -2.36 -5.14
C ALA A 95 3.60 -1.75 -3.76
N ASP A 96 2.57 -0.92 -3.62
CA ASP A 96 2.28 -0.28 -2.34
C ASP A 96 1.95 -1.31 -1.27
N GLN A 97 1.52 -2.50 -1.69
CA GLN A 97 1.18 -3.56 -0.75
C GLN A 97 2.38 -4.46 -0.49
N THR A 98 2.96 -4.35 0.71
CA THR A 98 4.12 -5.16 1.08
C THR A 98 3.73 -6.25 2.06
N PRO A 99 4.56 -7.32 2.17
CA PRO A 99 4.28 -8.44 3.09
C PRO A 99 4.10 -7.98 4.52
N GLU A 100 4.89 -6.98 4.92
CA GLU A 100 4.81 -6.45 6.28
C GLU A 100 3.43 -5.85 6.55
N ASP A 101 2.89 -5.16 5.55
CA ASP A 101 1.57 -4.54 5.69
C ASP A 101 0.50 -5.60 5.94
N LEU A 102 0.63 -6.73 5.25
CA LEU A 102 -0.33 -7.82 5.40
C LEU A 102 -0.15 -8.53 6.73
N ASP A 103 1.01 -8.36 7.36
CA ASP A 103 1.29 -8.99 8.65
C ASP A 103 1.10 -10.50 8.55
N MET A 104 1.70 -11.10 7.51
CA MET A 104 1.61 -12.54 7.31
C MET A 104 2.99 -13.15 7.10
N GLU A 105 3.10 -14.44 7.42
CA GLU A 105 4.37 -15.15 7.28
C GLU A 105 4.14 -16.54 6.71
N ASP A 106 5.22 -17.23 6.36
CA ASP A 106 5.13 -18.56 5.80
C ASP A 106 4.19 -18.59 4.59
N ASN A 107 4.33 -17.58 3.73
CA ASN A 107 3.50 -17.48 2.54
C ASN A 107 2.02 -17.43 2.89
N ASP A 108 1.19 -17.08 1.91
CA ASP A 108 -0.24 -16.99 2.10
C ASP A 108 -0.91 -18.35 1.94
N ILE A 109 -2.23 -18.37 2.04
CA ILE A 109 -2.99 -19.61 1.90
C ILE A 109 -3.90 -19.56 0.67
N ILE A 110 -3.79 -20.59 -0.18
CA ILE A 110 -4.60 -20.66 -1.39
C ILE A 110 -5.34 -22.00 -1.47
N GLU A 111 -6.62 -21.94 -1.78
CA GLU A 111 -7.44 -23.13 -1.90
C GLU A 111 -7.95 -23.31 -3.33
N ALA A 112 -7.76 -24.50 -3.88
CA ALA A 112 -8.19 -24.78 -5.24
C ALA A 112 -9.56 -25.46 -5.25
N HIS A 113 -10.48 -24.87 -5.99
CA HIS A 113 -11.83 -25.40 -6.09
C HIS A 113 -12.54 -24.86 -7.33
N ARG A 114 -13.34 -25.70 -7.97
CA ARG A 114 -14.07 -25.30 -9.17
C ARG A 114 -15.58 -25.32 -8.92
N GLU A 115 -16.24 -24.21 -9.23
CA GLU A 115 -17.68 -24.10 -9.04
C GLU A 115 -18.33 -23.37 -10.20
N GLN A 116 -19.42 -23.92 -10.71
CA GLN A 116 -20.14 -23.31 -11.82
C GLN A 116 -20.51 -21.86 -11.51
N ILE A 117 -20.51 -21.02 -12.54
CA ILE A 117 -20.84 -19.62 -12.38
C ILE A 117 -21.89 -19.18 -13.40
N GLY A 118 -22.58 -18.07 -13.11
CA GLY A 118 -23.59 -17.57 -14.01
C GLY A 118 -24.69 -18.57 -14.27
N GLY A 119 -25.02 -18.78 -15.53
CA GLY A 119 -26.06 -19.72 -15.90
C GLY A 119 -26.03 -20.09 -17.37
N MET A 1 -48.33 31.28 7.43
CA MET A 1 -48.25 30.20 6.42
C MET A 1 -47.02 30.36 5.55
N GLY A 2 -45.85 30.37 6.19
CA GLY A 2 -44.61 30.51 5.45
C GLY A 2 -43.40 30.48 6.36
N SER A 3 -42.21 30.64 5.77
CA SER A 3 -40.97 30.63 6.53
C SER A 3 -40.15 31.89 6.23
N SER A 4 -39.40 32.35 7.23
CA SER A 4 -38.57 33.53 7.08
C SER A 4 -37.12 33.24 7.46
N HIS A 5 -36.19 33.93 6.81
CA HIS A 5 -34.76 33.74 7.08
C HIS A 5 -33.98 34.99 6.68
N HIS A 6 -32.74 35.08 7.18
CA HIS A 6 -31.89 36.22 6.87
C HIS A 6 -30.49 35.76 6.45
N HIS A 7 -29.89 36.47 5.52
CA HIS A 7 -28.55 36.15 5.03
C HIS A 7 -27.50 36.50 6.07
N HIS A 8 -26.42 35.72 6.10
CA HIS A 8 -25.33 35.95 7.04
C HIS A 8 -23.98 35.92 6.34
N HIS A 9 -23.05 36.75 6.82
CA HIS A 9 -21.72 36.81 6.23
C HIS A 9 -20.71 37.34 7.25
N HIS A 10 -19.43 37.12 6.98
CA HIS A 10 -18.36 37.57 7.87
C HIS A 10 -17.57 38.71 7.24
N GLY A 11 -17.63 38.83 5.92
CA GLY A 11 -16.90 39.88 5.24
C GLY A 11 -15.40 39.65 5.25
N SER A 12 -15.00 38.39 5.37
CA SER A 12 -13.59 38.02 5.40
C SER A 12 -12.89 38.45 4.12
N GLY A 13 -11.67 38.96 4.27
CA GLY A 13 -10.90 39.40 3.11
C GLY A 13 -11.06 40.88 2.83
N LEU A 14 -10.02 41.50 2.28
CA LEU A 14 -10.05 42.92 1.96
C LEU A 14 -10.10 43.14 0.46
N VAL A 15 -9.23 42.42 -0.24
CA VAL A 15 -9.15 42.52 -1.68
C VAL A 15 -8.82 41.17 -2.31
N PRO A 16 -9.84 40.33 -2.57
CA PRO A 16 -9.66 39.01 -3.18
C PRO A 16 -9.24 39.09 -4.64
N ARG A 17 -8.51 38.08 -5.10
CA ARG A 17 -8.04 38.02 -6.47
C ARG A 17 -8.97 37.17 -7.34
N GLY A 18 -10.15 36.85 -6.81
CA GLY A 18 -11.09 36.04 -7.57
C GLY A 18 -10.96 34.55 -7.29
N SER A 19 -9.92 34.17 -6.55
CA SER A 19 -9.70 32.77 -6.21
C SER A 19 -9.69 31.90 -7.46
N ALA A 20 -8.98 32.35 -8.49
CA ALA A 20 -8.90 31.61 -9.74
C ALA A 20 -8.26 30.25 -9.52
N SER A 21 -8.80 29.23 -10.18
CA SER A 21 -8.29 27.87 -10.05
C SER A 21 -8.64 27.03 -11.27
N MET A 22 -7.78 26.06 -11.58
CA MET A 22 -8.00 25.19 -12.71
C MET A 22 -7.47 23.78 -12.43
N SER A 23 -8.01 22.79 -13.14
CA SER A 23 -7.60 21.41 -12.96
C SER A 23 -6.14 21.21 -13.37
N ASP A 24 -5.41 20.45 -12.57
CA ASP A 24 -4.01 20.17 -12.85
C ASP A 24 -3.86 18.94 -13.74
N SER A 25 -2.62 18.56 -14.01
CA SER A 25 -2.36 17.38 -14.85
C SER A 25 -1.05 16.71 -14.45
N GLU A 26 -0.91 15.44 -14.81
CA GLU A 26 0.29 14.68 -14.49
C GLU A 26 0.44 13.50 -15.44
N VAL A 27 1.68 13.24 -15.85
CA VAL A 27 1.97 12.13 -16.76
C VAL A 27 3.11 11.26 -16.23
N ASN A 28 3.12 10.00 -16.65
CA ASN A 28 4.15 9.07 -16.22
C ASN A 28 4.24 7.88 -17.16
N GLN A 29 5.17 6.97 -16.88
CA GLN A 29 5.36 5.79 -17.70
C GLN A 29 4.18 4.84 -17.54
N GLU A 30 3.69 4.30 -18.65
CA GLU A 30 2.56 3.37 -18.62
C GLU A 30 2.88 2.12 -17.82
N ALA A 31 4.09 1.59 -17.98
CA ALA A 31 4.51 0.39 -17.26
C ALA A 31 5.78 0.65 -16.46
N LYS A 32 5.78 0.20 -15.21
CA LYS A 32 6.93 0.37 -14.33
C LYS A 32 7.31 -0.95 -13.67
N PRO A 33 7.88 -1.88 -14.45
CA PRO A 33 8.29 -3.19 -13.95
C PRO A 33 9.52 -3.10 -13.04
N GLU A 34 9.61 -4.02 -12.08
CA GLU A 34 10.73 -4.05 -11.15
C GLU A 34 11.90 -4.85 -11.71
N VAL A 35 13.11 -4.38 -11.45
CA VAL A 35 14.31 -5.06 -11.93
C VAL A 35 15.23 -5.43 -10.77
N LYS A 36 15.60 -6.70 -10.69
CA LYS A 36 16.48 -7.18 -9.63
C LYS A 36 15.99 -6.71 -8.25
N PRO A 37 14.75 -7.09 -7.89
CA PRO A 37 14.15 -6.70 -6.61
C PRO A 37 14.81 -7.43 -5.43
N GLU A 38 14.76 -6.79 -4.26
CA GLU A 38 15.34 -7.36 -3.05
C GLU A 38 14.65 -8.67 -2.68
N VAL A 39 15.44 -9.68 -2.33
CA VAL A 39 14.91 -10.97 -1.96
C VAL A 39 15.49 -11.45 -0.62
N LYS A 40 14.78 -12.36 0.03
CA LYS A 40 15.23 -12.90 1.30
C LYS A 40 15.18 -14.43 1.29
N PRO A 41 16.21 -15.07 0.74
CA PRO A 41 16.29 -16.54 0.66
C PRO A 41 16.22 -17.20 2.04
N GLU A 42 15.55 -18.34 2.11
CA GLU A 42 15.40 -19.07 3.36
C GLU A 42 14.74 -18.20 4.43
N THR A 43 14.62 -18.77 5.63
CA THR A 43 14.01 -18.12 6.79
C THR A 43 12.49 -18.06 6.68
N HIS A 44 12.00 -17.52 5.57
CA HIS A 44 10.57 -17.41 5.35
C HIS A 44 10.20 -18.11 4.05
N ILE A 45 9.42 -19.17 4.17
CA ILE A 45 8.99 -19.93 3.00
C ILE A 45 7.50 -20.25 3.03
N ASN A 46 6.85 -20.04 1.89
CA ASN A 46 5.42 -20.31 1.76
C ASN A 46 5.17 -21.27 0.61
N LEU A 47 4.29 -22.24 0.83
CA LEU A 47 3.97 -23.23 -0.19
C LEU A 47 2.47 -23.42 -0.36
N LYS A 48 2.02 -23.55 -1.60
CA LYS A 48 0.61 -23.74 -1.91
C LYS A 48 0.43 -24.85 -2.94
N VAL A 49 -0.77 -25.41 -3.00
CA VAL A 49 -1.07 -26.49 -3.94
C VAL A 49 -2.18 -26.09 -4.90
N SER A 50 -1.92 -26.26 -6.20
CA SER A 50 -2.90 -25.94 -7.23
C SER A 50 -2.80 -26.92 -8.39
N ASP A 51 -3.96 -27.38 -8.86
CA ASP A 51 -4.01 -28.33 -9.97
C ASP A 51 -4.33 -27.64 -11.29
N GLY A 52 -4.31 -26.31 -11.31
CA GLY A 52 -4.62 -25.58 -12.53
C GLY A 52 -3.38 -25.03 -13.21
N SER A 53 -3.06 -23.77 -12.92
CA SER A 53 -1.91 -23.11 -13.52
C SER A 53 -0.60 -23.80 -13.13
N SER A 54 -0.61 -24.51 -12.01
CA SER A 54 0.59 -25.21 -11.55
C SER A 54 1.77 -24.24 -11.48
N GLU A 55 1.54 -23.09 -10.87
CA GLU A 55 2.56 -22.05 -10.73
C GLU A 55 3.19 -22.09 -9.33
N ILE A 56 4.15 -21.20 -9.11
CA ILE A 56 4.83 -21.12 -7.83
C ILE A 56 4.39 -19.88 -7.05
N PHE A 57 4.38 -20.01 -5.73
CA PHE A 57 3.97 -18.91 -4.85
C PHE A 57 5.03 -17.83 -4.78
N PHE A 58 4.58 -16.59 -4.80
CA PHE A 58 5.48 -15.45 -4.74
C PHE A 58 4.82 -14.29 -4.01
N LYS A 59 5.62 -13.34 -3.55
CA LYS A 59 5.10 -12.18 -2.83
C LYS A 59 4.38 -11.21 -3.75
N ILE A 60 3.27 -10.65 -3.26
CA ILE A 60 2.47 -9.71 -4.02
C ILE A 60 2.08 -8.51 -3.16
N LYS A 61 1.94 -7.34 -3.79
CA LYS A 61 1.57 -6.12 -3.10
C LYS A 61 0.19 -6.21 -2.45
N LYS A 62 -0.72 -6.95 -3.09
CA LYS A 62 -2.07 -7.10 -2.57
C LYS A 62 -2.07 -7.78 -1.20
N THR A 63 -1.25 -8.81 -1.08
CA THR A 63 -1.14 -9.56 0.16
C THR A 63 0.32 -9.65 0.60
N THR A 64 0.82 -8.57 1.16
CA THR A 64 2.19 -8.51 1.63
C THR A 64 2.27 -7.97 3.06
N PRO A 65 3.19 -8.50 3.90
CA PRO A 65 3.34 -8.06 5.29
C PRO A 65 3.87 -6.63 5.40
N LEU A 66 3.59 -6.00 6.54
CA LEU A 66 4.02 -4.62 6.80
C LEU A 66 5.55 -4.49 6.80
N ARG A 67 6.23 -5.48 7.37
CA ARG A 67 7.69 -5.45 7.41
C ARG A 67 8.26 -5.39 6.01
N ARG A 68 7.72 -6.21 5.12
CA ARG A 68 8.17 -6.25 3.74
C ARG A 68 7.96 -4.90 3.06
N LEU A 69 6.79 -4.31 3.29
CA LEU A 69 6.46 -3.01 2.71
C LEU A 69 7.44 -1.94 3.18
N MET A 70 7.74 -1.94 4.47
CA MET A 70 8.67 -0.97 5.04
C MET A 70 10.06 -1.12 4.42
N GLU A 71 10.47 -2.36 4.21
CA GLU A 71 11.78 -2.63 3.62
C GLU A 71 11.88 -2.02 2.23
N ALA A 72 10.85 -2.22 1.42
CA ALA A 72 10.84 -1.67 0.07
C ALA A 72 10.87 -0.15 0.10
N PHE A 73 10.11 0.43 1.02
CA PHE A 73 10.04 1.87 1.17
C PHE A 73 11.41 2.45 1.50
N ALA A 74 12.08 1.85 2.48
CA ALA A 74 13.40 2.31 2.89
C ALA A 74 14.40 2.23 1.75
N LYS A 75 14.33 1.16 0.97
CA LYS A 75 15.24 0.99 -0.16
C LYS A 75 15.06 2.11 -1.18
N ARG A 76 13.83 2.52 -1.39
CA ARG A 76 13.54 3.59 -2.34
C ARG A 76 14.23 4.87 -1.90
N GLN A 77 14.24 5.10 -0.59
CA GLN A 77 14.87 6.29 -0.03
C GLN A 77 16.39 6.12 0.09
N GLY A 78 16.89 4.92 -0.21
CA GLY A 78 18.32 4.67 -0.11
C GLY A 78 18.78 4.40 1.31
N LYS A 79 17.85 4.02 2.17
CA LYS A 79 18.17 3.73 3.57
C LYS A 79 17.66 2.36 3.97
N GLU A 80 18.39 1.69 4.85
CA GLU A 80 18.02 0.37 5.32
C GLU A 80 16.90 0.44 6.36
N MET A 81 16.02 -0.55 6.35
CA MET A 81 14.91 -0.59 7.29
C MET A 81 15.41 -0.67 8.73
N ASP A 82 16.41 -1.52 8.95
CA ASP A 82 16.98 -1.70 10.28
C ASP A 82 17.66 -0.43 10.78
N SER A 83 18.03 0.46 9.85
CA SER A 83 18.68 1.71 10.21
C SER A 83 17.68 2.68 10.83
N LEU A 84 16.41 2.53 10.47
CA LEU A 84 15.35 3.39 10.98
C LEU A 84 14.25 2.56 11.63
N ARG A 85 13.99 2.83 12.92
CA ARG A 85 12.96 2.11 13.65
C ARG A 85 12.11 3.06 14.47
N PHE A 86 10.78 2.91 14.37
CA PHE A 86 9.85 3.75 15.10
C PHE A 86 9.10 2.94 16.15
N LEU A 87 9.18 3.38 17.41
CA LEU A 87 8.52 2.69 18.50
C LEU A 87 7.49 3.61 19.16
N TYR A 88 6.32 3.05 19.49
CA TYR A 88 5.26 3.81 20.13
C TYR A 88 4.75 3.10 21.37
N ASP A 89 4.85 3.78 22.51
CA ASP A 89 4.39 3.22 23.78
C ASP A 89 5.08 1.89 24.08
N GLY A 90 6.31 1.73 23.64
CA GLY A 90 7.04 0.50 23.89
C GLY A 90 6.67 -0.63 22.93
N ILE A 91 5.80 -0.34 21.97
CA ILE A 91 5.39 -1.35 21.00
C ILE A 91 5.52 -0.84 19.57
N ARG A 92 5.76 -1.77 18.64
CA ARG A 92 5.92 -1.42 17.23
C ARG A 92 4.63 -0.83 16.67
N ILE A 93 4.77 0.13 15.76
CA ILE A 93 3.62 0.78 15.14
C ILE A 93 3.63 0.58 13.63
N GLN A 94 2.51 0.12 13.09
CA GLN A 94 2.37 -0.11 11.66
C GLN A 94 1.03 0.37 11.14
N ALA A 95 0.97 0.61 9.84
CA ALA A 95 -0.25 1.09 9.20
C ALA A 95 -1.38 0.07 9.35
N ASP A 96 -1.08 -1.19 9.12
CA ASP A 96 -2.09 -2.25 9.23
C ASP A 96 -1.84 -3.12 10.47
N GLN A 97 -0.59 -3.14 10.94
CA GLN A 97 -0.22 -3.93 12.10
C GLN A 97 -0.67 -5.38 11.99
N THR A 98 0.27 -6.26 11.65
CA THR A 98 -0.03 -7.68 11.51
C THR A 98 0.52 -8.46 12.71
N PRO A 99 -0.35 -8.92 13.64
CA PRO A 99 0.09 -9.66 14.82
C PRO A 99 0.86 -10.93 14.47
N GLU A 100 1.97 -11.15 15.18
CA GLU A 100 2.81 -12.32 14.97
C GLU A 100 2.24 -13.56 15.68
N ASP A 101 1.25 -13.34 16.53
CA ASP A 101 0.62 -14.43 17.28
C ASP A 101 -0.01 -15.45 16.36
N LEU A 102 -0.63 -15.00 15.27
CA LEU A 102 -1.27 -15.90 14.32
C LEU A 102 -0.23 -16.72 13.55
N ASP A 103 0.99 -16.19 13.46
CA ASP A 103 2.07 -16.88 12.75
C ASP A 103 1.61 -17.36 11.38
N MET A 104 1.01 -16.47 10.60
CA MET A 104 0.53 -16.82 9.27
C MET A 104 1.68 -17.27 8.38
N GLU A 105 1.51 -18.42 7.73
CA GLU A 105 2.53 -18.96 6.85
C GLU A 105 1.90 -19.90 5.82
N ASP A 106 2.62 -20.12 4.71
CA ASP A 106 2.15 -21.00 3.64
C ASP A 106 0.69 -20.72 3.28
N ASN A 107 0.25 -19.49 3.48
CA ASN A 107 -1.12 -19.10 3.18
C ASN A 107 -2.10 -20.02 3.92
N ASP A 108 -3.33 -20.09 3.42
CA ASP A 108 -4.35 -20.94 4.03
C ASP A 108 -4.94 -21.90 3.02
N ILE A 109 -5.77 -21.37 2.16
CA ILE A 109 -6.42 -22.15 1.12
C ILE A 109 -6.56 -21.36 -0.17
N ILE A 110 -6.30 -22.01 -1.30
CA ILE A 110 -6.40 -21.37 -2.60
C ILE A 110 -6.96 -22.32 -3.65
N GLU A 111 -7.84 -21.79 -4.50
CA GLU A 111 -8.46 -22.59 -5.54
C GLU A 111 -7.53 -22.72 -6.74
N ALA A 112 -7.72 -23.79 -7.53
CA ALA A 112 -6.90 -24.02 -8.71
C ALA A 112 -7.54 -23.42 -9.95
N HIS A 113 -6.74 -22.72 -10.74
CA HIS A 113 -7.22 -22.10 -11.97
C HIS A 113 -6.08 -21.80 -12.93
N ARG A 114 -6.40 -21.79 -14.22
CA ARG A 114 -5.40 -21.53 -15.25
C ARG A 114 -5.99 -20.73 -16.40
N GLU A 115 -5.12 -20.09 -17.18
CA GLU A 115 -5.57 -19.30 -18.31
C GLU A 115 -6.52 -18.19 -17.87
N GLN A 116 -6.23 -17.58 -16.72
CA GLN A 116 -7.05 -16.52 -16.17
C GLN A 116 -7.08 -15.32 -17.12
N ILE A 117 -5.93 -14.98 -17.69
CA ILE A 117 -5.84 -13.86 -18.62
C ILE A 117 -5.40 -14.31 -20.00
N GLY A 118 -6.18 -13.94 -21.02
CA GLY A 118 -5.86 -14.31 -22.38
C GLY A 118 -4.81 -13.40 -23.00
N GLY A 119 -4.42 -13.70 -24.23
CA GLY A 119 -3.43 -12.90 -24.91
C GLY A 119 -3.82 -12.58 -26.34
N MET A 1 -27.11 6.59 3.55
CA MET A 1 -26.63 6.49 4.95
C MET A 1 -25.55 7.53 5.22
N GLY A 2 -25.32 7.81 6.50
CA GLY A 2 -24.32 8.79 6.89
C GLY A 2 -24.81 10.22 6.75
N SER A 3 -23.88 11.16 6.87
CA SER A 3 -24.23 12.58 6.75
C SER A 3 -25.28 12.96 7.79
N SER A 4 -25.23 12.31 8.95
CA SER A 4 -26.18 12.59 10.02
C SER A 4 -26.05 14.03 10.50
N HIS A 5 -24.81 14.49 10.61
CA HIS A 5 -24.54 15.86 11.06
C HIS A 5 -25.15 16.88 10.11
N HIS A 6 -25.77 17.91 10.68
CA HIS A 6 -26.40 18.96 9.88
C HIS A 6 -26.22 20.33 10.53
N HIS A 7 -25.90 21.33 9.72
CA HIS A 7 -25.69 22.68 10.23
C HIS A 7 -26.07 23.72 9.18
N HIS A 8 -26.32 24.95 9.64
CA HIS A 8 -26.70 26.04 8.74
C HIS A 8 -25.55 27.02 8.54
N HIS A 9 -24.35 26.66 9.00
CA HIS A 9 -23.18 27.53 8.86
C HIS A 9 -22.31 27.09 7.69
N HIS A 10 -21.98 28.04 6.82
CA HIS A 10 -21.15 27.76 5.66
C HIS A 10 -19.91 28.63 5.66
N GLY A 11 -18.74 28.01 5.49
CA GLY A 11 -17.50 28.74 5.47
C GLY A 11 -16.29 27.85 5.24
N SER A 12 -15.11 28.45 5.23
CA SER A 12 -13.87 27.71 5.02
C SER A 12 -12.71 28.39 5.71
N GLY A 13 -11.77 27.60 6.22
CA GLY A 13 -10.61 28.15 6.90
C GLY A 13 -9.34 28.02 6.09
N LEU A 14 -8.50 29.05 6.14
CA LEU A 14 -7.24 29.06 5.39
C LEU A 14 -6.06 29.06 6.34
N VAL A 15 -5.01 28.33 5.98
CA VAL A 15 -3.81 28.27 6.79
C VAL A 15 -4.16 27.94 8.25
N PRO A 16 -4.68 26.73 8.49
CA PRO A 16 -5.06 26.29 9.84
C PRO A 16 -3.87 26.19 10.78
N ARG A 17 -2.69 25.97 10.21
CA ARG A 17 -1.48 25.85 11.01
C ARG A 17 -0.23 25.94 10.14
N GLY A 18 -0.36 26.62 9.00
CA GLY A 18 0.77 26.77 8.09
C GLY A 18 1.05 25.51 7.29
N SER A 19 0.06 24.62 7.19
CA SER A 19 0.23 23.39 6.44
C SER A 19 -1.08 22.93 5.81
N ALA A 20 -0.98 22.09 4.79
CA ALA A 20 -2.15 21.57 4.10
C ALA A 20 -1.74 20.75 2.88
N SER A 21 -1.49 19.47 3.09
CA SER A 21 -1.08 18.57 2.02
C SER A 21 -2.00 17.36 1.93
N MET A 22 -2.28 16.92 0.71
CA MET A 22 -3.14 15.77 0.48
C MET A 22 -2.51 14.50 1.06
N SER A 23 -1.20 14.38 0.89
CA SER A 23 -0.46 13.22 1.38
C SER A 23 0.09 13.48 2.78
N ASP A 24 -0.28 12.61 3.72
CA ASP A 24 0.18 12.75 5.10
C ASP A 24 1.10 11.59 5.48
N SER A 25 2.40 11.87 5.53
CA SER A 25 3.39 10.86 5.88
C SER A 25 3.28 9.62 4.99
N GLU A 26 2.89 9.82 3.74
CA GLU A 26 2.75 8.71 2.80
C GLU A 26 4.09 8.01 2.59
N VAL A 27 5.16 8.79 2.45
CA VAL A 27 6.49 8.24 2.24
C VAL A 27 6.93 7.37 3.41
N ASN A 28 6.51 7.73 4.61
CA ASN A 28 6.86 6.98 5.81
C ASN A 28 8.38 6.95 6.04
N GLN A 29 9.04 5.84 5.70
CA GLN A 29 10.48 5.73 5.88
C GLN A 29 10.86 5.93 7.34
N GLU A 30 10.02 5.43 8.24
CA GLU A 30 10.26 5.55 9.68
C GLU A 30 11.53 4.81 10.08
N ALA A 31 11.73 3.65 9.47
CA ALA A 31 12.91 2.82 9.77
C ALA A 31 13.31 1.99 8.56
N LYS A 32 14.56 1.53 8.56
CA LYS A 32 15.08 0.73 7.47
C LYS A 32 14.43 -0.65 7.45
N PRO A 33 14.49 -1.37 6.31
CA PRO A 33 13.89 -2.71 6.18
C PRO A 33 14.40 -3.68 7.24
N GLU A 34 13.50 -4.51 7.74
CA GLU A 34 13.84 -5.49 8.76
C GLU A 34 13.95 -6.90 8.16
N VAL A 35 14.11 -7.90 9.02
CA VAL A 35 14.23 -9.28 8.57
C VAL A 35 13.23 -10.17 9.31
N LYS A 36 12.94 -11.33 8.72
CA LYS A 36 12.01 -12.28 9.31
C LYS A 36 12.70 -13.59 9.67
N PRO A 37 12.16 -14.33 10.67
CA PRO A 37 12.73 -15.60 11.12
C PRO A 37 12.54 -16.72 10.09
N GLU A 38 12.87 -17.94 10.49
CA GLU A 38 12.73 -19.09 9.60
C GLU A 38 11.34 -19.14 8.97
N VAL A 39 11.27 -19.69 7.77
CA VAL A 39 10.01 -19.79 7.05
C VAL A 39 9.03 -20.75 7.75
N LYS A 40 7.81 -20.26 7.95
CA LYS A 40 6.77 -21.05 8.61
C LYS A 40 5.47 -20.96 7.81
N PRO A 41 4.59 -21.96 7.93
CA PRO A 41 3.31 -21.97 7.22
C PRO A 41 2.38 -20.85 7.69
N GLU A 42 1.69 -20.22 6.73
CA GLU A 42 0.77 -19.14 7.03
C GLU A 42 -0.26 -18.98 5.93
N THR A 43 -1.54 -19.07 6.30
CA THR A 43 -2.61 -18.93 5.32
C THR A 43 -2.66 -17.47 4.87
N HIS A 44 -3.39 -16.64 5.59
CA HIS A 44 -3.49 -15.24 5.25
C HIS A 44 -3.63 -14.43 6.54
N ILE A 45 -2.58 -13.71 6.90
CA ILE A 45 -2.58 -12.89 8.10
C ILE A 45 -1.73 -11.64 7.93
N ASN A 46 -2.26 -10.51 8.38
CA ASN A 46 -1.55 -9.24 8.30
C ASN A 46 -1.74 -8.42 9.57
N LEU A 47 -0.67 -8.27 10.34
CA LEU A 47 -0.73 -7.50 11.58
C LEU A 47 0.42 -6.49 11.65
N LYS A 48 0.09 -5.25 12.00
CA LYS A 48 1.08 -4.20 12.11
C LYS A 48 0.65 -3.14 13.11
N VAL A 49 1.58 -2.67 13.92
CA VAL A 49 1.29 -1.64 14.92
C VAL A 49 2.10 -0.38 14.67
N SER A 50 1.42 0.76 14.60
CA SER A 50 2.08 2.03 14.36
C SER A 50 1.30 3.19 15.01
N ASP A 51 2.04 4.19 15.45
CA ASP A 51 1.44 5.36 16.08
C ASP A 51 0.57 4.96 17.27
N GLY A 52 1.04 3.98 18.03
CA GLY A 52 0.31 3.51 19.19
C GLY A 52 -0.69 2.43 18.83
N SER A 53 -1.58 2.75 17.91
CA SER A 53 -2.61 1.80 17.48
C SER A 53 -3.52 2.41 16.41
N SER A 54 -2.99 3.34 15.63
CA SER A 54 -3.77 3.99 14.58
C SER A 54 -3.70 3.22 13.26
N GLU A 55 -2.86 2.18 13.21
CA GLU A 55 -2.73 1.38 12.00
C GLU A 55 -3.52 0.08 12.12
N ILE A 56 -4.30 -0.21 11.09
CA ILE A 56 -5.11 -1.41 11.06
C ILE A 56 -4.93 -2.15 9.74
N PHE A 57 -4.95 -3.48 9.79
CA PHE A 57 -4.78 -4.29 8.59
C PHE A 57 -6.06 -4.29 7.75
N PHE A 58 -5.94 -3.79 6.53
CA PHE A 58 -7.07 -3.73 5.61
C PHE A 58 -6.59 -3.79 4.17
N LYS A 59 -7.21 -4.63 3.35
CA LYS A 59 -6.84 -4.76 1.96
C LYS A 59 -7.28 -3.55 1.16
N ILE A 60 -6.39 -3.04 0.32
CA ILE A 60 -6.69 -1.88 -0.52
C ILE A 60 -5.84 -1.87 -1.78
N LYS A 61 -6.13 -0.92 -2.67
CA LYS A 61 -5.42 -0.79 -3.93
C LYS A 61 -3.93 -0.51 -3.69
N LYS A 62 -3.64 0.30 -2.68
CA LYS A 62 -2.25 0.64 -2.37
C LYS A 62 -1.45 -0.60 -2.01
N THR A 63 -2.05 -1.49 -1.24
CA THR A 63 -1.39 -2.72 -0.83
C THR A 63 -1.99 -3.92 -1.56
N THR A 64 -1.56 -4.10 -2.80
CA THR A 64 -2.05 -5.22 -3.61
C THR A 64 -0.89 -5.91 -4.32
N PRO A 65 -1.11 -7.14 -4.80
CA PRO A 65 -0.08 -7.91 -5.51
C PRO A 65 0.47 -7.18 -6.73
N LEU A 66 1.76 -7.37 -7.00
CA LEU A 66 2.41 -6.73 -8.13
C LEU A 66 1.80 -7.22 -9.44
N ARG A 67 1.23 -8.43 -9.40
CA ARG A 67 0.60 -9.01 -10.58
C ARG A 67 -0.50 -8.09 -11.08
N ARG A 68 -1.28 -7.53 -10.16
CA ARG A 68 -2.36 -6.64 -10.51
C ARG A 68 -1.83 -5.40 -11.24
N LEU A 69 -0.73 -4.86 -10.74
CA LEU A 69 -0.12 -3.68 -11.34
C LEU A 69 0.41 -4.00 -12.73
N MET A 70 1.03 -5.18 -12.86
CA MET A 70 1.59 -5.62 -14.13
C MET A 70 0.50 -5.75 -15.20
N GLU A 71 -0.64 -6.32 -14.81
CA GLU A 71 -1.75 -6.50 -15.73
C GLU A 71 -2.27 -5.16 -16.24
N ALA A 72 -2.29 -4.17 -15.35
CA ALA A 72 -2.78 -2.84 -15.71
C ALA A 72 -1.92 -2.25 -16.82
N PHE A 73 -0.61 -2.43 -16.73
CA PHE A 73 0.30 -1.92 -17.74
C PHE A 73 0.18 -2.71 -19.04
N ALA A 74 -0.02 -4.02 -18.92
CA ALA A 74 -0.15 -4.90 -20.07
C ALA A 74 -1.35 -4.55 -20.95
N LYS A 75 -2.51 -4.27 -20.34
CA LYS A 75 -3.70 -3.93 -21.12
C LYS A 75 -3.52 -2.62 -21.87
N ARG A 76 -2.67 -1.75 -21.35
CA ARG A 76 -2.41 -0.46 -22.01
C ARG A 76 -1.79 -0.69 -23.37
N GLN A 77 -0.90 -1.68 -23.44
CA GLN A 77 -0.21 -2.02 -24.69
C GLN A 77 -1.12 -2.82 -25.62
N GLY A 78 -2.30 -3.20 -25.14
CA GLY A 78 -3.22 -3.97 -25.95
C GLY A 78 -2.95 -5.46 -25.92
N LYS A 79 -2.12 -5.91 -24.98
CA LYS A 79 -1.80 -7.32 -24.85
C LYS A 79 -1.83 -7.75 -23.38
N GLU A 80 -2.36 -8.95 -23.13
CA GLU A 80 -2.45 -9.47 -21.77
C GLU A 80 -1.13 -10.09 -21.32
N MET A 81 -0.81 -9.90 -20.05
CA MET A 81 0.43 -10.43 -19.48
C MET A 81 0.42 -11.96 -19.53
N ASP A 82 -0.73 -12.56 -19.23
CA ASP A 82 -0.87 -14.01 -19.23
C ASP A 82 -0.59 -14.60 -20.61
N SER A 83 -0.88 -13.82 -21.65
CA SER A 83 -0.66 -14.29 -23.02
C SER A 83 0.83 -14.26 -23.37
N LEU A 84 1.64 -13.60 -22.55
CA LEU A 84 3.08 -13.51 -22.78
C LEU A 84 3.86 -14.00 -21.56
N ARG A 85 5.16 -14.24 -21.75
CA ARG A 85 6.01 -14.71 -20.66
C ARG A 85 7.28 -13.88 -20.57
N PHE A 86 7.81 -13.72 -19.36
CA PHE A 86 9.03 -12.95 -19.15
C PHE A 86 10.20 -13.87 -18.82
N LEU A 87 11.23 -13.81 -19.64
CA LEU A 87 12.42 -14.63 -19.44
C LEU A 87 13.66 -13.75 -19.21
N TYR A 88 14.53 -14.18 -18.29
CA TYR A 88 15.74 -13.44 -17.98
C TYR A 88 16.97 -14.30 -18.21
N ASP A 89 17.84 -13.85 -19.12
CA ASP A 89 19.06 -14.58 -19.44
C ASP A 89 18.76 -16.05 -19.74
N GLY A 90 17.66 -16.29 -20.45
CA GLY A 90 17.30 -17.65 -20.79
C GLY A 90 16.79 -18.44 -19.60
N ILE A 91 16.39 -17.74 -18.55
CA ILE A 91 15.88 -18.39 -17.34
C ILE A 91 14.45 -17.94 -17.02
N ARG A 92 13.56 -18.91 -16.82
CA ARG A 92 12.18 -18.62 -16.51
C ARG A 92 12.06 -18.03 -15.11
N ILE A 93 11.11 -17.10 -14.93
CA ILE A 93 10.91 -16.47 -13.64
C ILE A 93 10.41 -17.49 -12.61
N GLN A 94 10.90 -17.37 -11.38
CA GLN A 94 10.51 -18.28 -10.30
C GLN A 94 9.22 -17.85 -9.63
N ALA A 95 8.51 -18.82 -9.09
CA ALA A 95 7.26 -18.58 -8.39
C ALA A 95 7.44 -17.68 -7.17
N ASP A 96 8.53 -17.90 -6.44
CA ASP A 96 8.81 -17.11 -5.24
C ASP A 96 9.02 -15.63 -5.59
N GLN A 97 9.45 -15.36 -6.81
CA GLN A 97 9.69 -13.99 -7.24
C GLN A 97 8.39 -13.19 -7.28
N THR A 98 7.33 -13.84 -7.75
CA THR A 98 6.02 -13.18 -7.84
C THR A 98 5.32 -13.15 -6.48
N PRO A 99 4.78 -11.99 -6.07
CA PRO A 99 4.08 -11.85 -4.78
C PRO A 99 2.75 -12.61 -4.75
N GLU A 100 2.34 -13.13 -5.91
CA GLU A 100 1.08 -13.87 -6.02
C GLU A 100 1.08 -15.07 -5.07
N ASP A 101 2.23 -15.73 -4.96
CA ASP A 101 2.35 -16.89 -4.09
C ASP A 101 2.04 -16.50 -2.64
N LEU A 102 2.50 -15.32 -2.24
CA LEU A 102 2.27 -14.83 -0.89
C LEU A 102 0.81 -14.46 -0.67
N ASP A 103 0.08 -14.25 -1.77
CA ASP A 103 -1.33 -13.89 -1.70
C ASP A 103 -1.52 -12.62 -0.87
N MET A 104 -0.58 -11.70 -0.99
CA MET A 104 -0.62 -10.44 -0.26
C MET A 104 -0.98 -10.65 1.21
N GLU A 105 0.05 -10.89 2.03
CA GLU A 105 -0.15 -11.11 3.45
C GLU A 105 1.03 -10.57 4.24
N ASP A 106 0.76 -10.14 5.47
CA ASP A 106 1.81 -9.59 6.33
C ASP A 106 2.63 -8.53 5.59
N ASN A 107 1.93 -7.53 5.07
CA ASN A 107 2.58 -6.46 4.33
C ASN A 107 3.80 -5.91 5.08
N ASP A 108 4.76 -5.40 4.32
CA ASP A 108 5.98 -4.85 4.90
C ASP A 108 5.98 -3.33 4.86
N ILE A 109 4.79 -2.76 4.92
CA ILE A 109 4.63 -1.30 4.89
C ILE A 109 3.95 -0.79 6.14
N ILE A 110 4.48 0.29 6.70
CA ILE A 110 3.93 0.88 7.91
C ILE A 110 3.48 2.32 7.69
N GLU A 111 2.25 2.62 8.08
CA GLU A 111 1.71 3.96 7.91
C GLU A 111 1.48 4.63 9.26
N ALA A 112 1.81 5.92 9.35
CA ALA A 112 1.65 6.68 10.59
C ALA A 112 1.39 8.15 10.29
N HIS A 113 0.76 8.83 11.24
CA HIS A 113 0.45 10.24 11.07
C HIS A 113 1.49 11.12 11.77
N ARG A 114 2.07 12.04 11.01
CA ARG A 114 3.08 12.95 11.56
C ARG A 114 2.79 14.39 11.16
N GLU A 115 3.14 15.33 12.03
CA GLU A 115 2.93 16.74 11.76
C GLU A 115 3.87 17.25 10.67
N GLN A 116 3.33 18.03 9.75
CA GLN A 116 4.11 18.58 8.66
C GLN A 116 3.91 20.08 8.53
N ILE A 117 4.87 20.76 7.90
CA ILE A 117 4.79 22.20 7.73
C ILE A 117 5.16 22.61 6.31
N GLY A 118 4.44 23.57 5.75
CA GLY A 118 4.71 24.02 4.40
C GLY A 118 5.85 25.02 4.35
N GLY A 119 6.21 25.45 3.15
CA GLY A 119 7.29 26.40 2.99
C GLY A 119 8.65 25.79 3.27
N MET A 1 -44.04 74.18 -4.73
CA MET A 1 -43.07 74.75 -3.75
C MET A 1 -41.96 73.76 -3.44
N GLY A 2 -40.82 74.26 -2.97
CA GLY A 2 -39.71 73.40 -2.64
C GLY A 2 -38.51 74.17 -2.11
N SER A 3 -37.44 73.46 -1.81
CA SER A 3 -36.23 74.08 -1.30
C SER A 3 -35.00 73.21 -1.58
N SER A 4 -33.83 73.81 -1.48
CA SER A 4 -32.57 73.08 -1.73
C SER A 4 -31.62 73.24 -0.54
N HIS A 5 -30.81 72.20 -0.31
CA HIS A 5 -29.86 72.21 0.80
C HIS A 5 -28.49 71.73 0.33
N HIS A 6 -27.44 72.25 0.95
CA HIS A 6 -26.08 71.86 0.59
C HIS A 6 -25.28 71.51 1.84
N HIS A 7 -24.39 70.53 1.70
CA HIS A 7 -23.56 70.09 2.82
C HIS A 7 -22.27 69.43 2.31
N HIS A 8 -21.30 69.27 3.20
CA HIS A 8 -20.03 68.65 2.85
C HIS A 8 -19.35 68.06 4.07
N HIS A 9 -18.37 67.19 3.84
CA HIS A 9 -17.64 66.56 4.93
C HIS A 9 -16.26 66.10 4.46
N HIS A 10 -15.38 65.80 5.41
CA HIS A 10 -14.03 65.35 5.09
C HIS A 10 -14.07 64.02 4.34
N GLY A 11 -14.97 63.14 4.76
CA GLY A 11 -15.09 61.84 4.11
C GLY A 11 -13.81 61.05 4.14
N SER A 12 -13.40 60.52 2.99
CA SER A 12 -12.18 59.74 2.88
C SER A 12 -12.28 58.46 3.70
N GLY A 13 -11.47 57.46 3.34
CA GLY A 13 -11.49 56.19 4.05
C GLY A 13 -12.75 55.40 3.79
N LEU A 14 -13.39 55.67 2.65
CA LEU A 14 -14.61 54.98 2.29
C LEU A 14 -14.44 54.19 1.00
N VAL A 15 -15.07 53.03 0.92
CA VAL A 15 -14.98 52.19 -0.27
C VAL A 15 -13.53 51.99 -0.70
N PRO A 16 -12.76 51.22 0.08
CA PRO A 16 -11.35 50.94 -0.22
C PRO A 16 -11.19 50.04 -1.44
N ARG A 17 -10.08 50.21 -2.15
CA ARG A 17 -9.81 49.41 -3.34
C ARG A 17 -8.43 48.78 -3.25
N GLY A 18 -7.46 49.52 -2.72
CA GLY A 18 -6.12 49.02 -2.60
C GLY A 18 -6.04 47.78 -1.72
N SER A 19 -6.81 47.78 -0.63
CA SER A 19 -6.83 46.65 0.28
C SER A 19 -7.38 45.40 -0.40
N ALA A 20 -6.79 44.25 -0.09
CA ALA A 20 -7.23 42.98 -0.67
C ALA A 20 -6.91 41.81 0.25
N SER A 21 -7.72 40.76 0.16
CA SER A 21 -7.52 39.56 0.98
C SER A 21 -6.22 38.86 0.61
N MET A 22 -5.59 38.25 1.61
CA MET A 22 -4.33 37.53 1.40
C MET A 22 -4.40 36.13 1.99
N SER A 23 -3.99 35.13 1.20
CA SER A 23 -4.00 33.75 1.66
C SER A 23 -2.89 32.95 1.00
N ASP A 24 -2.30 32.03 1.77
CA ASP A 24 -1.22 31.19 1.26
C ASP A 24 -1.78 29.91 0.64
N SER A 25 -1.76 29.84 -0.69
CA SER A 25 -2.26 28.67 -1.40
C SER A 25 -1.44 27.42 -1.05
N GLU A 26 -0.13 27.60 -0.94
CA GLU A 26 0.76 26.50 -0.61
C GLU A 26 0.40 25.90 0.76
N VAL A 27 0.35 24.58 0.83
CA VAL A 27 0.02 23.88 2.07
C VAL A 27 1.17 22.99 2.52
N ASN A 28 1.60 23.17 3.77
CA ASN A 28 2.69 22.40 4.33
C ASN A 28 2.25 20.96 4.63
N GLN A 29 3.21 20.04 4.62
CA GLN A 29 2.91 18.64 4.88
C GLN A 29 1.87 18.11 3.91
N GLU A 30 2.05 18.40 2.64
CA GLU A 30 1.12 17.94 1.60
C GLU A 30 1.08 16.42 1.55
N ALA A 31 2.25 15.81 1.66
CA ALA A 31 2.36 14.35 1.62
C ALA A 31 3.48 13.88 2.53
N LYS A 32 3.36 12.65 3.03
CA LYS A 32 4.37 12.07 3.91
C LYS A 32 4.80 10.69 3.42
N PRO A 33 6.05 10.28 3.74
CA PRO A 33 6.57 8.97 3.33
C PRO A 33 5.94 7.82 4.12
N GLU A 34 5.92 6.64 3.51
CA GLU A 34 5.34 5.46 4.15
C GLU A 34 6.06 4.19 3.71
N VAL A 35 6.05 3.18 4.59
CA VAL A 35 6.69 1.90 4.33
C VAL A 35 8.03 2.04 3.60
N LYS A 36 9.07 2.38 4.35
CA LYS A 36 10.40 2.56 3.77
C LYS A 36 10.90 1.28 3.07
N PRO A 37 10.86 0.11 3.74
CA PRO A 37 11.32 -1.14 3.12
C PRO A 37 10.33 -1.67 2.07
N GLU A 38 10.84 -2.44 1.11
CA GLU A 38 10.02 -2.99 0.05
C GLU A 38 10.21 -4.50 -0.04
N VAL A 39 9.12 -5.21 -0.31
CA VAL A 39 9.17 -6.68 -0.43
C VAL A 39 8.65 -7.12 -1.80
N LYS A 40 9.45 -7.92 -2.49
CA LYS A 40 9.07 -8.42 -3.81
C LYS A 40 8.57 -9.86 -3.72
N PRO A 41 7.68 -10.27 -4.65
CA PRO A 41 7.13 -11.63 -4.66
C PRO A 41 8.16 -12.66 -5.11
N GLU A 42 8.00 -13.89 -4.64
CA GLU A 42 8.92 -14.96 -5.00
C GLU A 42 10.37 -14.55 -4.74
N THR A 43 10.64 -14.10 -3.51
CA THR A 43 11.98 -13.66 -3.14
C THR A 43 13.03 -14.71 -3.52
N HIS A 44 13.09 -15.78 -2.75
CA HIS A 44 14.05 -16.85 -3.02
C HIS A 44 13.50 -18.20 -2.57
N ILE A 45 13.25 -19.06 -3.54
CA ILE A 45 12.72 -20.39 -3.25
C ILE A 45 13.28 -21.42 -4.23
N ASN A 46 13.66 -22.57 -3.70
CA ASN A 46 14.20 -23.65 -4.52
C ASN A 46 13.41 -24.93 -4.33
N LEU A 47 13.05 -25.57 -5.44
CA LEU A 47 12.29 -26.81 -5.40
C LEU A 47 12.64 -27.70 -6.60
N LYS A 48 12.18 -28.95 -6.56
CA LYS A 48 12.46 -29.87 -7.64
C LYS A 48 11.20 -30.63 -8.06
N VAL A 49 10.94 -30.65 -9.36
CA VAL A 49 9.77 -31.34 -9.91
C VAL A 49 10.18 -32.28 -11.03
N SER A 50 9.73 -33.53 -10.95
CA SER A 50 10.06 -34.51 -11.97
C SER A 50 8.84 -35.30 -12.40
N ASP A 51 8.53 -35.24 -13.68
CA ASP A 51 7.38 -35.96 -14.23
C ASP A 51 7.83 -37.26 -14.88
N GLY A 52 9.07 -37.27 -15.38
CA GLY A 52 9.61 -38.44 -16.02
C GLY A 52 10.96 -38.84 -15.45
N SER A 53 12.04 -38.44 -16.13
CA SER A 53 13.39 -38.76 -15.68
C SER A 53 14.27 -37.52 -15.60
N SER A 54 13.68 -36.38 -15.24
CA SER A 54 14.43 -35.14 -15.13
C SER A 54 13.91 -34.27 -13.99
N GLU A 55 14.76 -33.35 -13.53
CA GLU A 55 14.39 -32.45 -12.43
C GLU A 55 14.73 -31.00 -12.78
N ILE A 56 13.85 -30.08 -12.39
CA ILE A 56 14.06 -28.67 -12.66
C ILE A 56 13.70 -27.81 -11.45
N PHE A 57 14.21 -26.58 -11.42
CA PHE A 57 13.95 -25.67 -10.32
C PHE A 57 13.65 -24.26 -10.84
N PHE A 58 12.51 -23.72 -10.43
CA PHE A 58 12.10 -22.38 -10.85
C PHE A 58 11.11 -21.77 -9.85
N LYS A 59 10.91 -20.46 -9.95
CA LYS A 59 9.98 -19.78 -9.05
C LYS A 59 8.53 -20.11 -9.40
N ILE A 60 7.72 -20.33 -8.37
CA ILE A 60 6.31 -20.67 -8.59
C ILE A 60 5.38 -19.96 -7.61
N LYS A 61 4.21 -19.57 -8.11
CA LYS A 61 3.20 -18.88 -7.32
C LYS A 61 2.65 -19.79 -6.21
N LYS A 62 2.49 -21.07 -6.53
CA LYS A 62 1.97 -22.04 -5.58
C LYS A 62 2.86 -22.15 -4.34
N THR A 63 4.16 -22.14 -4.55
CA THR A 63 5.11 -22.23 -3.44
C THR A 63 5.77 -20.89 -3.19
N THR A 64 5.03 -20.00 -2.53
CA THR A 64 5.53 -18.67 -2.22
C THR A 64 5.18 -18.30 -0.77
N PRO A 65 5.82 -17.24 -0.23
CA PRO A 65 5.58 -16.78 1.14
C PRO A 65 4.12 -16.45 1.41
N LEU A 66 3.69 -16.68 2.65
CA LEU A 66 2.31 -16.40 3.06
C LEU A 66 2.01 -14.92 2.96
N ARG A 67 3.03 -14.09 3.14
CA ARG A 67 2.86 -12.64 3.06
C ARG A 67 2.29 -12.25 1.71
N ARG A 68 2.79 -12.89 0.66
CA ARG A 68 2.33 -12.62 -0.69
C ARG A 68 0.84 -12.91 -0.82
N LEU A 69 0.41 -14.04 -0.27
CA LEU A 69 -0.99 -14.43 -0.31
C LEU A 69 -1.86 -13.43 0.43
N MET A 70 -1.36 -12.96 1.57
CA MET A 70 -2.09 -11.99 2.38
C MET A 70 -2.29 -10.68 1.60
N GLU A 71 -1.24 -10.28 0.89
CA GLU A 71 -1.29 -9.04 0.10
C GLU A 71 -2.37 -9.14 -0.98
N ALA A 72 -2.42 -10.28 -1.65
CA ALA A 72 -3.40 -10.50 -2.71
C ALA A 72 -4.82 -10.42 -2.16
N PHE A 73 -5.02 -11.01 -0.99
CA PHE A 73 -6.32 -11.02 -0.34
C PHE A 73 -6.79 -9.60 -0.02
N ALA A 74 -5.91 -8.81 0.58
CA ALA A 74 -6.24 -7.44 0.96
C ALA A 74 -6.59 -6.58 -0.25
N LYS A 75 -5.80 -6.68 -1.32
CA LYS A 75 -6.05 -5.89 -2.52
C LYS A 75 -7.31 -6.37 -3.24
N ARG A 76 -7.65 -7.65 -3.05
CA ARG A 76 -8.83 -8.23 -3.67
C ARG A 76 -10.09 -7.51 -3.21
N GLN A 77 -10.14 -7.22 -1.90
CA GLN A 77 -11.30 -6.54 -1.32
C GLN A 77 -11.13 -5.01 -1.38
N GLY A 78 -10.02 -4.54 -1.94
CA GLY A 78 -9.78 -3.11 -2.04
C GLY A 78 -9.46 -2.49 -0.70
N LYS A 79 -8.88 -3.27 0.20
CA LYS A 79 -8.52 -2.79 1.53
C LYS A 79 -7.01 -2.87 1.74
N GLU A 80 -6.49 -1.91 2.51
CA GLU A 80 -5.05 -1.87 2.78
C GLU A 80 -4.63 -3.03 3.68
N MET A 81 -3.43 -3.54 3.44
CA MET A 81 -2.91 -4.64 4.24
C MET A 81 -2.71 -4.24 5.69
N ASP A 82 -2.28 -3.00 5.89
CA ASP A 82 -2.05 -2.49 7.24
C ASP A 82 -3.36 -2.44 8.03
N SER A 83 -4.47 -2.19 7.34
CA SER A 83 -5.77 -2.13 7.99
C SER A 83 -6.28 -3.52 8.36
N LEU A 84 -5.68 -4.55 7.76
CA LEU A 84 -6.08 -5.92 8.03
C LEU A 84 -5.00 -6.66 8.81
N ARG A 85 -5.38 -7.23 9.95
CA ARG A 85 -4.43 -7.97 10.79
C ARG A 85 -4.97 -9.35 11.12
N PHE A 86 -4.06 -10.31 11.28
CA PHE A 86 -4.45 -11.68 11.60
C PHE A 86 -3.95 -12.08 12.98
N LEU A 87 -4.88 -12.49 13.84
CA LEU A 87 -4.55 -12.90 15.19
C LEU A 87 -4.83 -14.39 15.40
N TYR A 88 -3.92 -15.07 16.07
CA TYR A 88 -4.08 -16.50 16.33
C TYR A 88 -3.86 -16.81 17.82
N ASP A 89 -4.88 -17.39 18.44
CA ASP A 89 -4.80 -17.74 19.86
C ASP A 89 -4.36 -16.55 20.70
N GLY A 90 -4.83 -15.36 20.33
CA GLY A 90 -4.49 -14.16 21.06
C GLY A 90 -3.05 -13.71 20.81
N ILE A 91 -2.46 -14.20 19.72
CA ILE A 91 -1.09 -13.86 19.37
C ILE A 91 -1.03 -13.17 18.01
N ARG A 92 -0.41 -12.00 17.98
CA ARG A 92 -0.28 -11.24 16.73
C ARG A 92 0.62 -11.97 15.74
N ILE A 93 0.43 -11.69 14.46
CA ILE A 93 1.22 -12.33 13.41
C ILE A 93 2.71 -12.05 13.60
N GLN A 94 3.52 -13.10 13.46
CA GLN A 94 4.96 -12.96 13.63
C GLN A 94 5.73 -13.55 12.46
N ALA A 95 6.93 -13.03 12.26
CA ALA A 95 7.79 -13.49 11.17
C ALA A 95 8.12 -14.97 11.31
N ASP A 96 8.38 -15.41 12.53
CA ASP A 96 8.70 -16.81 12.79
C ASP A 96 7.48 -17.71 12.63
N GLN A 97 6.29 -17.12 12.67
CA GLN A 97 5.05 -17.88 12.52
C GLN A 97 4.97 -18.54 11.14
N THR A 98 5.41 -17.81 10.12
CA THR A 98 5.39 -18.31 8.75
C THR A 98 6.22 -19.60 8.61
N PRO A 99 5.74 -20.60 7.83
CA PRO A 99 6.48 -21.86 7.64
C PRO A 99 7.90 -21.66 7.15
N GLU A 100 8.13 -20.53 6.47
CA GLU A 100 9.45 -20.21 5.94
C GLU A 100 10.41 -19.70 7.03
N ASP A 101 9.95 -19.68 8.28
CA ASP A 101 10.78 -19.21 9.39
C ASP A 101 12.05 -20.05 9.51
N LEU A 102 12.02 -21.26 8.96
CA LEU A 102 13.18 -22.15 9.01
C LEU A 102 14.29 -21.67 8.07
N ASP A 103 13.93 -20.82 7.11
CA ASP A 103 14.90 -20.29 6.17
C ASP A 103 15.60 -21.43 5.41
N MET A 104 14.83 -22.45 5.05
CA MET A 104 15.37 -23.59 4.32
C MET A 104 14.75 -23.70 2.94
N GLU A 105 15.57 -24.05 1.95
CA GLU A 105 15.10 -24.18 0.58
C GLU A 105 15.97 -25.15 -0.20
N ASP A 106 15.46 -25.61 -1.35
CA ASP A 106 16.18 -26.54 -2.20
C ASP A 106 16.27 -27.93 -1.56
N ASN A 107 15.76 -28.93 -2.28
CA ASN A 107 15.77 -30.31 -1.80
C ASN A 107 15.01 -30.45 -0.49
N ASP A 108 14.03 -29.58 -0.29
CA ASP A 108 13.23 -29.62 0.93
C ASP A 108 11.91 -30.34 0.69
N ILE A 109 11.42 -30.20 -0.53
CA ILE A 109 10.16 -30.82 -0.92
C ILE A 109 10.20 -31.26 -2.39
N ILE A 110 9.66 -32.45 -2.65
CA ILE A 110 9.63 -32.99 -4.01
C ILE A 110 8.19 -33.22 -4.46
N GLU A 111 7.82 -32.61 -5.58
CA GLU A 111 6.47 -32.74 -6.11
C GLU A 111 6.51 -33.16 -7.57
N ALA A 112 5.74 -34.20 -7.91
CA ALA A 112 5.68 -34.68 -9.29
C ALA A 112 4.23 -34.83 -9.75
N HIS A 113 3.83 -33.97 -10.68
CA HIS A 113 2.48 -34.01 -11.21
C HIS A 113 2.35 -33.14 -12.46
N ARG A 114 1.62 -33.62 -13.44
CA ARG A 114 1.43 -32.88 -14.68
C ARG A 114 0.43 -31.73 -14.47
N GLU A 115 0.74 -30.58 -15.05
CA GLU A 115 -0.12 -29.40 -14.92
C GLU A 115 -1.25 -29.46 -15.94
N GLN A 116 -2.43 -29.02 -15.52
CA GLN A 116 -3.60 -29.00 -16.38
C GLN A 116 -4.19 -27.60 -16.49
N ILE A 117 -4.33 -27.11 -17.73
CA ILE A 117 -4.86 -25.78 -17.98
C ILE A 117 -4.24 -24.73 -17.06
N GLY A 118 -3.08 -24.22 -17.47
CA GLY A 118 -2.40 -23.21 -16.67
C GLY A 118 -1.72 -23.81 -15.45
N GLY A 119 -1.37 -22.95 -14.49
CA GLY A 119 -0.72 -23.41 -13.28
C GLY A 119 0.74 -23.03 -13.23
N MET A 1 17.63 46.78 -5.11
CA MET A 1 17.66 45.42 -4.53
C MET A 1 16.61 45.28 -3.44
N GLY A 2 16.56 44.10 -2.82
CA GLY A 2 15.60 43.86 -1.76
C GLY A 2 14.20 43.56 -2.29
N SER A 3 14.09 43.28 -3.58
CA SER A 3 12.81 42.99 -4.19
C SER A 3 12.28 41.63 -3.73
N SER A 4 10.98 41.42 -3.89
CA SER A 4 10.36 40.16 -3.48
C SER A 4 9.58 39.55 -4.64
N HIS A 5 9.54 38.22 -4.67
CA HIS A 5 8.83 37.49 -5.72
C HIS A 5 7.53 36.89 -5.20
N HIS A 6 7.10 37.31 -4.02
CA HIS A 6 5.87 36.79 -3.43
C HIS A 6 4.64 37.31 -4.17
N HIS A 7 3.60 36.49 -4.25
CA HIS A 7 2.37 36.87 -4.93
C HIS A 7 1.16 36.50 -4.08
N HIS A 8 0.06 37.24 -4.28
CA HIS A 8 -1.17 36.98 -3.54
C HIS A 8 -2.19 36.27 -4.41
N HIS A 9 -2.58 35.07 -4.01
CA HIS A 9 -3.55 34.28 -4.74
C HIS A 9 -4.96 34.83 -4.57
N HIS A 10 -5.78 34.70 -5.61
CA HIS A 10 -7.15 35.18 -5.57
C HIS A 10 -7.96 34.43 -4.50
N GLY A 11 -7.71 33.13 -4.39
CA GLY A 11 -8.43 32.33 -3.41
C GLY A 11 -9.78 31.88 -3.91
N SER A 12 -10.55 31.24 -3.03
CA SER A 12 -11.88 30.74 -3.38
C SER A 12 -12.81 31.89 -3.74
N GLY A 13 -13.69 31.64 -4.71
CA GLY A 13 -14.63 32.65 -5.14
C GLY A 13 -16.01 32.09 -5.41
N LEU A 14 -16.21 31.60 -6.63
CA LEU A 14 -17.50 31.03 -7.03
C LEU A 14 -17.85 29.83 -6.17
N VAL A 15 -16.87 28.97 -5.96
CA VAL A 15 -17.06 27.77 -5.16
C VAL A 15 -15.89 27.55 -4.19
N PRO A 16 -16.17 27.28 -2.90
CA PRO A 16 -15.11 27.04 -1.91
C PRO A 16 -14.34 25.76 -2.17
N ARG A 17 -14.86 24.63 -1.69
CA ARG A 17 -14.21 23.35 -1.88
C ARG A 17 -15.09 22.22 -1.34
N GLY A 18 -15.09 21.09 -2.05
CA GLY A 18 -15.88 19.95 -1.62
C GLY A 18 -17.32 20.00 -2.11
N SER A 19 -17.72 21.15 -2.67
CA SER A 19 -19.08 21.31 -3.18
C SER A 19 -19.28 20.49 -4.46
N ALA A 20 -20.54 20.23 -4.80
CA ALA A 20 -20.85 19.46 -5.99
C ALA A 20 -20.16 18.10 -5.98
N SER A 21 -20.23 17.42 -4.84
CA SER A 21 -19.61 16.12 -4.69
C SER A 21 -18.09 16.22 -4.81
N MET A 22 -17.44 15.12 -5.15
CA MET A 22 -15.98 15.09 -5.29
C MET A 22 -15.58 14.89 -6.75
N SER A 23 -14.73 15.78 -7.26
CA SER A 23 -14.27 15.69 -8.64
C SER A 23 -13.45 14.41 -8.85
N ASP A 24 -13.66 13.77 -9.99
CA ASP A 24 -12.94 12.54 -10.31
C ASP A 24 -11.44 12.79 -10.40
N SER A 25 -11.09 13.93 -10.98
CA SER A 25 -9.69 14.30 -11.13
C SER A 25 -9.01 14.47 -9.78
N GLU A 26 -9.73 15.08 -8.84
CA GLU A 26 -9.20 15.30 -7.50
C GLU A 26 -8.91 13.97 -6.79
N VAL A 27 -7.75 13.88 -6.18
CA VAL A 27 -7.35 12.67 -5.47
C VAL A 27 -6.86 13.00 -4.06
N ASN A 28 -6.90 12.00 -3.18
CA ASN A 28 -6.45 12.17 -1.81
C ASN A 28 -6.24 10.82 -1.12
N GLN A 29 -5.50 10.83 -0.03
CA GLN A 29 -5.22 9.60 0.72
C GLN A 29 -4.59 8.55 -0.19
N GLU A 30 -3.58 8.96 -0.95
CA GLU A 30 -2.88 8.05 -1.86
C GLU A 30 -2.01 7.08 -1.09
N ALA A 31 -1.33 6.22 -1.84
CA ALA A 31 -0.44 5.22 -1.26
C ALA A 31 0.64 5.88 -0.40
N LYS A 32 0.96 5.25 0.73
CA LYS A 32 1.98 5.77 1.64
C LYS A 32 3.34 5.16 1.34
N PRO A 33 4.43 5.88 1.65
CA PRO A 33 5.79 5.40 1.41
C PRO A 33 6.19 4.28 2.37
N GLU A 34 7.11 3.42 1.92
CA GLU A 34 7.57 2.30 2.74
C GLU A 34 8.85 2.68 3.49
N VAL A 35 8.82 2.54 4.81
CA VAL A 35 9.96 2.86 5.64
C VAL A 35 10.14 1.83 6.75
N LYS A 36 10.41 0.58 6.37
CA LYS A 36 10.60 -0.49 7.34
C LYS A 36 11.89 -1.26 7.06
N PRO A 37 12.46 -1.93 8.07
CA PRO A 37 13.69 -2.71 7.92
C PRO A 37 13.57 -3.77 6.82
N GLU A 38 14.66 -3.96 6.08
CA GLU A 38 14.69 -4.94 5.00
C GLU A 38 15.43 -6.21 5.43
N VAL A 39 14.74 -7.34 5.34
CA VAL A 39 15.33 -8.62 5.72
C VAL A 39 14.99 -9.71 4.70
N LYS A 40 15.83 -10.75 4.65
CA LYS A 40 15.61 -11.86 3.73
C LYS A 40 15.92 -13.19 4.40
N PRO A 41 15.20 -13.50 5.49
CA PRO A 41 15.39 -14.76 6.23
C PRO A 41 14.90 -15.98 5.47
N GLU A 42 15.56 -17.11 5.70
CA GLU A 42 15.20 -18.37 5.04
C GLU A 42 14.15 -19.14 5.84
N THR A 43 13.89 -18.70 7.07
CA THR A 43 12.91 -19.36 7.93
C THR A 43 11.52 -19.32 7.30
N HIS A 44 11.14 -18.15 6.78
CA HIS A 44 9.84 -17.99 6.15
C HIS A 44 9.99 -17.80 4.64
N ILE A 45 9.40 -18.71 3.87
CA ILE A 45 9.45 -18.64 2.42
C ILE A 45 8.27 -19.36 1.80
N ASN A 46 8.04 -19.12 0.52
CA ASN A 46 6.94 -19.74 -0.20
C ASN A 46 7.36 -20.18 -1.60
N LEU A 47 7.15 -21.45 -1.90
CA LEU A 47 7.51 -21.99 -3.21
C LEU A 47 6.25 -22.28 -4.02
N LYS A 48 6.24 -21.84 -5.28
CA LYS A 48 5.09 -22.05 -6.16
C LYS A 48 5.52 -22.32 -7.60
N VAL A 49 4.82 -23.24 -8.25
CA VAL A 49 5.12 -23.59 -9.63
C VAL A 49 4.24 -22.79 -10.59
N SER A 50 4.87 -22.07 -11.51
CA SER A 50 4.14 -21.25 -12.46
C SER A 50 4.55 -21.59 -13.90
N ASP A 51 3.59 -21.49 -14.82
CA ASP A 51 3.80 -21.76 -16.24
C ASP A 51 3.70 -23.27 -16.56
N GLY A 52 4.13 -24.11 -15.63
CA GLY A 52 4.06 -25.55 -15.84
C GLY A 52 5.32 -26.10 -16.48
N SER A 53 6.20 -25.22 -16.96
CA SER A 53 7.43 -25.64 -17.59
C SER A 53 8.63 -25.49 -16.65
N SER A 54 8.47 -24.65 -15.63
CA SER A 54 9.54 -24.43 -14.66
C SER A 54 8.97 -23.92 -13.33
N GLU A 55 9.64 -24.30 -12.24
CA GLU A 55 9.21 -23.88 -10.91
C GLU A 55 10.12 -22.77 -10.38
N ILE A 56 9.53 -21.65 -10.01
CA ILE A 56 10.28 -20.51 -9.50
C ILE A 56 9.61 -19.88 -8.28
N PHE A 57 10.38 -19.10 -7.53
CA PHE A 57 9.87 -18.43 -6.34
C PHE A 57 10.37 -16.99 -6.29
N PHE A 58 9.65 -16.12 -5.59
CA PHE A 58 10.03 -14.72 -5.47
C PHE A 58 9.97 -14.25 -4.03
N LYS A 59 11.06 -13.63 -3.57
CA LYS A 59 11.15 -13.13 -2.21
C LYS A 59 11.39 -11.62 -2.20
N ILE A 60 10.71 -10.91 -1.31
CA ILE A 60 10.86 -9.47 -1.20
C ILE A 60 11.53 -9.08 0.12
N LYS A 61 12.58 -8.27 0.02
CA LYS A 61 13.31 -7.82 1.19
C LYS A 61 12.41 -6.98 2.10
N LYS A 62 11.61 -6.13 1.48
CA LYS A 62 10.69 -5.27 2.22
C LYS A 62 9.49 -6.05 2.73
N THR A 63 8.93 -5.61 3.85
CA THR A 63 7.77 -6.28 4.44
C THR A 63 6.50 -5.52 4.13
N THR A 64 5.56 -6.18 3.45
CA THR A 64 4.29 -5.56 3.10
C THR A 64 3.11 -6.33 3.72
N PRO A 65 2.54 -5.84 4.84
CA PRO A 65 1.40 -6.50 5.49
C PRO A 65 0.10 -6.30 4.73
N LEU A 66 -0.83 -7.23 4.92
CA LEU A 66 -2.13 -7.16 4.25
C LEU A 66 -2.95 -5.99 4.78
N ARG A 67 -2.71 -5.62 6.03
CA ARG A 67 -3.43 -4.51 6.65
C ARG A 67 -3.20 -3.22 5.88
N ARG A 68 -1.96 -3.01 5.42
CA ARG A 68 -1.63 -1.80 4.67
C ARG A 68 -2.50 -1.71 3.42
N LEU A 69 -2.60 -2.83 2.71
CA LEU A 69 -3.40 -2.89 1.49
C LEU A 69 -4.87 -2.68 1.82
N MET A 70 -5.30 -3.29 2.90
CA MET A 70 -6.69 -3.19 3.35
C MET A 70 -7.01 -1.77 3.80
N GLU A 71 -6.00 -1.06 4.29
CA GLU A 71 -6.19 0.31 4.75
C GLU A 71 -6.67 1.20 3.62
N ALA A 72 -6.08 1.04 2.45
CA ALA A 72 -6.46 1.83 1.28
C ALA A 72 -7.93 1.59 0.91
N PHE A 73 -8.35 0.33 0.98
CA PHE A 73 -9.72 -0.04 0.65
C PHE A 73 -10.67 0.25 1.82
N ALA A 74 -10.13 0.30 3.03
CA ALA A 74 -10.93 0.56 4.22
C ALA A 74 -11.65 1.90 4.15
N LYS A 75 -10.96 2.93 3.69
CA LYS A 75 -11.56 4.25 3.58
C LYS A 75 -12.36 4.42 2.29
N ARG A 76 -11.89 3.78 1.22
CA ARG A 76 -12.56 3.88 -0.07
C ARG A 76 -13.96 3.30 -0.02
N GLN A 77 -14.12 2.20 0.71
CA GLN A 77 -15.42 1.56 0.84
C GLN A 77 -16.20 2.06 2.07
N GLY A 78 -15.60 3.00 2.81
CA GLY A 78 -16.28 3.52 3.98
C GLY A 78 -16.35 2.49 5.09
N LYS A 79 -15.36 1.61 5.11
CA LYS A 79 -15.29 0.54 6.11
C LYS A 79 -14.47 0.98 7.32
N GLU A 80 -14.60 0.23 8.40
CA GLU A 80 -13.88 0.54 9.64
C GLU A 80 -12.38 0.44 9.43
N MET A 81 -11.66 1.38 10.02
CA MET A 81 -10.20 1.44 9.93
C MET A 81 -9.53 0.46 10.90
N ASP A 82 -10.32 -0.14 11.79
CA ASP A 82 -9.80 -1.08 12.79
C ASP A 82 -8.99 -2.21 12.14
N SER A 83 -9.18 -2.42 10.84
CA SER A 83 -8.47 -3.46 10.12
C SER A 83 -6.99 -3.07 9.88
N LEU A 84 -6.61 -1.87 10.31
CA LEU A 84 -5.25 -1.38 10.14
C LEU A 84 -4.43 -1.58 11.42
N ARG A 85 -3.14 -1.87 11.26
CA ARG A 85 -2.25 -2.09 12.39
C ARG A 85 -1.61 -0.78 12.86
N PHE A 86 -1.03 -0.80 14.06
CA PHE A 86 -0.39 0.37 14.62
C PHE A 86 1.10 0.15 14.83
N LEU A 87 1.89 1.17 14.52
CA LEU A 87 3.34 1.10 14.68
C LEU A 87 3.81 2.08 15.76
N TYR A 88 4.81 1.66 16.53
CA TYR A 88 5.35 2.50 17.60
C TYR A 88 6.86 2.67 17.47
N ASP A 89 7.30 3.92 17.39
CA ASP A 89 8.72 4.23 17.26
C ASP A 89 9.39 3.42 16.16
N GLY A 90 8.68 3.21 15.05
CA GLY A 90 9.23 2.45 13.95
C GLY A 90 9.40 0.98 14.28
N ILE A 91 8.61 0.49 15.23
CA ILE A 91 8.68 -0.92 15.63
C ILE A 91 7.53 -1.72 15.04
N ARG A 92 7.87 -2.82 14.39
CA ARG A 92 6.87 -3.69 13.77
C ARG A 92 5.94 -4.28 14.82
N ILE A 93 4.67 -4.41 14.44
CA ILE A 93 3.66 -4.95 15.34
C ILE A 93 3.88 -6.45 15.60
N GLN A 94 3.35 -6.93 16.73
CA GLN A 94 3.50 -8.33 17.09
C GLN A 94 2.96 -9.24 15.98
N ALA A 95 3.58 -10.39 15.82
CA ALA A 95 3.19 -11.35 14.80
C ALA A 95 1.75 -11.83 14.98
N ASP A 96 1.34 -12.03 16.22
CA ASP A 96 -0.02 -12.49 16.50
C ASP A 96 -1.06 -11.49 16.00
N GLN A 97 -0.68 -10.23 15.88
CA GLN A 97 -1.60 -9.20 15.40
C GLN A 97 -1.99 -9.47 13.94
N THR A 98 -1.01 -9.90 13.15
CA THR A 98 -1.24 -10.20 11.75
C THR A 98 -2.09 -11.46 11.59
N PRO A 99 -2.74 -11.63 10.41
CA PRO A 99 -3.59 -12.81 10.16
C PRO A 99 -2.84 -14.12 10.35
N GLU A 100 -3.49 -15.07 11.02
CA GLU A 100 -2.89 -16.38 11.28
C GLU A 100 -3.12 -17.34 10.10
N ASP A 101 -3.97 -16.95 9.16
CA ASP A 101 -4.26 -17.80 8.01
C ASP A 101 -3.02 -18.04 7.16
N LEU A 102 -2.19 -17.01 7.01
CA LEU A 102 -0.97 -17.13 6.21
C LEU A 102 0.20 -17.60 7.07
N ASP A 103 0.09 -17.42 8.39
CA ASP A 103 1.14 -17.83 9.31
C ASP A 103 2.50 -17.30 8.86
N MET A 104 2.53 -16.04 8.41
CA MET A 104 3.77 -15.42 7.95
C MET A 104 4.38 -16.22 6.78
N GLU A 105 3.51 -16.86 6.01
CA GLU A 105 3.95 -17.66 4.86
C GLU A 105 3.10 -17.35 3.63
N ASP A 106 3.68 -17.56 2.45
CA ASP A 106 2.96 -17.31 1.20
C ASP A 106 2.40 -15.90 1.16
N ASN A 107 3.24 -14.91 1.44
CA ASN A 107 2.82 -13.52 1.43
C ASN A 107 2.54 -13.06 0.01
N ASP A 108 1.57 -12.15 -0.13
CA ASP A 108 1.19 -11.63 -1.44
C ASP A 108 0.74 -12.75 -2.38
N ILE A 109 0.45 -12.38 -3.62
CA ILE A 109 0.00 -13.35 -4.62
C ILE A 109 0.91 -13.36 -5.84
N ILE A 110 1.33 -14.55 -6.25
CA ILE A 110 2.21 -14.70 -7.41
C ILE A 110 1.42 -15.18 -8.63
N GLU A 111 1.50 -14.42 -9.72
CA GLU A 111 0.79 -14.77 -10.95
C GLU A 111 1.71 -14.63 -12.15
N ALA A 112 1.71 -15.64 -13.02
CA ALA A 112 2.55 -15.62 -14.22
C ALA A 112 1.77 -15.11 -15.42
N HIS A 113 2.39 -14.22 -16.18
CA HIS A 113 1.77 -13.65 -17.36
C HIS A 113 2.81 -13.05 -18.29
N ARG A 114 2.40 -12.75 -19.52
CA ARG A 114 3.32 -12.17 -20.51
C ARG A 114 2.88 -10.75 -20.87
N GLU A 115 3.85 -9.85 -20.98
CA GLU A 115 3.58 -8.47 -21.32
C GLU A 115 2.97 -8.36 -22.72
N GLN A 116 3.51 -9.13 -23.65
CA GLN A 116 3.03 -9.12 -25.02
C GLN A 116 1.57 -9.58 -25.10
N ILE A 117 1.23 -10.61 -24.32
CA ILE A 117 -0.12 -11.14 -24.30
C ILE A 117 -0.54 -11.56 -22.90
N GLY A 118 -1.76 -11.20 -22.52
CA GLY A 118 -2.25 -11.55 -21.20
C GLY A 118 -1.79 -10.59 -20.12
N GLY A 119 -1.03 -9.56 -20.51
CA GLY A 119 -0.54 -8.59 -19.54
C GLY A 119 -0.63 -7.17 -20.04
N MET A 1 -29.84 56.15 -15.64
CA MET A 1 -29.70 57.63 -15.63
C MET A 1 -29.44 58.14 -14.21
N GLY A 2 -28.27 58.73 -14.01
CA GLY A 2 -27.92 59.24 -12.70
C GLY A 2 -27.44 58.16 -11.75
N SER A 3 -27.29 58.52 -10.48
CA SER A 3 -26.84 57.57 -9.47
C SER A 3 -27.43 57.91 -8.11
N SER A 4 -27.77 56.89 -7.34
CA SER A 4 -28.34 57.07 -6.01
C SER A 4 -27.29 57.60 -5.04
N HIS A 5 -27.72 58.41 -4.08
CA HIS A 5 -26.82 58.97 -3.09
C HIS A 5 -27.41 58.82 -1.68
N HIS A 6 -26.54 58.63 -0.70
CA HIS A 6 -26.97 58.47 0.69
C HIS A 6 -26.42 59.59 1.56
N HIS A 7 -27.32 60.33 2.19
CA HIS A 7 -26.94 61.43 3.06
C HIS A 7 -26.36 60.93 4.38
N HIS A 8 -26.54 59.64 4.66
CA HIS A 8 -26.03 59.05 5.89
C HIS A 8 -24.50 58.96 5.88
N HIS A 9 -23.89 59.12 7.04
CA HIS A 9 -22.44 59.06 7.16
C HIS A 9 -22.04 58.25 8.39
N HIS A 10 -20.82 57.73 8.36
CA HIS A 10 -20.32 56.93 9.47
C HIS A 10 -18.82 57.16 9.66
N GLY A 11 -18.37 57.07 10.90
CA GLY A 11 -16.96 57.26 11.20
C GLY A 11 -16.16 55.98 11.07
N SER A 12 -14.88 56.05 11.39
CA SER A 12 -13.99 54.90 11.31
C SER A 12 -13.27 54.68 12.63
N GLY A 13 -12.96 53.43 12.94
CA GLY A 13 -12.28 53.10 14.18
C GLY A 13 -10.91 53.76 14.26
N LEU A 14 -10.19 53.77 13.14
CA LEU A 14 -8.86 54.37 13.09
C LEU A 14 -7.89 53.69 14.04
N VAL A 15 -6.82 53.13 13.48
CA VAL A 15 -5.82 52.46 14.30
C VAL A 15 -6.46 51.42 15.22
N PRO A 16 -7.05 50.37 14.64
CA PRO A 16 -7.71 49.30 15.40
C PRO A 16 -6.71 48.43 16.16
N ARG A 17 -7.14 47.87 17.28
CA ARG A 17 -6.28 47.03 18.10
C ARG A 17 -6.94 45.68 18.35
N GLY A 18 -8.27 45.68 18.46
CA GLY A 18 -8.99 44.45 18.70
C GLY A 18 -8.82 43.47 17.57
N SER A 19 -8.82 43.98 16.34
CA SER A 19 -8.65 43.14 15.16
C SER A 19 -7.30 42.43 15.19
N ALA A 20 -6.25 43.17 15.53
CA ALA A 20 -4.91 42.62 15.61
C ALA A 20 -4.54 41.90 14.30
N SER A 21 -5.15 42.31 13.20
CA SER A 21 -4.88 41.71 11.91
C SER A 21 -3.47 42.05 11.44
N MET A 22 -2.84 41.10 10.74
CA MET A 22 -1.49 41.31 10.23
C MET A 22 -1.47 41.29 8.71
N SER A 23 -0.98 42.37 8.11
CA SER A 23 -0.90 42.47 6.66
C SER A 23 0.43 41.94 6.13
N ASP A 24 1.37 41.67 7.03
CA ASP A 24 2.68 41.17 6.63
C ASP A 24 2.68 39.63 6.59
N SER A 25 2.70 39.08 5.38
CA SER A 25 2.70 37.64 5.20
C SER A 25 3.89 37.20 4.36
N GLU A 26 4.41 36.01 4.65
CA GLU A 26 5.54 35.48 3.93
C GLU A 26 5.29 34.03 3.49
N VAL A 27 5.87 33.65 2.36
CA VAL A 27 5.72 32.30 1.84
C VAL A 27 7.06 31.58 1.74
N ASN A 28 7.13 30.40 2.33
CA ASN A 28 8.36 29.62 2.32
C ASN A 28 8.08 28.19 1.87
N GLN A 29 8.59 27.84 0.69
CA GLN A 29 8.39 26.50 0.15
C GLN A 29 9.73 25.88 -0.26
N GLU A 30 9.83 24.56 -0.12
CA GLU A 30 11.04 23.84 -0.47
C GLU A 30 10.76 22.40 -0.84
N ALA A 31 11.80 21.69 -1.25
CA ALA A 31 11.69 20.29 -1.63
C ALA A 31 11.11 19.46 -0.49
N LYS A 32 10.25 18.51 -0.84
CA LYS A 32 9.63 17.64 0.16
C LYS A 32 9.72 16.18 -0.26
N PRO A 33 10.89 15.55 -0.02
CA PRO A 33 11.11 14.14 -0.36
C PRO A 33 10.09 13.21 0.29
N GLU A 34 9.68 12.19 -0.44
CA GLU A 34 8.70 11.23 0.07
C GLU A 34 9.36 9.89 0.36
N VAL A 35 9.17 9.38 1.58
CA VAL A 35 9.75 8.11 1.98
C VAL A 35 8.70 7.21 2.61
N LYS A 36 8.96 5.90 2.60
CA LYS A 36 8.05 4.93 3.17
C LYS A 36 8.61 3.51 3.06
N PRO A 37 8.82 3.00 1.83
CA PRO A 37 9.35 1.65 1.62
C PRO A 37 10.79 1.52 2.09
N GLU A 38 11.50 2.64 2.17
CA GLU A 38 12.89 2.64 2.60
C GLU A 38 13.71 1.66 1.76
N VAL A 39 14.97 1.45 2.15
CA VAL A 39 15.84 0.53 1.42
C VAL A 39 16.44 -0.52 2.35
N LYS A 40 16.19 -1.77 2.04
CA LYS A 40 16.70 -2.89 2.83
C LYS A 40 17.20 -4.01 1.93
N PRO A 41 18.15 -4.83 2.43
CA PRO A 41 18.70 -5.95 1.64
C PRO A 41 17.62 -6.97 1.29
N GLU A 42 16.58 -7.03 2.13
CA GLU A 42 15.48 -7.95 1.91
C GLU A 42 15.98 -9.38 1.69
N THR A 43 17.03 -9.75 2.41
CA THR A 43 17.60 -11.09 2.27
C THR A 43 16.59 -12.15 2.66
N HIS A 44 15.93 -11.95 3.79
CA HIS A 44 14.92 -12.89 4.27
C HIS A 44 13.96 -12.20 5.23
N ILE A 45 12.68 -12.16 4.85
CA ILE A 45 11.66 -11.52 5.69
C ILE A 45 10.27 -11.98 5.30
N ASN A 46 9.30 -11.72 6.17
CA ASN A 46 7.92 -12.11 5.92
C ASN A 46 7.20 -11.05 5.10
N LEU A 47 6.46 -11.48 4.08
CA LEU A 47 5.73 -10.56 3.21
C LEU A 47 4.22 -10.64 3.48
N LYS A 48 3.60 -9.48 3.62
CA LYS A 48 2.16 -9.40 3.88
C LYS A 48 1.47 -8.50 2.86
N VAL A 49 0.27 -8.90 2.44
CA VAL A 49 -0.50 -8.12 1.46
C VAL A 49 -1.41 -7.11 2.15
N SER A 50 -1.29 -5.85 1.74
CA SER A 50 -2.09 -4.77 2.31
C SER A 50 -2.72 -3.91 1.22
N ASP A 51 -3.82 -3.24 1.58
CA ASP A 51 -4.54 -2.37 0.64
C ASP A 51 -3.66 -1.22 0.15
N GLY A 52 -2.88 -0.64 1.04
CA GLY A 52 -2.02 0.48 0.66
C GLY A 52 -1.30 1.12 1.84
N SER A 53 -0.07 0.69 2.09
CA SER A 53 0.71 1.24 3.20
C SER A 53 2.17 1.44 2.79
N SER A 54 2.79 0.40 2.25
CA SER A 54 4.19 0.45 1.82
C SER A 54 4.47 -0.62 0.78
N GLU A 55 5.74 -0.81 0.43
CA GLU A 55 6.10 -1.83 -0.56
C GLU A 55 7.41 -2.53 -0.20
N ILE A 56 7.42 -3.86 -0.36
CA ILE A 56 8.60 -4.67 -0.05
C ILE A 56 8.60 -5.95 -0.87
N PHE A 57 9.79 -6.48 -1.16
CA PHE A 57 9.91 -7.71 -1.94
C PHE A 57 10.99 -8.62 -1.36
N PHE A 58 10.89 -9.91 -1.67
CA PHE A 58 11.86 -10.89 -1.17
C PHE A 58 12.08 -12.00 -2.20
N LYS A 59 13.16 -12.76 -2.01
CA LYS A 59 13.49 -13.85 -2.91
C LYS A 59 13.57 -15.18 -2.16
N ILE A 60 13.47 -16.28 -2.91
CA ILE A 60 13.52 -17.61 -2.31
C ILE A 60 14.77 -18.36 -2.75
N LYS A 61 15.18 -19.33 -1.93
CA LYS A 61 16.37 -20.12 -2.22
C LYS A 61 16.03 -21.62 -2.23
N LYS A 62 15.60 -22.10 -3.39
CA LYS A 62 15.24 -23.51 -3.54
C LYS A 62 14.21 -23.93 -2.49
N THR A 63 13.26 -23.04 -2.22
CA THR A 63 12.21 -23.30 -1.24
C THR A 63 10.84 -23.25 -1.90
N THR A 64 10.48 -24.31 -2.61
CA THR A 64 9.20 -24.38 -3.29
C THR A 64 8.24 -25.33 -2.56
N PRO A 65 6.94 -24.99 -2.49
CA PRO A 65 5.94 -25.83 -1.81
C PRO A 65 5.64 -27.13 -2.53
N LEU A 66 5.19 -28.12 -1.75
CA LEU A 66 4.84 -29.44 -2.27
C LEU A 66 3.69 -29.35 -3.27
N ARG A 67 2.74 -28.45 -3.00
CA ARG A 67 1.58 -28.28 -3.87
C ARG A 67 2.01 -27.96 -5.30
N ARG A 68 2.99 -27.08 -5.44
CA ARG A 68 3.48 -26.69 -6.76
C ARG A 68 4.03 -27.91 -7.49
N LEU A 69 4.79 -28.73 -6.78
CA LEU A 69 5.37 -29.94 -7.35
C LEU A 69 4.28 -30.91 -7.80
N MET A 70 3.22 -31.00 -7.01
CA MET A 70 2.10 -31.89 -7.33
C MET A 70 1.46 -31.47 -8.65
N GLU A 71 1.32 -30.17 -8.85
CA GLU A 71 0.73 -29.65 -10.08
C GLU A 71 1.55 -30.08 -11.28
N ALA A 72 2.87 -29.98 -11.16
CA ALA A 72 3.78 -30.36 -12.23
C ALA A 72 3.62 -31.85 -12.55
N PHE A 73 3.46 -32.65 -11.51
CA PHE A 73 3.30 -34.08 -11.68
C PHE A 73 2.06 -34.40 -12.52
N ALA A 74 0.95 -33.74 -12.19
CA ALA A 74 -0.30 -33.96 -12.91
C ALA A 74 -0.20 -33.61 -14.39
N LYS A 75 0.43 -32.48 -14.72
CA LYS A 75 0.56 -32.09 -16.12
C LYS A 75 1.50 -33.02 -16.88
N ARG A 76 2.37 -33.71 -16.15
CA ARG A 76 3.33 -34.63 -16.78
C ARG A 76 2.59 -35.72 -17.55
N GLN A 77 1.54 -36.26 -16.95
CA GLN A 77 0.76 -37.32 -17.59
C GLN A 77 -0.35 -36.74 -18.48
N GLY A 78 -0.42 -35.41 -18.56
CA GLY A 78 -1.44 -34.77 -19.37
C GLY A 78 -2.79 -34.69 -18.68
N LYS A 79 -2.80 -34.91 -17.37
CA LYS A 79 -4.04 -34.85 -16.60
C LYS A 79 -4.35 -33.41 -16.20
N GLU A 80 -5.63 -33.07 -16.22
CA GLU A 80 -6.05 -31.72 -15.86
C GLU A 80 -6.07 -31.54 -14.34
N MET A 81 -5.49 -30.43 -13.88
CA MET A 81 -5.44 -30.14 -12.45
C MET A 81 -6.85 -30.02 -11.87
N ASP A 82 -7.70 -29.30 -12.58
CA ASP A 82 -9.08 -29.10 -12.15
C ASP A 82 -9.85 -30.42 -12.10
N SER A 83 -9.47 -31.35 -12.97
CA SER A 83 -10.11 -32.66 -13.03
C SER A 83 -9.72 -33.52 -11.83
N LEU A 84 -8.57 -33.24 -11.25
CA LEU A 84 -8.08 -34.00 -10.10
C LEU A 84 -8.26 -33.19 -8.82
N ARG A 85 -8.95 -33.77 -7.84
CA ARG A 85 -9.18 -33.11 -6.56
C ARG A 85 -8.37 -33.77 -5.45
N PHE A 86 -7.77 -32.94 -4.59
CA PHE A 86 -6.97 -33.44 -3.49
C PHE A 86 -7.62 -33.10 -2.15
N LEU A 87 -7.95 -34.12 -1.37
CA LEU A 87 -8.57 -33.93 -0.06
C LEU A 87 -7.84 -34.70 1.02
N TYR A 88 -7.61 -34.06 2.15
CA TYR A 88 -6.91 -34.69 3.27
C TYR A 88 -7.72 -34.55 4.56
N ASP A 89 -8.10 -35.69 5.14
CA ASP A 89 -8.88 -35.70 6.37
C ASP A 89 -10.13 -34.85 6.24
N GLY A 90 -10.74 -34.87 5.05
CA GLY A 90 -11.94 -34.08 4.82
C GLY A 90 -11.67 -32.60 4.69
N ILE A 91 -10.41 -32.24 4.48
CA ILE A 91 -10.02 -30.84 4.34
C ILE A 91 -9.30 -30.60 3.02
N ARG A 92 -9.75 -29.61 2.27
CA ARG A 92 -9.14 -29.28 0.98
C ARG A 92 -7.71 -28.78 1.18
N ILE A 93 -6.84 -29.15 0.24
CA ILE A 93 -5.44 -28.74 0.31
C ILE A 93 -5.23 -27.37 -0.31
N GLN A 94 -4.32 -26.60 0.27
CA GLN A 94 -4.02 -25.26 -0.21
C GLN A 94 -2.51 -25.02 -0.18
N ALA A 95 -1.98 -24.33 -1.18
CA ALA A 95 -0.56 -24.06 -1.25
C ALA A 95 -0.08 -23.26 -0.05
N ASP A 96 -0.86 -22.25 0.33
CA ASP A 96 -0.53 -21.41 1.48
C ASP A 96 -0.55 -22.21 2.77
N GLN A 97 -1.28 -23.31 2.78
CA GLN A 97 -1.39 -24.16 3.97
C GLN A 97 -0.02 -24.74 4.33
N THR A 98 0.75 -25.10 3.32
CA THR A 98 2.08 -25.67 3.53
C THR A 98 3.04 -24.65 4.15
N PRO A 99 4.03 -25.12 4.93
CA PRO A 99 5.01 -24.24 5.59
C PRO A 99 6.05 -23.64 4.63
N GLU A 100 6.21 -24.25 3.46
CA GLU A 100 7.17 -23.77 2.48
C GLU A 100 6.86 -22.35 2.01
N ASP A 101 5.59 -22.04 1.82
CA ASP A 101 5.21 -20.70 1.38
C ASP A 101 5.66 -19.64 2.38
N LEU A 102 5.52 -19.95 3.67
CA LEU A 102 5.93 -19.02 4.71
C LEU A 102 7.45 -18.94 4.79
N ASP A 103 8.12 -19.99 4.31
CA ASP A 103 9.58 -20.05 4.32
C ASP A 103 10.15 -19.67 5.69
N MET A 104 9.48 -20.12 6.75
CA MET A 104 9.92 -19.83 8.12
C MET A 104 10.25 -18.34 8.29
N GLU A 105 9.50 -17.49 7.62
CA GLU A 105 9.71 -16.05 7.69
C GLU A 105 9.19 -15.49 9.01
N ASP A 106 9.86 -14.45 9.51
CA ASP A 106 9.48 -13.82 10.77
C ASP A 106 9.47 -12.29 10.64
N ASN A 107 9.27 -11.61 11.77
CA ASN A 107 9.24 -10.15 11.78
C ASN A 107 8.20 -9.61 10.81
N ASP A 108 6.98 -10.15 10.91
CA ASP A 108 5.89 -9.71 10.04
C ASP A 108 5.75 -8.19 10.04
N ILE A 109 5.35 -7.66 8.89
CA ILE A 109 5.17 -6.23 8.72
C ILE A 109 3.99 -5.96 7.79
N ILE A 110 3.50 -4.71 7.78
CA ILE A 110 2.38 -4.36 6.93
C ILE A 110 2.89 -3.74 5.63
N GLU A 111 2.60 -4.42 4.52
CA GLU A 111 3.04 -3.96 3.21
C GLU A 111 1.96 -4.15 2.15
N ALA A 112 1.88 -3.21 1.21
CA ALA A 112 0.89 -3.27 0.14
C ALA A 112 1.54 -3.36 -1.23
N HIS A 113 0.91 -4.12 -2.13
CA HIS A 113 1.40 -4.30 -3.48
C HIS A 113 0.34 -3.92 -4.52
N ARG A 114 0.80 -3.48 -5.68
CA ARG A 114 -0.10 -3.08 -6.75
C ARG A 114 0.31 -3.75 -8.07
N GLU A 115 -0.67 -4.10 -8.90
CA GLU A 115 -0.40 -4.74 -10.18
C GLU A 115 0.04 -3.71 -11.21
N GLN A 116 1.05 -4.07 -12.00
CA GLN A 116 1.56 -3.20 -13.04
C GLN A 116 0.51 -2.93 -14.10
N ILE A 117 -0.25 -3.97 -14.44
CA ILE A 117 -1.32 -3.89 -15.45
C ILE A 117 -0.90 -3.08 -16.66
N GLY A 118 0.32 -3.33 -17.13
CA GLY A 118 0.83 -2.62 -18.29
C GLY A 118 -0.01 -2.84 -19.54
N GLY A 119 -0.46 -4.08 -19.73
CA GLY A 119 -1.27 -4.40 -20.88
C GLY A 119 -1.69 -5.86 -20.91
N MET A 1 -45.41 60.02 4.98
CA MET A 1 -44.99 60.28 3.57
C MET A 1 -43.87 59.32 3.15
N GLY A 2 -44.24 58.07 2.92
CA GLY A 2 -43.28 57.07 2.50
C GLY A 2 -42.49 56.52 3.67
N SER A 3 -41.44 55.75 3.37
CA SER A 3 -40.60 55.16 4.39
C SER A 3 -39.17 54.97 3.89
N SER A 4 -38.21 55.15 4.77
CA SER A 4 -36.80 54.99 4.42
C SER A 4 -36.46 53.53 4.13
N HIS A 5 -35.53 53.31 3.22
CA HIS A 5 -35.12 51.96 2.86
C HIS A 5 -33.59 51.82 2.90
N HIS A 6 -33.12 50.64 3.26
CA HIS A 6 -31.68 50.38 3.34
C HIS A 6 -31.33 49.06 2.65
N HIS A 7 -30.14 49.01 2.06
CA HIS A 7 -29.68 47.81 1.38
C HIS A 7 -28.15 47.75 1.34
N HIS A 8 -27.61 46.56 1.52
CA HIS A 8 -26.17 46.36 1.51
C HIS A 8 -25.80 44.93 1.13
N HIS A 9 -24.55 44.72 0.75
CA HIS A 9 -24.08 43.40 0.35
C HIS A 9 -22.67 43.15 0.89
N HIS A 10 -22.50 42.06 1.63
CA HIS A 10 -21.20 41.71 2.21
C HIS A 10 -20.17 41.42 1.12
N GLY A 11 -20.59 40.72 0.06
CA GLY A 11 -19.68 40.40 -1.02
C GLY A 11 -18.98 39.06 -0.82
N SER A 12 -19.15 38.46 0.35
CA SER A 12 -18.53 37.18 0.63
C SER A 12 -19.18 36.06 -0.17
N GLY A 13 -18.48 34.95 -0.30
CA GLY A 13 -19.00 33.82 -1.05
C GLY A 13 -20.21 33.19 -0.37
N LEU A 14 -21.15 32.70 -1.17
CA LEU A 14 -22.36 32.07 -0.62
C LEU A 14 -22.50 30.63 -1.10
N VAL A 15 -22.89 29.75 -0.19
CA VAL A 15 -23.08 28.33 -0.51
C VAL A 15 -21.79 27.68 -0.99
N PRO A 16 -21.64 26.36 -0.79
CA PRO A 16 -20.43 25.62 -1.22
C PRO A 16 -20.22 25.69 -2.73
N ARG A 17 -18.96 25.61 -3.14
CA ARG A 17 -18.62 25.67 -4.56
C ARG A 17 -18.69 24.29 -5.21
N GLY A 18 -19.03 23.27 -4.41
CA GLY A 18 -19.12 21.93 -4.94
C GLY A 18 -17.79 21.21 -4.98
N SER A 19 -16.74 21.87 -4.47
CA SER A 19 -15.40 21.29 -4.47
C SER A 19 -14.81 21.30 -3.07
N ALA A 20 -14.07 20.25 -2.72
CA ALA A 20 -13.45 20.14 -1.41
C ALA A 20 -12.79 18.78 -1.22
N SER A 21 -13.45 17.73 -1.71
CA SER A 21 -12.93 16.37 -1.60
C SER A 21 -11.64 16.22 -2.39
N MET A 22 -10.71 15.44 -1.84
CA MET A 22 -9.43 15.19 -2.50
C MET A 22 -8.98 13.76 -2.27
N SER A 23 -8.49 13.12 -3.33
CA SER A 23 -8.03 11.73 -3.24
C SER A 23 -6.89 11.48 -4.22
N ASP A 24 -5.89 10.72 -3.76
CA ASP A 24 -4.73 10.40 -4.60
C ASP A 24 -4.25 8.98 -4.30
N SER A 25 -4.55 8.06 -5.21
CA SER A 25 -4.15 6.67 -5.04
C SER A 25 -3.93 5.99 -6.39
N GLU A 26 -2.95 5.10 -6.46
CA GLU A 26 -2.64 4.39 -7.69
C GLU A 26 -2.33 2.92 -7.41
N VAL A 27 -2.96 2.03 -8.16
CA VAL A 27 -2.76 0.60 -8.00
C VAL A 27 -2.10 -0.02 -9.23
N ASN A 28 -1.98 0.74 -10.31
CA ASN A 28 -1.38 0.25 -11.54
C ASN A 28 0.13 0.54 -11.57
N GLN A 29 0.65 1.15 -10.52
CA GLN A 29 2.08 1.48 -10.44
C GLN A 29 2.48 2.39 -11.60
N GLU A 30 3.72 2.89 -11.54
CA GLU A 30 4.22 3.78 -12.58
C GLU A 30 4.30 3.06 -13.92
N ALA A 31 4.72 1.80 -13.89
CA ALA A 31 4.83 1.00 -15.10
C ALA A 31 5.40 -0.39 -14.80
N LYS A 32 6.25 -0.46 -13.77
CA LYS A 32 6.86 -1.73 -13.38
C LYS A 32 7.48 -2.43 -14.59
N PRO A 33 8.43 -1.77 -15.26
CA PRO A 33 9.11 -2.33 -16.43
C PRO A 33 9.94 -3.57 -16.10
N GLU A 34 10.39 -3.65 -14.84
CA GLU A 34 11.18 -4.79 -14.40
C GLU A 34 10.33 -6.03 -14.22
N VAL A 35 10.83 -7.18 -14.67
CA VAL A 35 10.10 -8.43 -14.56
C VAL A 35 10.63 -9.28 -13.40
N LYS A 36 11.94 -9.53 -13.41
CA LYS A 36 12.57 -10.33 -12.37
C LYS A 36 12.65 -9.56 -11.05
N PRO A 37 12.66 -10.26 -9.92
CA PRO A 37 12.73 -9.63 -8.60
C PRO A 37 14.10 -9.02 -8.32
N GLU A 38 14.11 -7.94 -7.54
CA GLU A 38 15.36 -7.26 -7.21
C GLU A 38 16.25 -8.15 -6.33
N VAL A 39 15.63 -8.98 -5.52
CA VAL A 39 16.38 -9.88 -4.64
C VAL A 39 15.78 -11.29 -4.65
N LYS A 40 16.57 -12.27 -4.24
CA LYS A 40 16.10 -13.65 -4.20
C LYS A 40 16.59 -14.36 -2.95
N PRO A 41 16.11 -13.90 -1.77
CA PRO A 41 16.48 -14.47 -0.47
C PRO A 41 15.90 -15.87 -0.25
N GLU A 42 14.78 -16.15 -0.92
CA GLU A 42 14.12 -17.45 -0.79
C GLU A 42 13.81 -17.76 0.68
N THR A 43 13.29 -16.78 1.40
CA THR A 43 12.96 -16.97 2.80
C THR A 43 11.81 -17.96 2.97
N HIS A 44 10.57 -17.46 2.90
CA HIS A 44 9.40 -18.31 3.03
C HIS A 44 8.15 -17.60 2.54
N ILE A 45 7.56 -18.12 1.47
CA ILE A 45 6.36 -17.54 0.90
C ILE A 45 5.28 -18.58 0.63
N ASN A 46 4.07 -18.30 1.11
CA ASN A 46 2.94 -19.21 0.93
C ASN A 46 2.14 -18.84 -0.31
N LEU A 47 2.12 -19.73 -1.30
CA LEU A 47 1.39 -19.48 -2.53
C LEU A 47 0.14 -20.35 -2.61
N LYS A 48 -0.98 -19.73 -2.98
CA LYS A 48 -2.25 -20.44 -3.09
C LYS A 48 -2.99 -20.00 -4.35
N VAL A 49 -3.61 -20.96 -5.02
CA VAL A 49 -4.37 -20.69 -6.24
C VAL A 49 -5.76 -21.31 -6.17
N SER A 50 -6.78 -20.50 -6.43
CA SER A 50 -8.15 -20.97 -6.40
C SER A 50 -8.73 -21.07 -7.81
N ASP A 51 -9.16 -22.29 -8.16
CA ASP A 51 -9.73 -22.56 -9.48
C ASP A 51 -10.12 -24.03 -9.58
N GLY A 52 -9.20 -24.89 -9.16
CA GLY A 52 -9.42 -26.32 -9.19
C GLY A 52 -8.79 -26.98 -10.41
N SER A 53 -8.52 -26.18 -11.44
CA SER A 53 -7.90 -26.71 -12.66
C SER A 53 -6.51 -27.25 -12.37
N SER A 54 -5.72 -26.46 -11.65
CA SER A 54 -4.36 -26.84 -11.29
C SER A 54 -3.85 -26.00 -10.12
N GLU A 55 -3.03 -26.60 -9.26
CA GLU A 55 -2.48 -25.89 -8.11
C GLU A 55 -0.98 -26.05 -8.04
N ILE A 56 -0.28 -24.94 -7.81
CA ILE A 56 1.18 -24.95 -7.71
C ILE A 56 1.65 -24.09 -6.54
N PHE A 57 2.86 -24.37 -6.05
CA PHE A 57 3.42 -23.61 -4.94
C PHE A 57 4.83 -23.12 -5.24
N PHE A 58 5.00 -21.80 -5.25
CA PHE A 58 6.30 -21.18 -5.51
C PHE A 58 6.36 -19.78 -4.93
N LYS A 59 7.58 -19.27 -4.75
CA LYS A 59 7.77 -17.94 -4.19
C LYS A 59 7.44 -16.85 -5.22
N ILE A 60 6.80 -15.79 -4.77
CA ILE A 60 6.44 -14.69 -5.66
C ILE A 60 6.78 -13.32 -5.07
N LYS A 61 7.17 -12.40 -5.93
CA LYS A 61 7.54 -11.05 -5.53
C LYS A 61 6.29 -10.24 -5.14
N LYS A 62 5.14 -10.61 -5.72
CA LYS A 62 3.89 -9.92 -5.44
C LYS A 62 3.49 -10.05 -3.97
N THR A 63 3.66 -11.24 -3.42
CA THR A 63 3.33 -11.48 -2.03
C THR A 63 4.58 -11.76 -1.23
N THR A 64 5.30 -10.69 -0.92
CA THR A 64 6.53 -10.78 -0.16
C THR A 64 6.49 -9.91 1.09
N PRO A 65 7.16 -10.32 2.19
CA PRO A 65 7.17 -9.54 3.44
C PRO A 65 7.66 -8.10 3.24
N LEU A 66 7.09 -7.18 4.01
CA LEU A 66 7.46 -5.77 3.92
C LEU A 66 8.95 -5.58 4.19
N ARG A 67 9.51 -6.48 4.98
CA ARG A 67 10.92 -6.42 5.33
C ARG A 67 11.80 -6.47 4.08
N ARG A 68 11.39 -7.27 3.11
CA ARG A 68 12.15 -7.40 1.86
C ARG A 68 12.24 -6.04 1.17
N LEU A 69 11.10 -5.35 1.09
CA LEU A 69 11.05 -4.04 0.47
C LEU A 69 11.89 -3.03 1.24
N MET A 70 11.82 -3.12 2.57
CA MET A 70 12.57 -2.22 3.43
C MET A 70 14.07 -2.36 3.20
N GLU A 71 14.54 -3.60 3.08
CA GLU A 71 15.95 -3.86 2.85
C GLU A 71 16.42 -3.22 1.55
N ALA A 72 15.62 -3.39 0.50
CA ALA A 72 15.96 -2.83 -0.81
C ALA A 72 16.05 -1.31 -0.73
N PHE A 73 15.10 -0.72 0.00
CA PHE A 73 15.06 0.73 0.17
C PHE A 73 16.33 1.23 0.83
N ALA A 74 16.74 0.57 1.91
CA ALA A 74 17.94 0.95 2.63
C ALA A 74 19.18 0.88 1.74
N LYS A 75 19.27 -0.17 0.93
CA LYS A 75 20.40 -0.35 0.04
C LYS A 75 20.48 0.78 -0.98
N ARG A 76 19.33 1.22 -1.49
CA ARG A 76 19.29 2.29 -2.47
C ARG A 76 19.86 3.58 -1.90
N GLN A 77 19.53 3.87 -0.65
CA GLN A 77 20.02 5.08 0.01
C GLN A 77 21.48 4.94 0.44
N GLY A 78 22.07 3.76 0.23
CA GLY A 78 23.45 3.55 0.62
C GLY A 78 23.62 3.18 2.08
N LYS A 79 22.54 2.72 2.71
CA LYS A 79 22.59 2.35 4.12
C LYS A 79 22.09 0.92 4.31
N GLU A 80 22.66 0.22 5.28
CA GLU A 80 22.27 -1.16 5.55
C GLU A 80 21.07 -1.22 6.50
N MET A 81 20.06 -2.00 6.14
CA MET A 81 18.87 -2.15 6.96
C MET A 81 19.21 -2.75 8.32
N ASP A 82 20.07 -3.76 8.31
CA ASP A 82 20.48 -4.42 9.54
C ASP A 82 21.22 -3.46 10.46
N SER A 83 21.88 -2.47 9.88
CA SER A 83 22.63 -1.48 10.65
C SER A 83 21.69 -0.52 11.36
N LEU A 84 20.50 -0.33 10.81
CA LEU A 84 19.51 0.58 11.40
C LEU A 84 18.25 -0.19 11.81
N ARG A 85 17.96 -0.17 13.11
CA ARG A 85 16.78 -0.86 13.63
C ARG A 85 16.16 -0.09 14.78
N PHE A 86 14.88 -0.36 15.05
CA PHE A 86 14.16 0.30 16.13
C PHE A 86 13.72 -0.71 17.18
N LEU A 87 14.14 -0.50 18.42
CA LEU A 87 13.77 -1.39 19.51
C LEU A 87 13.07 -0.63 20.63
N TYR A 88 11.93 -1.17 21.08
CA TYR A 88 11.15 -0.55 22.13
C TYR A 88 10.72 -1.59 23.17
N ASP A 89 11.14 -1.39 24.41
CA ASP A 89 10.80 -2.29 25.49
C ASP A 89 11.19 -3.74 25.17
N GLY A 90 12.32 -3.89 24.47
CA GLY A 90 12.78 -5.23 24.11
C GLY A 90 12.08 -5.82 22.90
N ILE A 91 11.18 -5.04 22.29
CA ILE A 91 10.45 -5.51 21.12
C ILE A 91 10.71 -4.63 19.90
N ARG A 92 11.11 -5.26 18.80
CA ARG A 92 11.40 -4.55 17.57
C ARG A 92 10.13 -3.95 16.97
N ILE A 93 10.26 -2.76 16.37
CA ILE A 93 9.11 -2.08 15.77
C ILE A 93 9.31 -1.87 14.28
N GLN A 94 8.35 -2.34 13.48
CA GLN A 94 8.41 -2.20 12.03
C GLN A 94 7.73 -0.93 11.56
N ALA A 95 8.08 -0.49 10.37
CA ALA A 95 7.51 0.71 9.78
C ALA A 95 6.00 0.58 9.60
N ASP A 96 5.57 -0.58 9.13
CA ASP A 96 4.14 -0.83 8.91
C ASP A 96 3.57 -1.83 9.93
N GLN A 97 4.40 -2.25 10.89
CA GLN A 97 3.96 -3.20 11.90
C GLN A 97 3.32 -4.42 11.27
N THR A 98 4.03 -5.07 10.36
CA THR A 98 3.50 -6.27 9.69
C THR A 98 3.33 -7.40 10.69
N PRO A 99 2.43 -8.36 10.41
CA PRO A 99 2.19 -9.49 11.31
C PRO A 99 3.47 -10.25 11.64
N GLU A 100 3.67 -10.54 12.92
CA GLU A 100 4.87 -11.26 13.36
C GLU A 100 4.64 -12.77 13.28
N ASP A 101 3.57 -13.24 13.90
CA ASP A 101 3.24 -14.66 13.89
C ASP A 101 2.95 -15.16 12.48
N LEU A 102 2.23 -14.36 11.71
CA LEU A 102 1.88 -14.72 10.34
C LEU A 102 3.02 -14.42 9.36
N ASP A 103 3.94 -13.55 9.76
CA ASP A 103 5.06 -13.19 8.90
C ASP A 103 4.56 -12.73 7.53
N MET A 104 3.44 -12.02 7.53
CA MET A 104 2.84 -11.51 6.30
C MET A 104 2.17 -12.63 5.51
N GLU A 105 2.98 -13.52 4.97
CA GLU A 105 2.48 -14.64 4.18
C GLU A 105 2.00 -15.78 5.09
N ASP A 106 0.87 -16.38 4.72
CA ASP A 106 0.30 -17.47 5.48
C ASP A 106 -0.71 -18.25 4.64
N ASN A 107 -1.22 -19.34 5.19
CA ASN A 107 -2.20 -20.17 4.49
C ASN A 107 -3.61 -19.64 4.71
N ASP A 108 -4.11 -18.88 3.74
CA ASP A 108 -5.45 -18.31 3.82
C ASP A 108 -6.36 -18.89 2.74
N ILE A 109 -7.66 -18.86 2.99
CA ILE A 109 -8.63 -19.39 2.04
C ILE A 109 -9.44 -18.25 1.41
N ILE A 110 -9.42 -18.20 0.08
CA ILE A 110 -10.15 -17.16 -0.66
C ILE A 110 -10.86 -17.73 -1.87
N GLU A 111 -11.97 -17.11 -2.25
CA GLU A 111 -12.75 -17.55 -3.40
C GLU A 111 -12.14 -17.04 -4.70
N ALA A 112 -12.36 -17.77 -5.79
CA ALA A 112 -11.82 -17.38 -7.09
C ALA A 112 -12.82 -16.54 -7.87
N HIS A 113 -12.32 -15.49 -8.51
CA HIS A 113 -13.15 -14.60 -9.29
C HIS A 113 -12.31 -13.82 -10.30
N ARG A 114 -12.89 -13.54 -11.47
CA ARG A 114 -12.18 -12.80 -12.51
C ARG A 114 -11.86 -11.39 -12.04
N GLU A 115 -10.66 -10.92 -12.38
CA GLU A 115 -10.22 -9.58 -12.00
C GLU A 115 -9.45 -8.92 -13.14
N GLN A 116 -9.73 -7.64 -13.37
CA GLN A 116 -9.06 -6.89 -14.43
C GLN A 116 -8.44 -5.61 -13.88
N ILE A 117 -7.30 -5.23 -14.44
CA ILE A 117 -6.58 -4.03 -14.01
C ILE A 117 -6.22 -3.16 -15.21
N GLY A 118 -5.95 -1.88 -14.94
CA GLY A 118 -5.59 -0.96 -16.01
C GLY A 118 -6.66 -0.86 -17.06
N GLY A 119 -6.27 -0.97 -18.33
CA GLY A 119 -7.21 -0.89 -19.42
C GLY A 119 -7.10 0.43 -20.18
N MET A 1 -41.27 37.02 1.38
CA MET A 1 -41.79 38.04 2.32
C MET A 1 -40.85 38.23 3.50
N GLY A 2 -39.84 39.08 3.33
CA GLY A 2 -38.89 39.32 4.39
C GLY A 2 -37.83 38.23 4.49
N SER A 3 -37.03 38.28 5.55
CA SER A 3 -35.98 37.30 5.75
C SER A 3 -35.69 37.11 7.23
N SER A 4 -35.42 35.87 7.63
CA SER A 4 -35.13 35.54 9.02
C SER A 4 -33.85 36.23 9.50
N HIS A 5 -32.90 36.42 8.58
CA HIS A 5 -31.64 37.06 8.93
C HIS A 5 -30.96 36.34 10.10
N HIS A 6 -31.01 35.01 10.08
CA HIS A 6 -30.40 34.21 11.14
C HIS A 6 -29.41 33.21 10.55
N HIS A 7 -28.32 32.98 11.27
CA HIS A 7 -27.30 32.03 10.82
C HIS A 7 -26.50 31.49 12.00
N HIS A 8 -25.80 30.38 11.77
CA HIS A 8 -24.99 29.76 12.81
C HIS A 8 -23.81 29.01 12.21
N HIS A 9 -22.63 29.19 12.79
CA HIS A 9 -21.43 28.53 12.30
C HIS A 9 -20.38 28.41 13.41
N HIS A 10 -19.42 27.51 13.21
CA HIS A 10 -18.35 27.31 14.18
C HIS A 10 -16.99 27.69 13.62
N GLY A 11 -16.91 27.85 12.30
CA GLY A 11 -15.65 28.22 11.67
C GLY A 11 -14.70 27.05 11.58
N SER A 12 -15.23 25.83 11.69
CA SER A 12 -14.40 24.63 11.62
C SER A 12 -13.89 24.40 10.20
N GLY A 13 -12.85 23.59 10.07
CA GLY A 13 -12.27 23.30 8.77
C GLY A 13 -12.25 21.82 8.46
N LEU A 14 -12.19 21.49 7.17
CA LEU A 14 -12.16 20.09 6.75
C LEU A 14 -10.92 19.39 7.27
N VAL A 15 -9.80 20.08 7.25
CA VAL A 15 -8.55 19.52 7.72
C VAL A 15 -7.56 20.62 8.15
N PRO A 16 -6.92 20.49 9.33
CA PRO A 16 -5.96 21.50 9.80
C PRO A 16 -4.65 21.47 9.02
N ARG A 17 -3.99 22.62 8.94
CA ARG A 17 -2.74 22.74 8.22
C ARG A 17 -1.68 23.42 9.08
N GLY A 18 -2.12 24.37 9.90
CA GLY A 18 -1.21 25.08 10.77
C GLY A 18 -0.51 24.17 11.76
N SER A 19 -1.26 23.20 12.29
CA SER A 19 -0.70 22.26 13.25
C SER A 19 -0.41 22.94 14.57
N ALA A 20 -1.47 23.36 15.27
CA ALA A 20 -1.33 24.03 16.55
C ALA A 20 -0.66 23.14 17.57
N SER A 21 -0.99 21.85 17.55
CA SER A 21 -0.41 20.89 18.48
C SER A 21 1.07 20.68 18.18
N MET A 22 1.80 20.17 19.18
CA MET A 22 3.22 19.92 19.04
C MET A 22 3.56 18.45 19.29
N SER A 23 4.36 17.87 18.41
CA SER A 23 4.75 16.47 18.54
C SER A 23 5.60 16.25 19.79
N ASP A 24 5.49 15.07 20.38
CA ASP A 24 6.25 14.74 21.58
C ASP A 24 7.68 14.29 21.22
N SER A 25 8.45 13.95 22.24
CA SER A 25 9.82 13.50 22.04
C SER A 25 9.87 12.17 21.30
N GLU A 26 10.87 12.00 20.45
CA GLU A 26 11.03 10.78 19.68
C GLU A 26 12.50 10.46 19.45
N VAL A 27 12.85 9.19 19.63
CA VAL A 27 14.23 8.75 19.45
C VAL A 27 14.28 7.39 18.76
N ASN A 28 15.22 7.24 17.83
CA ASN A 28 15.37 6.00 17.09
C ASN A 28 16.48 5.14 17.69
N GLN A 29 16.21 3.85 17.82
CA GLN A 29 17.19 2.92 18.38
C GLN A 29 18.44 2.86 17.51
N GLU A 30 18.25 2.87 16.19
CA GLU A 30 19.36 2.82 15.26
C GLU A 30 20.12 1.50 15.39
N ALA A 31 20.77 1.10 14.30
CA ALA A 31 21.54 -0.14 14.29
C ALA A 31 20.68 -1.32 14.73
N LYS A 32 19.37 -1.20 14.54
CA LYS A 32 18.44 -2.26 14.91
C LYS A 32 18.51 -3.41 13.92
N PRO A 33 18.07 -4.62 14.33
CA PRO A 33 18.08 -5.81 13.47
C PRO A 33 17.33 -5.58 12.16
N GLU A 34 16.21 -4.87 12.24
CA GLU A 34 15.40 -4.59 11.07
C GLU A 34 16.13 -3.66 10.10
N VAL A 35 16.08 -3.99 8.81
CA VAL A 35 16.74 -3.19 7.80
C VAL A 35 15.80 -2.86 6.65
N LYS A 36 16.11 -1.79 5.92
CA LYS A 36 15.29 -1.37 4.79
C LYS A 36 16.14 -1.10 3.55
N PRO A 37 16.49 -2.15 2.81
CA PRO A 37 17.32 -2.04 1.60
C PRO A 37 16.67 -1.13 0.55
N GLU A 38 17.50 -0.39 -0.18
CA GLU A 38 17.01 0.50 -1.22
C GLU A 38 16.25 -0.27 -2.29
N VAL A 39 16.80 -1.40 -2.70
CA VAL A 39 16.18 -2.23 -3.72
C VAL A 39 15.91 -3.64 -3.20
N LYS A 40 14.66 -4.07 -3.29
CA LYS A 40 14.27 -5.39 -2.82
C LYS A 40 14.60 -6.46 -3.88
N PRO A 41 15.17 -7.61 -3.47
CA PRO A 41 15.51 -8.69 -4.42
C PRO A 41 14.28 -9.38 -4.99
N GLU A 42 13.17 -9.29 -4.25
CA GLU A 42 11.91 -9.91 -4.68
C GLU A 42 10.84 -8.86 -4.90
N THR A 43 10.68 -8.43 -6.15
CA THR A 43 9.68 -7.43 -6.48
C THR A 43 8.28 -7.95 -6.19
N HIS A 44 8.01 -9.19 -6.61
CA HIS A 44 6.71 -9.81 -6.39
C HIS A 44 6.87 -11.29 -6.08
N ILE A 45 6.51 -11.68 -4.86
CA ILE A 45 6.60 -13.07 -4.44
C ILE A 45 5.73 -13.33 -3.22
N ASN A 46 5.18 -14.54 -3.15
CA ASN A 46 4.34 -14.90 -2.01
C ASN A 46 4.57 -16.35 -1.61
N LEU A 47 4.28 -16.68 -0.36
CA LEU A 47 4.46 -18.04 0.14
C LEU A 47 3.13 -18.68 0.50
N LYS A 48 2.91 -19.90 0.02
CA LYS A 48 1.67 -20.62 0.28
C LYS A 48 1.97 -22.04 0.78
N VAL A 49 1.30 -22.44 1.84
CA VAL A 49 1.49 -23.78 2.40
C VAL A 49 0.15 -24.48 2.65
N SER A 50 0.03 -25.69 2.14
CA SER A 50 -1.19 -26.47 2.30
C SER A 50 -0.90 -27.96 2.28
N ASP A 51 -1.72 -28.73 3.01
CA ASP A 51 -1.56 -30.18 3.07
C ASP A 51 -0.11 -30.54 3.38
N GLY A 52 0.57 -29.69 4.14
CA GLY A 52 1.96 -29.93 4.49
C GLY A 52 2.92 -29.42 3.43
N SER A 53 2.65 -29.78 2.18
CA SER A 53 3.49 -29.36 1.07
C SER A 53 3.03 -30.02 -0.24
N SER A 54 1.73 -30.25 -0.34
CA SER A 54 1.15 -30.87 -1.53
C SER A 54 1.37 -29.99 -2.77
N GLU A 55 1.23 -28.68 -2.60
CA GLU A 55 1.41 -27.75 -3.71
C GLU A 55 2.57 -26.79 -3.43
N ILE A 56 2.94 -26.02 -4.45
CA ILE A 56 4.03 -25.06 -4.31
C ILE A 56 3.63 -23.70 -4.89
N PHE A 57 4.22 -22.65 -4.34
CA PHE A 57 3.93 -21.29 -4.78
C PHE A 57 4.61 -21.00 -6.12
N PHE A 58 3.86 -20.40 -7.04
CA PHE A 58 4.39 -20.07 -8.35
C PHE A 58 3.73 -18.81 -8.90
N LYS A 59 4.53 -17.92 -9.48
CA LYS A 59 4.01 -16.67 -10.04
C LYS A 59 3.23 -16.93 -11.32
N ILE A 60 2.08 -16.27 -11.45
CA ILE A 60 1.22 -16.42 -12.62
C ILE A 60 0.58 -15.10 -13.02
N LYS A 61 0.11 -15.03 -14.27
CA LYS A 61 -0.53 -13.84 -14.78
C LYS A 61 -1.80 -13.51 -14.02
N LYS A 62 -2.45 -14.54 -13.47
CA LYS A 62 -3.68 -14.35 -12.70
C LYS A 62 -3.42 -13.48 -11.48
N THR A 63 -2.30 -13.75 -10.83
CA THR A 63 -1.92 -13.00 -9.64
C THR A 63 -0.63 -12.24 -9.90
N THR A 64 -0.76 -11.12 -10.59
CA THR A 64 0.38 -10.28 -10.93
C THR A 64 0.10 -8.82 -10.55
N PRO A 65 1.10 -8.09 -10.02
CA PRO A 65 0.93 -6.69 -9.62
C PRO A 65 0.76 -5.76 -10.81
N LEU A 66 0.07 -4.64 -10.57
CA LEU A 66 -0.18 -3.64 -11.60
C LEU A 66 1.08 -2.86 -11.94
N ARG A 67 2.11 -2.97 -11.09
CA ARG A 67 3.35 -2.27 -11.32
C ARG A 67 3.98 -2.69 -12.65
N ARG A 68 3.89 -3.99 -12.95
CA ARG A 68 4.44 -4.52 -14.18
C ARG A 68 3.76 -3.89 -15.40
N LEU A 69 2.45 -3.75 -15.32
CA LEU A 69 1.67 -3.17 -16.40
C LEU A 69 2.04 -1.69 -16.59
N MET A 70 2.24 -1.00 -15.48
CA MET A 70 2.60 0.42 -15.52
C MET A 70 3.92 0.63 -16.22
N GLU A 71 4.87 -0.26 -15.98
CA GLU A 71 6.19 -0.15 -16.60
C GLU A 71 6.06 -0.24 -18.12
N ALA A 72 5.22 -1.16 -18.59
CA ALA A 72 5.00 -1.34 -20.01
C ALA A 72 4.41 -0.08 -20.65
N PHE A 73 3.45 0.53 -19.96
CA PHE A 73 2.80 1.74 -20.47
C PHE A 73 3.78 2.90 -20.53
N ALA A 74 4.63 3.03 -19.52
CA ALA A 74 5.61 4.10 -19.47
C ALA A 74 6.56 4.02 -20.65
N LYS A 75 7.03 2.81 -20.95
CA LYS A 75 7.95 2.60 -22.05
C LYS A 75 7.25 2.81 -23.40
N ARG A 76 5.99 2.40 -23.48
CA ARG A 76 5.22 2.55 -24.71
C ARG A 76 5.12 4.03 -25.10
N GLN A 77 4.90 4.88 -24.10
CA GLN A 77 4.79 6.31 -24.34
C GLN A 77 6.18 6.95 -24.47
N GLY A 78 7.23 6.17 -24.25
CA GLY A 78 8.58 6.70 -24.35
C GLY A 78 8.91 7.64 -23.22
N LYS A 79 8.31 7.40 -22.06
CA LYS A 79 8.54 8.24 -20.89
C LYS A 79 8.90 7.39 -19.67
N GLU A 80 9.73 7.96 -18.80
CA GLU A 80 10.16 7.27 -17.59
C GLU A 80 9.08 7.33 -16.51
N MET A 81 9.09 6.34 -15.62
CA MET A 81 8.11 6.28 -14.53
C MET A 81 8.31 7.45 -13.57
N ASP A 82 9.54 7.93 -13.49
CA ASP A 82 9.88 9.04 -12.60
C ASP A 82 9.09 10.29 -12.97
N SER A 83 8.66 10.36 -14.23
CA SER A 83 7.89 11.50 -14.71
C SER A 83 6.48 11.50 -14.13
N LEU A 84 6.01 10.32 -13.73
CA LEU A 84 4.68 10.18 -13.15
C LEU A 84 4.75 10.13 -11.63
N ARG A 85 4.06 11.07 -10.98
CA ARG A 85 4.06 11.15 -9.52
C ARG A 85 2.65 11.34 -8.98
N PHE A 86 2.46 11.06 -7.70
CA PHE A 86 1.15 11.20 -7.06
C PHE A 86 0.88 12.66 -6.68
N LEU A 87 -0.38 13.06 -6.77
CA LEU A 87 -0.77 14.43 -6.43
C LEU A 87 -1.42 14.50 -5.05
N TYR A 88 -1.18 15.61 -4.37
CA TYR A 88 -1.72 15.84 -3.03
C TYR A 88 -2.04 17.32 -2.82
N ASP A 89 -3.07 17.60 -2.01
CA ASP A 89 -3.48 18.97 -1.71
C ASP A 89 -4.38 19.55 -2.81
N GLY A 90 -5.58 18.98 -2.93
CA GLY A 90 -6.54 19.41 -3.92
C GLY A 90 -6.69 18.44 -5.07
N ILE A 91 -5.72 17.55 -5.23
CA ILE A 91 -5.77 16.56 -6.30
C ILE A 91 -5.35 15.19 -5.78
N ARG A 92 -6.31 14.29 -5.64
CA ARG A 92 -6.04 12.94 -5.15
C ARG A 92 -5.96 11.93 -6.30
N ILE A 93 -4.99 11.03 -6.22
CA ILE A 93 -4.81 10.01 -7.25
C ILE A 93 -5.90 8.95 -7.16
N GLN A 94 -6.36 8.50 -8.31
CA GLN A 94 -7.43 7.49 -8.36
C GLN A 94 -7.05 6.25 -7.56
N ALA A 95 -8.07 5.60 -7.03
CA ALA A 95 -7.89 4.39 -6.23
C ALA A 95 -7.52 3.19 -7.11
N ASP A 96 -7.58 3.37 -8.43
CA ASP A 96 -7.25 2.29 -9.36
C ASP A 96 -5.79 1.85 -9.19
N GLN A 97 -4.96 2.73 -8.64
CA GLN A 97 -3.55 2.41 -8.42
C GLN A 97 -3.40 1.32 -7.37
N THR A 98 -2.45 0.42 -7.59
CA THR A 98 -2.20 -0.67 -6.66
C THR A 98 -1.71 -0.13 -5.31
N PRO A 99 -2.28 -0.58 -4.18
CA PRO A 99 -1.87 -0.12 -2.85
C PRO A 99 -0.49 -0.64 -2.46
N GLU A 100 0.25 0.19 -1.72
CA GLU A 100 1.59 -0.19 -1.28
C GLU A 100 1.56 -0.98 0.03
N ASP A 101 0.39 -1.04 0.67
CA ASP A 101 0.25 -1.76 1.93
C ASP A 101 0.59 -3.24 1.76
N LEU A 102 0.12 -3.82 0.65
CA LEU A 102 0.37 -5.23 0.37
C LEU A 102 1.21 -5.40 -0.90
N ASP A 103 1.25 -4.35 -1.73
CA ASP A 103 2.02 -4.39 -2.97
C ASP A 103 1.70 -5.65 -3.77
N MET A 104 0.45 -6.11 -3.65
CA MET A 104 -0.01 -7.30 -4.36
C MET A 104 0.98 -8.46 -4.21
N GLU A 105 1.49 -8.66 -3.01
CA GLU A 105 2.44 -9.74 -2.77
C GLU A 105 2.36 -10.23 -1.33
N ASP A 106 2.86 -11.45 -1.09
CA ASP A 106 2.85 -12.03 0.23
C ASP A 106 1.47 -11.95 0.86
N ASN A 107 0.46 -12.35 0.09
CA ASN A 107 -0.91 -12.33 0.56
C ASN A 107 -1.72 -13.44 -0.10
N ASP A 108 -3.00 -13.52 0.26
CA ASP A 108 -3.88 -14.53 -0.29
C ASP A 108 -3.32 -15.93 -0.06
N ILE A 109 -3.05 -16.24 1.20
CA ILE A 109 -2.50 -17.55 1.57
C ILE A 109 -3.46 -18.32 2.46
N ILE A 110 -3.33 -19.64 2.44
CA ILE A 110 -4.19 -20.51 3.24
C ILE A 110 -3.36 -21.36 4.21
N GLU A 111 -3.75 -21.33 5.49
CA GLU A 111 -3.05 -22.09 6.52
C GLU A 111 -3.49 -23.55 6.51
N ALA A 112 -2.61 -24.43 6.96
CA ALA A 112 -2.90 -25.86 7.00
C ALA A 112 -2.08 -26.56 8.08
N HIS A 113 -2.51 -27.76 8.46
CA HIS A 113 -1.82 -28.53 9.47
C HIS A 113 -2.07 -30.02 9.29
N ARG A 114 -1.24 -30.85 9.94
CA ARG A 114 -1.37 -32.30 9.84
C ARG A 114 -1.66 -32.90 11.21
N GLU A 115 -2.57 -33.88 11.22
CA GLU A 115 -2.95 -34.56 12.46
C GLU A 115 -3.21 -36.04 12.21
N GLN A 116 -2.63 -36.89 13.06
CA GLN A 116 -2.79 -38.33 12.93
C GLN A 116 -3.02 -38.97 14.31
N ILE A 117 -4.05 -39.81 14.39
CA ILE A 117 -4.38 -40.49 15.63
C ILE A 117 -4.29 -42.01 15.47
N GLY A 118 -3.52 -42.65 16.34
CA GLY A 118 -3.36 -44.09 16.27
C GLY A 118 -4.68 -44.82 16.47
N GLY A 119 -5.49 -44.33 17.40
CA GLY A 119 -6.76 -44.96 17.68
C GLY A 119 -7.75 -44.78 16.54
N MET A 1 -27.19 33.65 -14.02
CA MET A 1 -26.91 34.81 -13.13
C MET A 1 -28.15 35.18 -12.31
N GLY A 2 -28.49 34.33 -11.34
CA GLY A 2 -29.64 34.58 -10.51
C GLY A 2 -29.26 34.89 -9.07
N SER A 3 -30.02 35.78 -8.44
CA SER A 3 -29.76 36.16 -7.06
C SER A 3 -29.91 34.96 -6.12
N SER A 4 -30.69 33.98 -6.55
CA SER A 4 -30.92 32.78 -5.75
C SER A 4 -29.66 31.92 -5.69
N HIS A 5 -29.60 31.02 -4.71
CA HIS A 5 -28.46 30.13 -4.54
C HIS A 5 -28.86 28.86 -3.80
N HIS A 6 -28.00 27.85 -3.85
CA HIS A 6 -28.26 26.58 -3.19
C HIS A 6 -26.96 25.90 -2.76
N HIS A 7 -26.97 25.32 -1.57
CA HIS A 7 -25.79 24.63 -1.05
C HIS A 7 -26.18 23.60 0.00
N HIS A 8 -25.27 22.69 0.30
CA HIS A 8 -25.53 21.65 1.29
C HIS A 8 -25.71 22.26 2.68
N HIS A 9 -26.70 21.79 3.41
CA HIS A 9 -26.98 22.29 4.75
C HIS A 9 -25.81 22.01 5.69
N HIS A 10 -25.23 20.82 5.56
CA HIS A 10 -24.09 20.43 6.40
C HIS A 10 -22.88 21.29 6.10
N GLY A 11 -22.28 21.83 7.15
CA GLY A 11 -21.11 22.68 6.99
C GLY A 11 -19.89 22.10 7.70
N SER A 12 -18.72 22.26 7.09
CA SER A 12 -17.49 21.75 7.66
C SER A 12 -16.42 22.84 7.69
N GLY A 13 -15.55 22.78 8.69
CA GLY A 13 -14.50 23.76 8.83
C GLY A 13 -13.50 23.40 9.91
N LEU A 14 -12.42 24.16 10.00
CA LEU A 14 -11.39 23.92 11.00
C LEU A 14 -11.30 25.08 11.99
N VAL A 15 -10.72 26.18 11.52
CA VAL A 15 -10.56 27.36 12.34
C VAL A 15 -10.87 28.64 11.55
N PRO A 16 -12.18 28.96 11.42
CA PRO A 16 -12.62 30.16 10.69
C PRO A 16 -11.97 31.44 11.21
N ARG A 17 -11.78 31.50 12.53
CA ARG A 17 -11.16 32.66 13.16
C ARG A 17 -12.04 33.89 12.96
N GLY A 18 -13.23 33.85 13.56
CA GLY A 18 -14.15 34.97 13.43
C GLY A 18 -14.89 34.94 12.11
N SER A 19 -14.81 33.82 11.40
CA SER A 19 -15.49 33.67 10.12
C SER A 19 -15.07 34.78 9.16
N ALA A 20 -13.77 35.04 9.10
CA ALA A 20 -13.24 36.07 8.22
C ALA A 20 -11.90 35.65 7.62
N SER A 21 -11.61 36.16 6.43
CA SER A 21 -10.37 35.85 5.74
C SER A 21 -9.16 36.35 6.52
N MET A 22 -8.05 35.64 6.40
CA MET A 22 -6.82 36.01 7.09
C MET A 22 -5.83 36.67 6.12
N SER A 23 -5.31 37.83 6.52
CA SER A 23 -4.36 38.56 5.68
C SER A 23 -3.08 38.85 6.45
N ASP A 24 -1.94 38.67 5.78
CA ASP A 24 -0.64 38.90 6.39
C ASP A 24 -0.45 38.00 7.61
N SER A 25 0.54 38.31 8.44
CA SER A 25 0.82 37.52 9.63
C SER A 25 1.05 36.05 9.26
N GLU A 26 1.73 35.84 8.14
CA GLU A 26 2.04 34.50 7.66
C GLU A 26 3.26 34.50 6.77
N VAL A 27 3.86 33.32 6.59
CA VAL A 27 5.05 33.19 5.76
C VAL A 27 4.90 32.03 4.78
N ASN A 28 5.68 32.05 3.71
CA ASN A 28 5.64 31.01 2.70
C ASN A 28 6.14 29.68 3.27
N GLN A 29 5.48 28.59 2.85
CA GLN A 29 5.85 27.27 3.32
C GLN A 29 7.19 26.83 2.74
N GLU A 30 8.02 26.20 3.57
CA GLU A 30 9.33 25.73 3.15
C GLU A 30 9.53 24.26 3.50
N ALA A 31 10.72 23.76 3.19
CA ALA A 31 11.07 22.38 3.48
C ALA A 31 10.91 22.07 4.96
N LYS A 32 10.37 20.89 5.27
CA LYS A 32 10.17 20.47 6.65
C LYS A 32 11.50 20.15 7.32
N PRO A 33 11.56 20.27 8.66
CA PRO A 33 12.78 19.99 9.42
C PRO A 33 13.11 18.50 9.47
N GLU A 34 14.39 18.19 9.61
CA GLU A 34 14.83 16.79 9.68
C GLU A 34 14.46 16.17 11.03
N VAL A 35 14.12 14.88 11.00
CA VAL A 35 13.75 14.17 12.22
C VAL A 35 14.50 12.85 12.34
N LYS A 36 14.59 12.33 13.56
CA LYS A 36 15.28 11.07 13.81
C LYS A 36 14.47 9.90 13.28
N PRO A 37 15.11 8.73 13.08
CA PRO A 37 14.44 7.53 12.58
C PRO A 37 13.27 7.11 13.46
N GLU A 38 12.19 6.65 12.83
CA GLU A 38 11.00 6.22 13.56
C GLU A 38 10.52 4.87 13.05
N VAL A 39 9.88 4.10 13.93
CA VAL A 39 9.36 2.79 13.57
C VAL A 39 7.84 2.74 13.68
N LYS A 40 7.19 2.33 12.60
CA LYS A 40 5.73 2.24 12.56
C LYS A 40 5.23 1.09 13.45
N PRO A 41 3.99 1.21 13.96
CA PRO A 41 3.40 0.18 14.82
C PRO A 41 3.09 -1.11 14.06
N GLU A 42 2.94 -0.99 12.74
CA GLU A 42 2.64 -2.13 11.89
C GLU A 42 3.74 -3.18 11.99
N THR A 43 3.34 -4.41 12.31
CA THR A 43 4.27 -5.51 12.43
C THR A 43 4.26 -6.32 11.15
N HIS A 44 3.16 -7.04 10.93
CA HIS A 44 3.00 -7.85 9.74
C HIS A 44 1.53 -7.96 9.36
N ILE A 45 1.17 -7.37 8.22
CA ILE A 45 -0.21 -7.40 7.75
C ILE A 45 -0.27 -7.22 6.24
N ASN A 46 -1.16 -7.96 5.60
CA ASN A 46 -1.33 -7.86 4.16
C ASN A 46 -2.79 -7.95 3.77
N LEU A 47 -3.34 -6.83 3.30
CA LEU A 47 -4.74 -6.78 2.89
C LEU A 47 -4.89 -6.11 1.52
N LYS A 48 -5.68 -6.72 0.65
CA LYS A 48 -5.89 -6.17 -0.69
C LYS A 48 -7.31 -6.43 -1.18
N VAL A 49 -7.82 -5.50 -1.99
CA VAL A 49 -9.17 -5.64 -2.53
C VAL A 49 -9.19 -5.40 -4.04
N SER A 50 -9.79 -6.32 -4.78
CA SER A 50 -9.87 -6.20 -6.23
C SER A 50 -11.29 -5.83 -6.66
N ASP A 51 -11.41 -5.23 -7.84
CA ASP A 51 -12.70 -4.82 -8.36
C ASP A 51 -13.36 -5.94 -9.17
N GLY A 52 -12.71 -7.10 -9.26
CA GLY A 52 -13.28 -8.21 -10.01
C GLY A 52 -14.60 -8.67 -9.43
N SER A 53 -14.67 -8.73 -8.11
CA SER A 53 -15.89 -9.16 -7.42
C SER A 53 -15.62 -9.30 -5.93
N SER A 54 -14.78 -10.25 -5.57
CA SER A 54 -14.43 -10.50 -4.17
C SER A 54 -13.03 -11.10 -4.06
N GLU A 55 -12.28 -10.67 -3.05
CA GLU A 55 -10.93 -11.17 -2.84
C GLU A 55 -10.64 -11.32 -1.35
N ILE A 56 -10.00 -12.42 -0.98
CA ILE A 56 -9.65 -12.68 0.40
C ILE A 56 -8.24 -13.24 0.53
N PHE A 57 -7.53 -12.81 1.57
CA PHE A 57 -6.17 -13.27 1.81
C PHE A 57 -6.04 -13.87 3.20
N PHE A 58 -5.50 -15.08 3.27
CA PHE A 58 -5.32 -15.76 4.55
C PHE A 58 -3.84 -15.94 4.86
N LYS A 59 -3.43 -15.44 6.03
CA LYS A 59 -2.04 -15.54 6.47
C LYS A 59 -1.71 -16.97 6.88
N ILE A 60 -0.45 -17.35 6.69
CA ILE A 60 0.00 -18.69 7.06
C ILE A 60 1.13 -18.63 8.08
N LYS A 61 1.11 -19.56 9.04
CA LYS A 61 2.13 -19.62 10.07
C LYS A 61 3.50 -19.90 9.48
N LYS A 62 3.55 -20.80 8.51
CA LYS A 62 4.79 -21.16 7.85
C LYS A 62 5.20 -20.10 6.83
N THR A 63 6.50 -19.91 6.67
CA THR A 63 6.99 -18.92 5.72
C THR A 63 7.05 -19.51 4.32
N THR A 64 6.42 -18.84 3.37
CA THR A 64 6.41 -19.29 1.98
C THR A 64 7.11 -18.29 1.06
N PRO A 65 8.37 -18.57 0.66
CA PRO A 65 9.14 -17.67 -0.21
C PRO A 65 8.70 -17.75 -1.67
N LEU A 66 9.11 -16.75 -2.45
CA LEU A 66 8.75 -16.70 -3.87
C LEU A 66 9.30 -17.93 -4.60
N ARG A 67 10.25 -18.61 -3.98
CA ARG A 67 10.86 -19.80 -4.57
C ARG A 67 9.81 -20.88 -4.86
N ARG A 68 8.85 -21.04 -3.95
CA ARG A 68 7.81 -22.05 -4.14
C ARG A 68 7.04 -21.77 -5.42
N LEU A 69 6.71 -20.50 -5.66
CA LEU A 69 5.98 -20.12 -6.87
C LEU A 69 6.83 -20.37 -8.11
N MET A 70 8.12 -20.06 -8.00
CA MET A 70 9.05 -20.24 -9.10
C MET A 70 9.17 -21.71 -9.49
N GLU A 71 9.23 -22.58 -8.49
CA GLU A 71 9.35 -24.02 -8.74
C GLU A 71 8.16 -24.52 -9.55
N ALA A 72 6.97 -24.04 -9.22
CA ALA A 72 5.77 -24.45 -9.93
C ALA A 72 5.87 -24.07 -11.40
N PHE A 73 6.39 -22.89 -11.67
CA PHE A 73 6.55 -22.41 -13.03
C PHE A 73 7.58 -23.25 -13.80
N ALA A 74 8.64 -23.65 -13.10
CA ALA A 74 9.69 -24.45 -13.73
C ALA A 74 9.13 -25.77 -14.25
N LYS A 75 8.26 -26.39 -13.47
CA LYS A 75 7.65 -27.66 -13.86
C LYS A 75 6.46 -27.45 -14.78
N ARG A 76 5.88 -26.25 -14.73
CA ARG A 76 4.72 -25.93 -15.57
C ARG A 76 5.06 -26.05 -17.04
N GLN A 77 6.21 -25.50 -17.43
CA GLN A 77 6.65 -25.55 -18.81
C GLN A 77 7.58 -26.74 -19.07
N GLY A 78 7.78 -27.58 -18.06
CA GLY A 78 8.65 -28.73 -18.22
C GLY A 78 10.10 -28.33 -18.29
N LYS A 79 10.44 -27.21 -17.66
CA LYS A 79 11.81 -26.71 -17.65
C LYS A 79 12.63 -27.38 -16.56
N GLU A 80 13.93 -27.53 -16.79
CA GLU A 80 14.81 -28.16 -15.82
C GLU A 80 14.88 -27.37 -14.53
N MET A 81 14.91 -28.09 -13.41
CA MET A 81 14.97 -27.48 -12.08
C MET A 81 16.35 -26.84 -11.82
N ASP A 82 17.32 -27.17 -12.67
CA ASP A 82 18.67 -26.62 -12.53
C ASP A 82 18.66 -25.10 -12.60
N SER A 83 17.59 -24.54 -13.14
CA SER A 83 17.46 -23.09 -13.28
C SER A 83 17.18 -22.43 -11.92
N LEU A 84 16.97 -23.24 -10.89
CA LEU A 84 16.69 -22.74 -9.55
C LEU A 84 17.96 -22.71 -8.70
N ARG A 85 17.87 -22.01 -7.57
CA ARG A 85 19.01 -21.89 -6.66
C ARG A 85 19.02 -23.04 -5.66
N PHE A 86 20.20 -23.40 -5.17
CA PHE A 86 20.33 -24.49 -4.21
C PHE A 86 20.03 -24.02 -2.79
N LEU A 87 19.32 -24.87 -2.06
CA LEU A 87 18.97 -24.57 -0.68
C LEU A 87 19.78 -25.42 0.30
N TYR A 88 20.41 -24.77 1.27
CA TYR A 88 21.22 -25.47 2.25
C TYR A 88 20.56 -25.43 3.64
N ASP A 89 20.39 -26.59 4.23
CA ASP A 89 19.77 -26.69 5.55
C ASP A 89 18.42 -25.99 5.57
N GLY A 90 17.70 -26.09 4.47
CA GLY A 90 16.39 -25.45 4.38
C GLY A 90 16.47 -23.95 4.25
N ILE A 91 17.65 -23.45 3.86
CA ILE A 91 17.85 -22.01 3.71
C ILE A 91 18.29 -21.66 2.29
N ARG A 92 17.55 -20.74 1.67
CA ARG A 92 17.86 -20.31 0.31
C ARG A 92 19.15 -19.50 0.27
N ILE A 93 19.88 -19.59 -0.83
CA ILE A 93 21.13 -18.85 -0.99
C ILE A 93 21.08 -17.89 -2.17
N GLN A 94 21.15 -16.60 -1.88
CA GLN A 94 21.11 -15.57 -2.91
C GLN A 94 21.71 -14.27 -2.39
N ALA A 95 22.60 -13.68 -3.16
CA ALA A 95 23.23 -12.43 -2.77
C ALA A 95 22.20 -11.32 -2.59
N ASP A 96 21.25 -11.25 -3.52
CA ASP A 96 20.20 -10.24 -3.48
C ASP A 96 19.18 -10.55 -2.38
N GLN A 97 19.11 -11.81 -1.97
CA GLN A 97 18.16 -12.23 -0.94
C GLN A 97 16.75 -11.78 -1.29
N THR A 98 15.80 -11.95 -0.36
CA THR A 98 14.42 -11.55 -0.60
C THR A 98 14.30 -10.03 -0.66
N PRO A 99 13.25 -9.51 -1.31
CA PRO A 99 13.03 -8.06 -1.41
C PRO A 99 12.99 -7.38 -0.05
N GLU A 100 13.73 -6.27 0.07
CA GLU A 100 13.78 -5.52 1.31
C GLU A 100 12.65 -4.50 1.38
N ASP A 101 12.19 -4.06 0.21
CA ASP A 101 11.11 -3.09 0.13
C ASP A 101 9.82 -3.62 0.75
N LEU A 102 9.48 -4.86 0.43
CA LEU A 102 8.27 -5.47 0.97
C LEU A 102 8.41 -5.80 2.45
N ASP A 103 9.66 -5.92 2.92
CA ASP A 103 9.91 -6.22 4.32
C ASP A 103 9.11 -7.44 4.77
N MET A 104 8.98 -8.42 3.88
CA MET A 104 8.23 -9.63 4.19
C MET A 104 6.83 -9.30 4.69
N GLU A 105 6.25 -8.23 4.16
CA GLU A 105 4.91 -7.80 4.56
C GLU A 105 4.26 -6.95 3.47
N ASP A 106 2.93 -6.87 3.50
CA ASP A 106 2.19 -6.10 2.51
C ASP A 106 2.64 -6.45 1.09
N ASN A 107 2.67 -7.75 0.79
CA ASN A 107 3.09 -8.23 -0.52
C ASN A 107 1.94 -8.19 -1.53
N ASP A 108 2.11 -7.41 -2.59
CA ASP A 108 1.10 -7.29 -3.64
C ASP A 108 -0.22 -6.76 -3.09
N ILE A 109 -0.34 -5.43 -3.00
CA ILE A 109 -1.55 -4.82 -2.48
C ILE A 109 -2.13 -3.84 -3.51
N ILE A 110 -3.43 -4.00 -3.80
CA ILE A 110 -4.11 -3.15 -4.75
C ILE A 110 -5.54 -2.85 -4.31
N GLU A 111 -6.00 -1.63 -4.56
CA GLU A 111 -7.35 -1.24 -4.17
C GLU A 111 -8.01 -0.42 -5.28
N ALA A 112 -9.34 -0.41 -5.28
CA ALA A 112 -10.10 0.33 -6.28
C ALA A 112 -11.42 0.83 -5.71
N HIS A 113 -11.89 1.96 -6.23
CA HIS A 113 -13.13 2.54 -5.77
C HIS A 113 -13.70 3.50 -6.82
N ARG A 114 -15.02 3.48 -6.99
CA ARG A 114 -15.68 4.34 -7.95
C ARG A 114 -17.11 4.67 -7.52
N GLU A 115 -17.67 5.74 -8.07
CA GLU A 115 -19.02 6.16 -7.74
C GLU A 115 -19.83 6.42 -9.01
N GLN A 116 -21.03 5.86 -9.07
CA GLN A 116 -21.91 6.03 -10.22
C GLN A 116 -22.47 7.45 -10.27
N ILE A 117 -22.63 7.97 -11.49
CA ILE A 117 -23.15 9.31 -11.69
C ILE A 117 -24.11 9.36 -12.87
N GLY A 118 -25.21 10.09 -12.72
CA GLY A 118 -26.18 10.21 -13.78
C GLY A 118 -27.04 8.97 -13.92
N GLY A 119 -27.75 8.87 -15.04
CA GLY A 119 -28.61 7.72 -15.26
C GLY A 119 -28.92 7.51 -16.74
N MET A 1 -28.95 48.88 15.71
CA MET A 1 -27.47 48.77 15.65
C MET A 1 -26.88 49.87 14.78
N GLY A 2 -27.56 50.18 13.68
CA GLY A 2 -27.09 51.22 12.78
C GLY A 2 -27.23 52.61 13.37
N SER A 3 -26.47 53.56 12.82
CA SER A 3 -26.50 54.94 13.28
C SER A 3 -26.06 55.88 12.16
N SER A 4 -26.45 57.15 12.27
CA SER A 4 -26.09 58.14 11.26
C SER A 4 -24.61 58.51 11.34
N HIS A 5 -24.15 58.90 12.53
CA HIS A 5 -22.75 59.28 12.75
C HIS A 5 -22.23 60.19 11.63
N HIS A 6 -20.91 60.45 11.63
CA HIS A 6 -20.31 61.29 10.61
C HIS A 6 -20.20 60.54 9.29
N HIS A 7 -20.29 61.27 8.17
CA HIS A 7 -20.19 60.65 6.86
C HIS A 7 -18.77 60.17 6.58
N HIS A 8 -18.66 59.06 5.87
CA HIS A 8 -17.36 58.50 5.53
C HIS A 8 -17.45 57.60 4.29
N HIS A 9 -16.31 57.28 3.72
CA HIS A 9 -16.26 56.43 2.53
C HIS A 9 -15.26 55.30 2.71
N HIS A 10 -15.58 54.13 2.16
CA HIS A 10 -14.70 52.98 2.25
C HIS A 10 -14.81 52.11 1.00
N GLY A 11 -13.66 51.77 0.44
CA GLY A 11 -13.63 50.95 -0.76
C GLY A 11 -13.05 49.56 -0.51
N SER A 12 -13.60 48.56 -1.19
CA SER A 12 -13.13 47.20 -1.03
C SER A 12 -11.68 47.06 -1.46
N GLY A 13 -10.91 46.28 -0.71
CA GLY A 13 -9.51 46.09 -1.02
C GLY A 13 -9.30 45.46 -2.38
N LEU A 14 -10.14 44.48 -2.71
CA LEU A 14 -10.06 43.79 -3.99
C LEU A 14 -8.72 43.08 -4.15
N VAL A 15 -8.71 42.03 -4.98
CA VAL A 15 -7.48 41.28 -5.22
C VAL A 15 -6.80 40.89 -3.91
N PRO A 16 -7.46 40.06 -3.09
CA PRO A 16 -6.92 39.60 -1.81
C PRO A 16 -5.74 38.64 -1.99
N ARG A 17 -4.85 38.61 -1.00
CA ARG A 17 -3.69 37.74 -1.04
C ARG A 17 -3.98 36.38 -0.41
N GLY A 18 -5.20 36.20 0.09
CA GLY A 18 -5.56 34.94 0.71
C GLY A 18 -5.03 34.81 2.12
N SER A 19 -4.61 35.94 2.70
CA SER A 19 -4.08 35.95 4.06
C SER A 19 -2.79 35.12 4.13
N ALA A 20 -2.48 34.62 5.32
CA ALA A 20 -1.27 33.81 5.52
C ALA A 20 -0.02 34.59 5.12
N SER A 21 0.05 35.84 5.59
CA SER A 21 1.20 36.69 5.30
C SER A 21 2.49 36.08 5.84
N MET A 22 2.41 35.51 7.04
CA MET A 22 3.57 34.90 7.66
C MET A 22 3.49 33.38 7.60
N SER A 23 4.55 32.75 7.09
CA SER A 23 4.60 31.30 6.96
C SER A 23 5.86 30.75 7.61
N ASP A 24 5.76 29.52 8.12
CA ASP A 24 6.90 28.87 8.77
C ASP A 24 7.78 28.17 7.74
N SER A 25 8.94 28.75 7.46
CA SER A 25 9.87 28.18 6.50
C SER A 25 10.52 26.91 7.05
N GLU A 26 11.09 26.10 6.16
CA GLU A 26 11.73 24.86 6.54
C GLU A 26 13.02 25.14 7.32
N VAL A 27 13.34 24.27 8.27
CA VAL A 27 14.54 24.41 9.07
C VAL A 27 15.80 24.19 8.24
N ASN A 28 16.96 24.42 8.84
CA ASN A 28 18.23 24.24 8.16
C ASN A 28 18.42 22.80 7.71
N GLN A 29 18.00 21.86 8.56
CA GLN A 29 18.12 20.44 8.24
C GLN A 29 19.57 20.08 7.93
N GLU A 30 20.48 20.54 8.79
CA GLU A 30 21.90 20.26 8.61
C GLU A 30 22.17 18.76 8.67
N ALA A 31 21.48 18.07 9.57
CA ALA A 31 21.64 16.63 9.72
C ALA A 31 20.33 15.97 10.14
N LYS A 32 20.09 14.76 9.63
CA LYS A 32 18.87 14.04 9.95
C LYS A 32 19.18 12.60 10.36
N PRO A 33 19.77 12.42 11.55
CA PRO A 33 20.12 11.09 12.07
C PRO A 33 18.90 10.27 12.42
N GLU A 34 18.97 8.96 12.20
CA GLU A 34 17.86 8.06 12.50
C GLU A 34 18.38 6.66 12.82
N VAL A 35 17.80 6.05 13.85
CA VAL A 35 18.20 4.70 14.24
C VAL A 35 17.30 3.65 13.61
N LYS A 36 16.91 3.89 12.36
CA LYS A 36 16.05 2.96 11.64
C LYS A 36 16.62 2.67 10.24
N PRO A 37 17.70 1.88 10.18
CA PRO A 37 18.33 1.53 8.90
C PRO A 37 17.40 0.73 8.00
N GLU A 38 16.43 0.05 8.60
CA GLU A 38 15.48 -0.75 7.85
C GLU A 38 16.19 -1.70 6.91
N VAL A 39 17.25 -2.34 7.39
CA VAL A 39 18.01 -3.29 6.60
C VAL A 39 17.97 -4.68 7.21
N LYS A 40 17.55 -5.66 6.41
CA LYS A 40 17.46 -7.04 6.87
C LYS A 40 18.05 -8.00 5.84
N PRO A 41 18.53 -9.18 6.28
CA PRO A 41 19.11 -10.18 5.38
C PRO A 41 18.05 -10.87 4.53
N GLU A 42 18.46 -11.37 3.37
CA GLU A 42 17.55 -12.07 2.48
C GLU A 42 16.37 -11.17 2.12
N THR A 43 16.68 -9.94 1.69
CA THR A 43 15.64 -8.98 1.33
C THR A 43 14.81 -9.51 0.17
N HIS A 44 15.47 -10.02 -0.85
CA HIS A 44 14.78 -10.57 -2.02
C HIS A 44 15.63 -11.65 -2.68
N ILE A 45 15.01 -12.75 -3.03
CA ILE A 45 15.72 -13.85 -3.67
C ILE A 45 14.75 -14.80 -4.37
N ASN A 46 15.28 -15.62 -5.26
CA ASN A 46 14.47 -16.59 -6.00
C ASN A 46 14.33 -17.88 -5.20
N LEU A 47 13.22 -18.60 -5.45
CA LEU A 47 12.97 -19.85 -4.75
C LEU A 47 12.45 -20.91 -5.72
N LYS A 48 12.70 -22.17 -5.42
CA LYS A 48 12.27 -23.28 -6.27
C LYS A 48 10.99 -23.93 -5.74
N VAL A 49 10.17 -24.41 -6.66
CA VAL A 49 8.91 -25.06 -6.31
C VAL A 49 8.87 -26.49 -6.85
N SER A 50 8.49 -27.44 -6.00
CA SER A 50 8.42 -28.83 -6.40
C SER A 50 7.17 -29.52 -5.85
N ASP A 51 6.68 -30.50 -6.61
CA ASP A 51 5.49 -31.27 -6.23
C ASP A 51 4.28 -30.36 -6.06
N GLY A 52 4.32 -29.18 -6.68
CA GLY A 52 3.22 -28.25 -6.60
C GLY A 52 3.08 -27.62 -5.21
N SER A 53 4.10 -27.78 -4.38
CA SER A 53 4.06 -27.21 -3.03
C SER A 53 5.47 -26.96 -2.50
N SER A 54 6.15 -28.02 -2.08
CA SER A 54 7.50 -27.91 -1.55
C SER A 54 7.54 -26.84 -0.45
N GLU A 55 8.68 -26.16 -0.32
CA GLU A 55 8.81 -25.11 0.69
C GLU A 55 8.64 -23.73 0.06
N ILE A 56 7.88 -22.86 0.71
CA ILE A 56 7.66 -21.52 0.20
C ILE A 56 7.76 -20.46 1.30
N PHE A 57 8.61 -19.48 1.08
CA PHE A 57 8.81 -18.39 2.03
C PHE A 57 8.82 -17.04 1.32
N PHE A 58 8.34 -16.01 2.00
CA PHE A 58 8.31 -14.67 1.41
C PHE A 58 8.45 -13.58 2.46
N LYS A 59 8.89 -12.41 2.03
CA LYS A 59 9.07 -11.27 2.92
C LYS A 59 8.32 -10.05 2.41
N ILE A 60 8.06 -9.10 3.29
CA ILE A 60 7.34 -7.89 2.91
C ILE A 60 8.08 -6.64 3.36
N LYS A 61 7.97 -5.56 2.60
CA LYS A 61 8.61 -4.30 2.91
C LYS A 61 7.61 -3.16 2.83
N LYS A 62 6.82 -3.01 3.88
CA LYS A 62 5.79 -1.97 3.92
C LYS A 62 4.87 -2.08 2.72
N THR A 63 4.78 -3.28 2.15
CA THR A 63 3.93 -3.53 1.00
C THR A 63 3.01 -4.70 1.28
N THR A 64 1.94 -4.44 2.02
CA THR A 64 0.98 -5.48 2.36
C THR A 64 0.16 -5.90 1.14
N PRO A 65 -0.47 -7.09 1.19
CA PRO A 65 -1.28 -7.60 0.07
C PRO A 65 -2.41 -6.65 -0.32
N LEU A 66 -2.71 -6.62 -1.62
CA LEU A 66 -3.76 -5.76 -2.14
C LEU A 66 -5.12 -6.16 -1.59
N ARG A 67 -5.26 -7.43 -1.22
CA ARG A 67 -6.52 -7.94 -0.67
C ARG A 67 -6.90 -7.15 0.57
N ARG A 68 -5.93 -6.88 1.43
CA ARG A 68 -6.18 -6.14 2.65
C ARG A 68 -6.73 -4.75 2.34
N LEU A 69 -6.12 -4.09 1.35
CA LEU A 69 -6.55 -2.75 0.95
C LEU A 69 -7.98 -2.81 0.42
N MET A 70 -8.27 -3.86 -0.34
CA MET A 70 -9.60 -4.05 -0.92
C MET A 70 -10.65 -4.12 0.17
N GLU A 71 -10.32 -4.79 1.27
CA GLU A 71 -11.25 -4.96 2.38
C GLU A 71 -11.66 -3.59 2.93
N ALA A 72 -10.70 -2.66 3.01
CA ALA A 72 -10.98 -1.33 3.51
C ALA A 72 -12.04 -0.65 2.64
N PHE A 73 -11.92 -0.84 1.33
CA PHE A 73 -12.87 -0.25 0.39
C PHE A 73 -14.26 -0.85 0.60
N ALA A 74 -14.30 -2.15 0.88
CA ALA A 74 -15.56 -2.84 1.10
C ALA A 74 -16.29 -2.26 2.31
N LYS A 75 -15.54 -1.97 3.35
CA LYS A 75 -16.10 -1.40 4.58
C LYS A 75 -16.70 -0.01 4.32
N ARG A 76 -16.01 0.77 3.50
CA ARG A 76 -16.48 2.12 3.16
C ARG A 76 -17.83 2.09 2.45
N GLN A 77 -17.98 1.14 1.54
CA GLN A 77 -19.23 1.00 0.79
C GLN A 77 -20.35 0.36 1.63
N GLY A 78 -20.05 0.05 2.90
CA GLY A 78 -21.06 -0.55 3.75
C GLY A 78 -21.19 -2.05 3.59
N LYS A 79 -20.17 -2.67 2.99
CA LYS A 79 -20.18 -4.11 2.77
C LYS A 79 -19.00 -4.76 3.49
N GLU A 80 -19.22 -5.97 4.00
CA GLU A 80 -18.18 -6.70 4.71
C GLU A 80 -17.49 -7.71 3.80
N MET A 81 -16.17 -7.64 3.77
CA MET A 81 -15.37 -8.55 2.94
C MET A 81 -15.56 -9.99 3.39
N ASP A 82 -15.61 -10.20 4.70
CA ASP A 82 -15.78 -11.53 5.26
C ASP A 82 -17.11 -12.15 4.82
N SER A 83 -18.08 -11.30 4.48
CA SER A 83 -19.38 -11.78 4.06
C SER A 83 -19.31 -12.38 2.66
N LEU A 84 -18.34 -11.93 1.87
CA LEU A 84 -18.16 -12.44 0.51
C LEU A 84 -16.83 -13.16 0.35
N ARG A 85 -16.87 -14.29 -0.35
CA ARG A 85 -15.67 -15.09 -0.59
C ARG A 85 -15.40 -15.21 -2.08
N PHE A 86 -14.18 -14.92 -2.49
CA PHE A 86 -13.82 -15.00 -3.90
C PHE A 86 -13.26 -16.36 -4.25
N LEU A 87 -13.92 -17.04 -5.18
CA LEU A 87 -13.50 -18.37 -5.62
C LEU A 87 -13.03 -18.35 -7.07
N TYR A 88 -11.83 -18.88 -7.30
CA TYR A 88 -11.27 -18.92 -8.64
C TYR A 88 -10.79 -20.33 -8.98
N ASP A 89 -11.36 -20.92 -10.03
CA ASP A 89 -11.00 -22.27 -10.46
C ASP A 89 -11.13 -23.26 -9.31
N GLY A 90 -12.14 -23.07 -8.46
CA GLY A 90 -12.35 -23.96 -7.34
C GLY A 90 -11.44 -23.68 -6.15
N ILE A 91 -10.58 -22.67 -6.27
CA ILE A 91 -9.67 -22.31 -5.19
C ILE A 91 -9.85 -20.86 -4.78
N ARG A 92 -10.03 -20.64 -3.48
CA ARG A 92 -10.22 -19.28 -2.97
C ARG A 92 -8.97 -18.44 -3.19
N ILE A 93 -9.14 -17.12 -3.25
CA ILE A 93 -8.02 -16.22 -3.46
C ILE A 93 -7.09 -16.17 -2.25
N GLN A 94 -5.80 -16.00 -2.51
CA GLN A 94 -4.80 -15.95 -1.44
C GLN A 94 -3.87 -14.76 -1.59
N ALA A 95 -3.23 -14.41 -0.48
CA ALA A 95 -2.30 -13.28 -0.46
C ALA A 95 -1.13 -13.53 -1.42
N ASP A 96 -0.65 -14.76 -1.46
CA ASP A 96 0.46 -15.12 -2.33
C ASP A 96 0.05 -15.06 -3.80
N GLN A 97 -1.24 -15.15 -4.06
CA GLN A 97 -1.78 -15.11 -5.43
C GLN A 97 -1.43 -13.79 -6.12
N THR A 98 -1.50 -12.69 -5.38
CA THR A 98 -1.19 -11.38 -5.94
C THR A 98 0.23 -11.33 -6.50
N PRO A 99 0.43 -10.87 -7.76
CA PRO A 99 1.76 -10.79 -8.38
C PRO A 99 2.67 -9.77 -7.70
N GLU A 100 2.07 -8.75 -7.09
CA GLU A 100 2.83 -7.71 -6.41
C GLU A 100 3.63 -8.30 -5.25
N ASP A 101 3.03 -9.23 -4.52
CA ASP A 101 3.70 -9.86 -3.39
C ASP A 101 4.97 -10.58 -3.84
N LEU A 102 4.87 -11.33 -4.93
CA LEU A 102 6.01 -12.07 -5.45
C LEU A 102 7.04 -11.14 -6.09
N ASP A 103 6.59 -9.94 -6.47
CA ASP A 103 7.47 -8.95 -7.09
C ASP A 103 8.26 -9.56 -8.25
N MET A 104 7.59 -10.39 -9.04
CA MET A 104 8.24 -11.04 -10.18
C MET A 104 9.53 -11.73 -9.75
N GLU A 105 9.46 -12.49 -8.67
CA GLU A 105 10.62 -13.21 -8.15
C GLU A 105 10.42 -14.72 -8.22
N ASP A 106 11.51 -15.46 -8.04
CA ASP A 106 11.47 -16.91 -8.08
C ASP A 106 11.17 -17.42 -9.48
N ASN A 107 10.85 -18.71 -9.57
CA ASN A 107 10.55 -19.33 -10.85
C ASN A 107 9.06 -19.62 -10.98
N ASP A 108 8.54 -19.45 -12.19
CA ASP A 108 7.14 -19.69 -12.47
C ASP A 108 6.93 -21.07 -13.09
N ILE A 109 7.87 -21.97 -12.82
CA ILE A 109 7.82 -23.33 -13.36
C ILE A 109 8.11 -24.34 -12.26
N ILE A 110 7.43 -25.48 -12.31
CA ILE A 110 7.61 -26.53 -11.32
C ILE A 110 8.15 -27.81 -11.97
N GLU A 111 9.23 -28.34 -11.40
CA GLU A 111 9.84 -29.56 -11.93
C GLU A 111 9.54 -30.75 -11.03
N ALA A 112 9.09 -31.84 -11.63
CA ALA A 112 8.76 -33.05 -10.89
C ALA A 112 8.81 -34.28 -11.79
N HIS A 113 8.97 -35.45 -11.18
CA HIS A 113 9.03 -36.70 -11.92
C HIS A 113 8.63 -37.87 -11.05
N ARG A 114 8.29 -38.99 -11.69
CA ARG A 114 7.89 -40.18 -10.96
C ARG A 114 8.58 -41.43 -11.54
N GLU A 115 8.79 -42.42 -10.68
CA GLU A 115 9.45 -43.65 -11.11
C GLU A 115 8.42 -44.69 -11.55
N GLN A 116 8.57 -45.20 -12.77
CA GLN A 116 7.66 -46.19 -13.30
C GLN A 116 7.83 -47.53 -12.59
N ILE A 117 6.72 -48.12 -12.17
CA ILE A 117 6.74 -49.40 -11.47
C ILE A 117 5.96 -50.47 -12.24
N GLY A 118 6.62 -51.58 -12.51
CA GLY A 118 5.97 -52.66 -13.24
C GLY A 118 5.50 -52.23 -14.61
N GLY A 119 4.25 -52.55 -14.94
CA GLY A 119 3.70 -52.17 -16.22
C GLY A 119 3.65 -53.34 -17.18
N MET A 1 0.88 45.02 29.84
CA MET A 1 0.02 45.77 28.87
C MET A 1 0.45 45.48 27.44
N GLY A 2 -0.30 46.01 26.48
CA GLY A 2 0.02 45.80 25.08
C GLY A 2 -0.48 44.46 24.57
N SER A 3 -0.11 44.11 23.35
CA SER A 3 -0.51 42.85 22.75
C SER A 3 0.46 42.42 21.66
N SER A 4 0.36 41.16 21.24
CA SER A 4 1.23 40.62 20.21
C SER A 4 1.04 41.35 18.88
N HIS A 5 -0.21 41.68 18.55
CA HIS A 5 -0.51 42.36 17.29
C HIS A 5 -0.02 41.54 16.10
N HIS A 6 -0.16 40.22 16.20
CA HIS A 6 0.26 39.33 15.13
C HIS A 6 -0.67 39.43 13.93
N HIS A 7 -0.22 38.89 12.80
CA HIS A 7 -1.00 38.93 11.56
C HIS A 7 -1.57 37.55 11.25
N HIS A 8 -2.88 37.49 11.04
CA HIS A 8 -3.56 36.23 10.72
C HIS A 8 -4.78 36.47 9.85
N HIS A 9 -5.26 35.41 9.22
CA HIS A 9 -6.43 35.49 8.35
C HIS A 9 -7.12 34.13 8.22
N HIS A 10 -8.34 34.15 7.73
CA HIS A 10 -9.10 32.92 7.55
C HIS A 10 -9.86 32.95 6.22
N GLY A 11 -9.68 31.90 5.44
CA GLY A 11 -10.35 31.80 4.15
C GLY A 11 -11.70 31.10 4.25
N SER A 12 -12.28 30.78 3.11
CA SER A 12 -13.56 30.11 3.06
C SER A 12 -13.64 29.17 1.87
N GLY A 13 -14.25 28.00 2.08
CA GLY A 13 -14.38 27.03 1.00
C GLY A 13 -15.37 27.47 -0.06
N LEU A 14 -15.15 27.00 -1.29
CA LEU A 14 -16.03 27.35 -2.40
C LEU A 14 -16.70 26.11 -2.97
N VAL A 15 -18.00 26.22 -3.23
CA VAL A 15 -18.75 25.10 -3.79
C VAL A 15 -18.51 23.82 -2.98
N PRO A 16 -18.96 23.82 -1.71
CA PRO A 16 -18.81 22.66 -0.82
C PRO A 16 -19.69 21.50 -1.23
N ARG A 17 -19.26 20.29 -0.89
CA ARG A 17 -20.00 19.08 -1.21
C ARG A 17 -19.83 18.04 -0.11
N GLY A 18 -20.94 17.55 0.40
CA GLY A 18 -20.90 16.54 1.45
C GLY A 18 -20.67 17.14 2.82
N SER A 19 -20.52 18.47 2.88
CA SER A 19 -20.29 19.15 4.15
C SER A 19 -19.09 18.55 4.88
N ALA A 20 -19.05 18.71 6.20
CA ALA A 20 -17.95 18.18 7.00
C ALA A 20 -17.90 16.66 6.94
N SER A 21 -16.69 16.12 6.91
CA SER A 21 -16.50 14.67 6.84
C SER A 21 -16.90 14.01 8.14
N MET A 22 -17.15 12.69 8.08
CA MET A 22 -17.53 11.93 9.26
C MET A 22 -16.32 11.32 9.96
N SER A 23 -15.14 11.88 9.68
CA SER A 23 -13.90 11.37 10.28
C SER A 23 -13.93 11.52 11.80
N ASP A 24 -13.42 10.50 12.49
CA ASP A 24 -13.39 10.51 13.95
C ASP A 24 -12.52 11.64 14.47
N SER A 25 -13.04 12.42 15.42
CA SER A 25 -12.31 13.53 16.00
C SER A 25 -11.04 13.04 16.69
N GLU A 26 -9.97 13.81 16.55
CA GLU A 26 -8.69 13.46 17.16
C GLU A 26 -7.87 14.71 17.47
N VAL A 27 -6.88 14.57 18.34
CA VAL A 27 -6.02 15.70 18.71
C VAL A 27 -4.91 15.90 17.70
N ASN A 28 -4.82 17.12 17.17
CA ASN A 28 -3.80 17.45 16.19
C ASN A 28 -2.47 17.78 16.86
N GLN A 29 -1.48 18.15 16.06
CA GLN A 29 -0.16 18.50 16.58
C GLN A 29 0.44 19.66 15.78
N GLU A 30 1.17 20.53 16.47
CA GLU A 30 1.78 21.69 15.83
C GLU A 30 2.83 21.26 14.80
N ALA A 31 3.66 20.27 15.16
CA ALA A 31 4.70 19.77 14.27
C ALA A 31 5.44 18.60 14.90
N LYS A 32 4.83 17.43 14.93
CA LYS A 32 5.45 16.25 15.51
C LYS A 32 5.37 15.06 14.56
N PRO A 33 6.11 15.12 13.44
CA PRO A 33 6.13 14.05 12.43
C PRO A 33 6.86 12.81 12.93
N GLU A 34 6.48 11.65 12.40
CA GLU A 34 7.10 10.39 12.80
C GLU A 34 7.58 9.61 11.58
N VAL A 35 8.74 8.96 11.72
CA VAL A 35 9.30 8.18 10.63
C VAL A 35 9.74 6.79 11.12
N LYS A 36 9.85 5.85 10.19
CA LYS A 36 10.27 4.49 10.54
C LYS A 36 11.35 4.00 9.59
N PRO A 37 12.21 3.08 10.06
CA PRO A 37 13.31 2.52 9.25
C PRO A 37 12.80 1.57 8.17
N GLU A 38 13.57 1.44 7.10
CA GLU A 38 13.19 0.56 6.00
C GLU A 38 14.12 -0.65 5.92
N VAL A 39 13.53 -1.83 5.74
CA VAL A 39 14.30 -3.06 5.65
C VAL A 39 13.70 -4.00 4.61
N LYS A 40 14.50 -4.33 3.59
CA LYS A 40 14.03 -5.22 2.52
C LYS A 40 13.88 -6.66 3.00
N PRO A 41 14.89 -7.25 3.66
CA PRO A 41 14.83 -8.64 4.15
C PRO A 41 13.66 -8.86 5.11
N GLU A 42 13.05 -10.05 5.02
CA GLU A 42 11.93 -10.41 5.88
C GLU A 42 10.77 -9.42 5.75
N THR A 43 10.39 -9.10 4.52
CA THR A 43 9.30 -8.17 4.28
C THR A 43 8.04 -8.93 3.88
N HIS A 44 7.94 -9.28 2.59
CA HIS A 44 6.78 -10.01 2.09
C HIS A 44 7.24 -11.25 1.32
N ILE A 45 6.90 -12.41 1.82
CA ILE A 45 7.27 -13.67 1.17
C ILE A 45 6.22 -14.74 1.42
N ASN A 46 6.27 -15.81 0.63
CA ASN A 46 5.32 -16.90 0.76
C ASN A 46 6.02 -18.26 0.63
N LEU A 47 5.81 -19.12 1.63
CA LEU A 47 6.43 -20.44 1.63
C LEU A 47 5.55 -21.46 2.37
N LYS A 48 5.56 -22.70 1.91
CA LYS A 48 4.77 -23.75 2.53
C LYS A 48 5.42 -25.11 2.30
N VAL A 49 5.30 -25.99 3.30
CA VAL A 49 5.88 -27.33 3.20
C VAL A 49 4.85 -28.39 3.57
N SER A 50 4.49 -29.21 2.59
CA SER A 50 3.52 -30.28 2.80
C SER A 50 3.73 -31.41 1.80
N ASP A 51 3.60 -32.64 2.28
CA ASP A 51 3.77 -33.81 1.41
C ASP A 51 2.71 -33.86 0.31
N GLY A 52 1.46 -33.64 0.69
CA GLY A 52 0.37 -33.66 -0.27
C GLY A 52 -0.28 -32.31 -0.48
N SER A 53 0.38 -31.25 -0.06
CA SER A 53 -0.16 -29.89 -0.22
C SER A 53 -1.49 -29.77 0.51
N SER A 54 -1.67 -30.58 1.55
CA SER A 54 -2.90 -30.56 2.33
C SER A 54 -3.01 -29.30 3.19
N GLU A 55 -1.88 -28.64 3.42
CA GLU A 55 -1.87 -27.41 4.23
C GLU A 55 -1.19 -26.28 3.49
N ILE A 56 -1.59 -25.04 3.82
CA ILE A 56 -1.03 -23.86 3.19
C ILE A 56 -0.55 -22.86 4.24
N PHE A 57 0.62 -22.28 4.02
CA PHE A 57 1.19 -21.31 4.95
C PHE A 57 1.79 -20.12 4.20
N PHE A 58 1.47 -18.92 4.67
CA PHE A 58 1.97 -17.70 4.04
C PHE A 58 2.22 -16.61 5.08
N LYS A 59 3.15 -15.72 4.79
CA LYS A 59 3.48 -14.62 5.70
C LYS A 59 3.39 -13.28 4.99
N ILE A 60 2.51 -12.41 5.49
CA ILE A 60 2.34 -11.09 4.91
C ILE A 60 2.08 -10.04 5.98
N LYS A 61 2.60 -8.84 5.77
CA LYS A 61 2.43 -7.75 6.71
C LYS A 61 1.30 -6.83 6.27
N LYS A 62 0.17 -6.90 6.96
CA LYS A 62 -0.99 -6.09 6.64
C LYS A 62 -1.30 -6.16 5.14
N THR A 63 -2.03 -5.17 4.63
CA THR A 63 -2.37 -5.15 3.22
C THR A 63 -1.59 -4.05 2.49
N THR A 64 -0.71 -4.47 1.59
CA THR A 64 0.11 -3.52 0.82
C THR A 64 -0.07 -3.74 -0.68
N PRO A 65 -0.88 -2.92 -1.37
CA PRO A 65 -1.09 -3.06 -2.82
C PRO A 65 0.12 -2.58 -3.62
N LEU A 66 0.21 -3.05 -4.86
CA LEU A 66 1.31 -2.68 -5.74
C LEU A 66 1.33 -1.17 -6.00
N ARG A 67 0.15 -0.58 -6.16
CA ARG A 67 0.04 0.85 -6.43
C ARG A 67 0.64 1.67 -5.30
N ARG A 68 0.40 1.27 -4.05
CA ARG A 68 0.95 2.00 -2.91
C ARG A 68 2.46 1.99 -2.95
N LEU A 69 3.05 0.84 -3.25
CA LEU A 69 4.50 0.71 -3.31
C LEU A 69 5.07 1.60 -4.40
N MET A 70 4.38 1.63 -5.55
CA MET A 70 4.81 2.45 -6.67
C MET A 70 4.78 3.93 -6.31
N GLU A 71 3.75 4.33 -5.57
CA GLU A 71 3.60 5.71 -5.14
C GLU A 71 4.76 6.14 -4.26
N ALA A 72 5.17 5.26 -3.35
CA ALA A 72 6.28 5.54 -2.45
C ALA A 72 7.57 5.78 -3.23
N PHE A 73 7.80 4.96 -4.26
CA PHE A 73 8.99 5.10 -5.08
C PHE A 73 8.98 6.42 -5.83
N ALA A 74 7.81 6.80 -6.33
CA ALA A 74 7.68 8.04 -7.08
C ALA A 74 8.03 9.24 -6.20
N LYS A 75 7.57 9.21 -4.95
CA LYS A 75 7.84 10.29 -4.01
C LYS A 75 9.33 10.42 -3.75
N ARG A 76 10.01 9.28 -3.68
CA ARG A 76 11.45 9.25 -3.43
C ARG A 76 12.17 10.01 -4.56
N GLN A 77 11.70 9.81 -5.78
CA GLN A 77 12.30 10.47 -6.94
C GLN A 77 11.81 11.91 -7.08
N GLY A 78 10.87 12.31 -6.23
CA GLY A 78 10.34 13.68 -6.30
C GLY A 78 9.29 13.85 -7.39
N LYS A 79 8.71 12.74 -7.84
CA LYS A 79 7.69 12.78 -8.87
C LYS A 79 6.44 12.02 -8.44
N GLU A 80 5.28 12.47 -8.90
CA GLU A 80 4.02 11.83 -8.55
C GLU A 80 3.60 10.81 -9.61
N MET A 81 3.00 9.71 -9.16
CA MET A 81 2.55 8.66 -10.07
C MET A 81 1.48 9.18 -11.03
N ASP A 82 0.60 10.03 -10.52
CA ASP A 82 -0.47 10.59 -11.34
C ASP A 82 0.10 11.42 -12.48
N SER A 83 1.28 12.00 -12.27
CA SER A 83 1.92 12.82 -13.30
C SER A 83 2.48 11.95 -14.42
N LEU A 84 2.77 10.69 -14.11
CA LEU A 84 3.31 9.77 -15.10
C LEU A 84 2.30 8.68 -15.47
N ARG A 85 2.33 8.24 -16.72
CA ARG A 85 1.42 7.21 -17.18
C ARG A 85 2.12 5.86 -17.27
N PHE A 86 1.51 4.84 -16.67
CA PHE A 86 2.09 3.50 -16.69
C PHE A 86 1.61 2.75 -17.93
N LEU A 87 2.49 2.64 -18.92
CA LEU A 87 2.15 1.95 -20.16
C LEU A 87 3.16 0.85 -20.46
N TYR A 88 2.67 -0.37 -20.61
CA TYR A 88 3.53 -1.51 -20.90
C TYR A 88 3.18 -2.13 -22.24
N ASP A 89 4.15 -2.14 -23.16
CA ASP A 89 3.96 -2.71 -24.48
C ASP A 89 2.72 -2.12 -25.16
N GLY A 90 2.44 -0.85 -24.90
CA GLY A 90 1.28 -0.20 -25.50
C GLY A 90 -0.03 -0.73 -24.93
N ILE A 91 0.02 -1.27 -23.72
CA ILE A 91 -1.17 -1.81 -23.07
C ILE A 91 -1.53 -1.03 -21.81
N ARG A 92 -2.77 -0.57 -21.75
CA ARG A 92 -3.26 0.19 -20.60
C ARG A 92 -3.25 -0.67 -19.35
N ILE A 93 -3.20 -0.02 -18.18
CA ILE A 93 -3.19 -0.73 -16.92
C ILE A 93 -4.43 -0.39 -16.10
N GLN A 94 -4.97 -1.40 -15.42
CA GLN A 94 -6.16 -1.23 -14.60
C GLN A 94 -5.95 -1.71 -13.17
N ALA A 95 -6.82 -1.24 -12.29
CA ALA A 95 -6.75 -1.61 -10.88
C ALA A 95 -6.92 -3.12 -10.67
N ASP A 96 -7.83 -3.72 -11.44
CA ASP A 96 -8.07 -5.15 -11.33
C ASP A 96 -6.87 -5.97 -11.79
N GLN A 97 -6.04 -5.39 -12.65
CA GLN A 97 -4.87 -6.09 -13.17
C GLN A 97 -3.86 -6.38 -12.07
N THR A 98 -3.65 -5.42 -11.18
CA THR A 98 -2.70 -5.59 -10.08
C THR A 98 -3.19 -6.63 -9.07
N PRO A 99 -2.30 -7.53 -8.59
CA PRO A 99 -2.69 -8.56 -7.61
C PRO A 99 -2.85 -7.98 -6.21
N GLU A 100 -3.86 -7.13 -6.03
CA GLU A 100 -4.12 -6.50 -4.74
C GLU A 100 -4.46 -7.54 -3.68
N ASP A 101 -5.26 -8.54 -4.06
CA ASP A 101 -5.65 -9.60 -3.12
C ASP A 101 -4.44 -10.36 -2.59
N LEU A 102 -3.45 -10.59 -3.45
CA LEU A 102 -2.25 -11.32 -3.06
C LEU A 102 -1.26 -10.40 -2.34
N ASP A 103 -1.43 -9.09 -2.52
CA ASP A 103 -0.55 -8.11 -1.89
C ASP A 103 0.91 -8.39 -2.23
N MET A 104 1.16 -8.79 -3.48
CA MET A 104 2.51 -9.08 -3.93
C MET A 104 3.21 -10.03 -2.97
N GLU A 105 3.14 -11.33 -3.27
CA GLU A 105 3.77 -12.34 -2.43
C GLU A 105 4.23 -13.54 -3.26
N ASP A 106 5.14 -14.33 -2.70
CA ASP A 106 5.66 -15.51 -3.37
C ASP A 106 4.56 -16.51 -3.68
N ASN A 107 4.78 -17.31 -4.72
CA ASN A 107 3.80 -18.32 -5.13
C ASN A 107 3.49 -19.27 -3.98
N ASP A 108 2.21 -19.48 -3.71
CA ASP A 108 1.77 -20.35 -2.63
C ASP A 108 1.25 -21.68 -3.17
N ILE A 109 1.72 -22.04 -4.36
CA ILE A 109 1.32 -23.29 -5.00
C ILE A 109 2.48 -24.27 -5.08
N ILE A 110 2.25 -25.47 -4.57
CA ILE A 110 3.27 -26.52 -4.59
C ILE A 110 2.69 -27.84 -5.06
N GLU A 111 3.48 -28.61 -5.81
CA GLU A 111 3.04 -29.89 -6.33
C GLU A 111 3.92 -31.03 -5.81
N ALA A 112 3.31 -32.19 -5.62
CA ALA A 112 4.03 -33.36 -5.13
C ALA A 112 3.99 -34.50 -6.15
N HIS A 113 5.05 -35.31 -6.17
CA HIS A 113 5.13 -36.42 -7.09
C HIS A 113 4.72 -37.72 -6.41
N ARG A 114 3.86 -38.48 -7.09
CA ARG A 114 3.38 -39.75 -6.57
C ARG A 114 3.79 -40.91 -7.47
N GLU A 115 4.36 -41.95 -6.88
CA GLU A 115 4.80 -43.12 -7.62
C GLU A 115 3.62 -43.88 -8.20
N GLN A 116 3.80 -44.44 -9.39
CA GLN A 116 2.74 -45.20 -10.06
C GLN A 116 2.36 -46.44 -9.25
N ILE A 117 1.07 -46.65 -9.08
CA ILE A 117 0.57 -47.79 -8.33
C ILE A 117 -0.49 -48.55 -9.11
N GLY A 118 -0.72 -49.81 -8.74
CA GLY A 118 -1.70 -50.62 -9.42
C GLY A 118 -3.10 -50.04 -9.32
N GLY A 119 -3.44 -49.52 -8.15
CA GLY A 119 -4.76 -48.94 -7.95
C GLY A 119 -5.67 -49.83 -7.14
N MET A 1 -15.37 24.61 21.96
CA MET A 1 -16.36 23.52 21.73
C MET A 1 -16.82 23.50 20.28
N GLY A 2 -17.60 22.48 19.93
CA GLY A 2 -18.11 22.37 18.57
C GLY A 2 -17.08 21.76 17.62
N SER A 3 -15.92 21.37 18.15
CA SER A 3 -14.87 20.77 17.34
C SER A 3 -14.41 21.73 16.25
N SER A 4 -13.80 21.18 15.20
CA SER A 4 -13.32 21.99 14.09
C SER A 4 -13.28 21.17 12.81
N HIS A 5 -13.23 21.86 11.67
CA HIS A 5 -13.19 21.20 10.37
C HIS A 5 -12.48 22.06 9.34
N HIS A 6 -11.66 21.43 8.51
CA HIS A 6 -10.91 22.14 7.48
C HIS A 6 -11.02 21.42 6.14
N HIS A 7 -11.02 22.20 5.06
CA HIS A 7 -11.12 21.63 3.72
C HIS A 7 -9.80 21.79 2.96
N HIS A 8 -9.14 20.67 2.69
CA HIS A 8 -7.87 20.70 1.97
C HIS A 8 -7.66 19.40 1.20
N HIS A 9 -7.42 19.52 -0.11
CA HIS A 9 -7.20 18.36 -0.96
C HIS A 9 -5.99 18.56 -1.87
N HIS A 10 -5.23 17.51 -2.09
CA HIS A 10 -4.05 17.58 -2.94
C HIS A 10 -3.82 16.25 -3.65
N GLY A 11 -3.76 16.29 -4.97
CA GLY A 11 -3.54 15.08 -5.75
C GLY A 11 -2.45 15.25 -6.79
N SER A 12 -1.70 14.19 -7.05
CA SER A 12 -0.64 14.21 -8.03
C SER A 12 -0.28 12.81 -8.50
N GLY A 13 0.15 12.69 -9.74
CA GLY A 13 0.52 11.40 -10.29
C GLY A 13 -0.04 11.17 -11.68
N LEU A 14 0.83 10.84 -12.62
CA LEU A 14 0.42 10.59 -14.00
C LEU A 14 0.84 9.21 -14.47
N VAL A 15 0.06 8.62 -15.36
CA VAL A 15 0.37 7.29 -15.88
C VAL A 15 0.63 6.30 -14.76
N PRO A 16 -0.43 5.83 -14.10
CA PRO A 16 -0.32 4.87 -13.00
C PRO A 16 0.37 3.57 -13.43
N ARG A 17 1.11 2.95 -12.51
CA ARG A 17 1.81 1.72 -12.80
C ARG A 17 0.86 0.53 -12.75
N GLY A 18 -0.37 0.77 -12.27
CA GLY A 18 -1.35 -0.31 -12.18
C GLY A 18 -1.13 -1.16 -10.94
N SER A 19 -0.31 -0.68 -10.01
CA SER A 19 -0.05 -1.43 -8.79
C SER A 19 -1.31 -1.59 -7.96
N ALA A 20 -1.54 -2.81 -7.46
CA ALA A 20 -2.72 -3.09 -6.65
C ALA A 20 -2.46 -2.80 -5.17
N SER A 21 -1.24 -3.09 -4.72
CA SER A 21 -0.87 -2.85 -3.33
C SER A 21 -1.89 -3.45 -2.38
N MET A 22 -2.23 -4.72 -2.61
CA MET A 22 -3.20 -5.42 -1.76
C MET A 22 -2.61 -5.72 -0.39
N SER A 23 -3.37 -5.41 0.66
CA SER A 23 -2.92 -5.66 2.02
C SER A 23 -2.81 -7.15 2.30
N ASP A 24 -1.73 -7.55 2.95
CA ASP A 24 -1.51 -8.95 3.28
C ASP A 24 -0.40 -9.10 4.32
N SER A 25 -0.77 -9.41 5.56
CA SER A 25 0.20 -9.57 6.62
C SER A 25 0.16 -10.98 7.18
N GLU A 26 1.28 -11.70 7.07
CA GLU A 26 1.37 -13.06 7.56
C GLU A 26 2.73 -13.33 8.20
N VAL A 27 2.75 -14.20 9.20
CA VAL A 27 3.98 -14.54 9.90
C VAL A 27 4.26 -16.04 9.82
N ASN A 28 5.42 -16.40 9.28
CA ASN A 28 5.80 -17.79 9.14
C ASN A 28 7.27 -18.00 9.54
N GLN A 29 7.81 -17.05 10.29
CA GLN A 29 9.20 -17.13 10.73
C GLN A 29 9.31 -16.92 12.23
N GLU A 30 10.13 -17.75 12.88
CA GLU A 30 10.33 -17.66 14.32
C GLU A 30 11.72 -17.11 14.65
N ALA A 31 12.05 -17.10 15.93
CA ALA A 31 13.34 -16.61 16.39
C ALA A 31 14.44 -17.68 16.26
N LYS A 32 14.09 -18.82 15.65
CA LYS A 32 15.05 -19.91 15.47
C LYS A 32 16.36 -19.38 14.89
N PRO A 33 16.32 -18.71 13.72
CA PRO A 33 17.52 -18.17 13.08
C PRO A 33 18.06 -16.95 13.81
N GLU A 34 19.31 -16.61 13.52
CA GLU A 34 19.96 -15.45 14.14
C GLU A 34 19.08 -14.21 13.99
N VAL A 35 19.07 -13.37 15.03
CA VAL A 35 18.27 -12.14 15.01
C VAL A 35 19.17 -10.91 15.17
N LYS A 36 18.63 -9.75 14.79
CA LYS A 36 19.37 -8.50 14.88
C LYS A 36 20.74 -8.63 14.21
N PRO A 37 20.74 -8.97 12.91
CA PRO A 37 21.97 -9.13 12.13
C PRO A 37 22.64 -7.80 11.79
N GLU A 38 23.93 -7.83 11.51
CA GLU A 38 24.68 -6.63 11.17
C GLU A 38 23.99 -5.87 10.04
N VAL A 39 24.45 -4.65 9.79
CA VAL A 39 23.87 -3.82 8.74
C VAL A 39 24.31 -4.29 7.35
N LYS A 40 23.34 -4.63 6.51
CA LYS A 40 23.65 -5.09 5.15
C LYS A 40 22.70 -4.45 4.13
N PRO A 41 23.16 -4.31 2.88
CA PRO A 41 22.37 -3.72 1.80
C PRO A 41 21.27 -4.66 1.28
N GLU A 42 20.14 -4.08 0.87
CA GLU A 42 19.02 -4.87 0.35
C GLU A 42 18.67 -6.02 1.28
N THR A 43 18.86 -5.81 2.58
CA THR A 43 18.57 -6.83 3.57
C THR A 43 17.08 -7.18 3.57
N HIS A 44 16.23 -6.16 3.53
CA HIS A 44 14.80 -6.37 3.53
C HIS A 44 14.23 -6.14 2.14
N ILE A 45 13.72 -7.20 1.54
CA ILE A 45 13.13 -7.13 0.20
C ILE A 45 11.70 -7.67 0.16
N ASN A 46 10.80 -6.88 -0.41
CA ASN A 46 9.39 -7.26 -0.51
C ASN A 46 9.11 -7.96 -1.85
N LEU A 47 8.70 -9.22 -1.79
CA LEU A 47 8.40 -9.99 -3.00
C LEU A 47 6.91 -10.22 -3.15
N LYS A 48 6.40 -9.97 -4.36
CA LYS A 48 4.97 -10.14 -4.66
C LYS A 48 4.76 -11.34 -5.58
N VAL A 49 3.82 -12.21 -5.20
CA VAL A 49 3.52 -13.40 -5.99
C VAL A 49 2.14 -13.30 -6.65
N SER A 50 2.10 -13.54 -7.96
CA SER A 50 0.86 -13.49 -8.71
C SER A 50 0.54 -14.83 -9.35
N ASP A 51 -0.74 -15.07 -9.62
CA ASP A 51 -1.19 -16.32 -10.23
C ASP A 51 -0.54 -16.53 -11.60
N GLY A 52 -0.37 -15.43 -12.34
CA GLY A 52 0.25 -15.51 -13.66
C GLY A 52 1.60 -14.85 -13.72
N SER A 53 2.07 -14.31 -12.59
CA SER A 53 3.36 -13.64 -12.53
C SER A 53 3.44 -12.48 -13.53
N SER A 54 2.28 -11.97 -13.93
CA SER A 54 2.22 -10.86 -14.87
C SER A 54 2.89 -9.61 -14.31
N GLU A 55 2.61 -9.31 -13.05
CA GLU A 55 3.19 -8.14 -12.40
C GLU A 55 4.22 -8.55 -11.34
N ILE A 56 5.27 -7.74 -11.19
CA ILE A 56 6.32 -8.01 -10.22
C ILE A 56 6.62 -6.77 -9.37
N PHE A 57 6.82 -6.98 -8.06
CA PHE A 57 7.11 -5.89 -7.14
C PHE A 57 8.62 -5.73 -6.93
N PHE A 58 9.09 -4.49 -6.99
CA PHE A 58 10.51 -4.20 -6.80
C PHE A 58 10.72 -2.84 -6.13
N LYS A 59 11.92 -2.63 -5.59
CA LYS A 59 12.24 -1.37 -4.91
C LYS A 59 12.42 -0.23 -5.92
N ILE A 60 11.99 0.96 -5.54
CA ILE A 60 12.09 2.13 -6.41
C ILE A 60 12.82 3.28 -5.72
N LYS A 61 13.32 4.22 -6.51
CA LYS A 61 14.04 5.38 -5.97
C LYS A 61 13.22 6.08 -4.90
N LYS A 62 13.86 6.33 -3.75
CA LYS A 62 13.21 6.99 -2.62
C LYS A 62 11.91 6.28 -2.24
N THR A 63 11.01 6.98 -1.57
CA THR A 63 9.74 6.41 -1.14
C THR A 63 8.57 7.09 -1.83
N THR A 64 7.71 6.29 -2.45
CA THR A 64 6.55 6.84 -3.15
C THR A 64 5.38 7.09 -2.19
N PRO A 65 4.91 8.35 -2.08
CA PRO A 65 3.78 8.71 -1.19
C PRO A 65 2.56 7.82 -1.39
N LEU A 66 1.96 7.39 -0.27
CA LEU A 66 0.78 6.55 -0.31
C LEU A 66 -0.41 7.29 -0.90
N ARG A 67 -0.49 8.59 -0.63
CA ARG A 67 -1.58 9.41 -1.14
C ARG A 67 -1.65 9.34 -2.66
N ARG A 68 -0.49 9.44 -3.31
CA ARG A 68 -0.44 9.38 -4.76
C ARG A 68 -0.94 8.03 -5.28
N LEU A 69 -0.55 6.96 -4.58
CA LEU A 69 -0.97 5.61 -4.97
C LEU A 69 -2.49 5.45 -4.87
N MET A 70 -3.05 5.93 -3.77
CA MET A 70 -4.49 5.85 -3.54
C MET A 70 -5.26 6.60 -4.62
N GLU A 71 -4.77 7.79 -4.96
CA GLU A 71 -5.43 8.61 -5.98
C GLU A 71 -5.46 7.89 -7.33
N ALA A 72 -4.35 7.27 -7.69
CA ALA A 72 -4.25 6.55 -8.95
C ALA A 72 -5.25 5.39 -9.00
N PHE A 73 -5.39 4.69 -7.87
CA PHE A 73 -6.31 3.57 -7.77
C PHE A 73 -7.74 4.01 -8.05
N ALA A 74 -8.15 5.11 -7.44
CA ALA A 74 -9.50 5.64 -7.62
C ALA A 74 -9.76 5.97 -9.09
N LYS A 75 -8.77 6.56 -9.74
CA LYS A 75 -8.89 6.93 -11.14
C LYS A 75 -9.13 5.69 -12.02
N ARG A 76 -8.45 4.60 -11.69
CA ARG A 76 -8.58 3.37 -12.44
C ARG A 76 -10.02 2.86 -12.40
N GLN A 77 -10.65 2.98 -11.23
CA GLN A 77 -12.03 2.54 -11.06
C GLN A 77 -13.00 3.58 -11.60
N GLY A 78 -12.48 4.71 -12.11
CA GLY A 78 -13.33 5.74 -12.65
C GLY A 78 -14.04 6.54 -11.57
N LYS A 79 -13.44 6.58 -10.38
CA LYS A 79 -14.01 7.31 -9.26
C LYS A 79 -13.17 8.53 -8.93
N GLU A 80 -13.81 9.54 -8.33
CA GLU A 80 -13.12 10.77 -7.97
C GLU A 80 -12.15 10.53 -6.82
N MET A 81 -11.01 11.23 -6.85
CA MET A 81 -10.00 11.09 -5.81
C MET A 81 -10.49 11.62 -4.48
N ASP A 82 -11.33 12.65 -4.55
CA ASP A 82 -11.88 13.26 -3.35
C ASP A 82 -13.08 12.47 -2.83
N SER A 83 -13.41 11.37 -3.50
CA SER A 83 -14.53 10.54 -3.08
C SER A 83 -14.18 9.74 -1.83
N LEU A 84 -12.88 9.56 -1.59
CA LEU A 84 -12.42 8.81 -0.42
C LEU A 84 -11.54 9.69 0.47
N ARG A 85 -11.96 9.86 1.72
CA ARG A 85 -11.22 10.68 2.67
C ARG A 85 -11.18 10.01 4.05
N PHE A 86 -10.00 9.95 4.64
CA PHE A 86 -9.84 9.34 5.96
C PHE A 86 -9.47 10.39 7.00
N LEU A 87 -10.27 10.46 8.07
CA LEU A 87 -10.04 11.42 9.14
C LEU A 87 -9.77 10.70 10.46
N TYR A 88 -8.68 11.08 11.12
CA TYR A 88 -8.32 10.47 12.40
C TYR A 88 -8.17 11.54 13.48
N ASP A 89 -9.13 11.59 14.40
CA ASP A 89 -9.09 12.57 15.48
C ASP A 89 -8.96 13.98 14.93
N GLY A 90 -9.58 14.23 13.78
CA GLY A 90 -9.51 15.55 13.18
C GLY A 90 -8.15 15.86 12.60
N ILE A 91 -7.34 14.82 12.37
CA ILE A 91 -6.00 14.99 11.82
C ILE A 91 -5.83 14.20 10.53
N ARG A 92 -5.35 14.88 9.50
CA ARG A 92 -5.13 14.25 8.19
C ARG A 92 -3.97 13.26 8.26
N ILE A 93 -4.04 12.21 7.44
CA ILE A 93 -2.99 11.21 7.41
C ILE A 93 -1.84 11.64 6.50
N GLN A 94 -0.64 11.15 6.81
CA GLN A 94 0.54 11.48 6.03
C GLN A 94 0.95 10.33 5.12
N ALA A 95 1.33 10.66 3.89
CA ALA A 95 1.73 9.66 2.93
C ALA A 95 2.98 8.90 3.40
N ASP A 96 3.92 9.63 3.98
CA ASP A 96 5.15 9.03 4.49
C ASP A 96 4.88 8.13 5.68
N GLN A 97 3.75 8.37 6.35
CA GLN A 97 3.37 7.57 7.51
C GLN A 97 2.63 6.31 7.08
N THR A 98 3.39 5.35 6.56
CA THR A 98 2.80 4.09 6.11
C THR A 98 2.37 3.23 7.29
N PRO A 99 1.08 2.83 7.37
CA PRO A 99 0.57 1.99 8.45
C PRO A 99 1.08 0.56 8.38
N GLU A 100 1.29 -0.04 9.55
CA GLU A 100 1.78 -1.42 9.62
C GLU A 100 0.69 -2.40 9.19
N ASP A 101 -0.56 -1.97 9.29
CA ASP A 101 -1.69 -2.81 8.90
C ASP A 101 -1.60 -3.20 7.44
N LEU A 102 -1.17 -2.26 6.60
CA LEU A 102 -1.06 -2.53 5.16
C LEU A 102 0.12 -3.45 4.89
N ASP A 103 1.07 -3.51 5.82
CA ASP A 103 2.25 -4.37 5.66
C ASP A 103 2.88 -4.17 4.29
N MET A 104 3.31 -2.94 4.00
CA MET A 104 3.93 -2.64 2.72
C MET A 104 5.17 -3.48 2.49
N GLU A 105 5.94 -3.67 3.56
CA GLU A 105 7.17 -4.46 3.47
C GLU A 105 6.86 -5.95 3.59
N ASP A 106 7.57 -6.77 2.81
CA ASP A 106 7.37 -8.21 2.82
C ASP A 106 5.92 -8.58 2.58
N ASN A 107 5.65 -9.88 2.54
CA ASN A 107 4.29 -10.38 2.31
C ASN A 107 3.68 -9.75 1.05
N ASP A 108 2.55 -9.05 1.19
CA ASP A 108 1.89 -8.41 0.04
C ASP A 108 1.66 -9.42 -1.07
N ILE A 109 1.13 -10.59 -0.70
CA ILE A 109 0.86 -11.64 -1.67
C ILE A 109 -0.64 -11.72 -1.98
N ILE A 110 -0.97 -11.74 -3.27
CA ILE A 110 -2.36 -11.81 -3.70
C ILE A 110 -2.68 -13.18 -4.28
N GLU A 111 -3.90 -13.64 -4.05
CA GLU A 111 -4.34 -14.94 -4.55
C GLU A 111 -5.41 -14.78 -5.63
N ALA A 112 -5.41 -15.68 -6.59
CA ALA A 112 -6.37 -15.65 -7.69
C ALA A 112 -7.52 -16.63 -7.45
N HIS A 113 -8.74 -16.20 -7.75
CA HIS A 113 -9.91 -17.04 -7.58
C HIS A 113 -11.05 -16.59 -8.49
N ARG A 114 -11.73 -17.57 -9.08
CA ARG A 114 -12.85 -17.28 -9.98
C ARG A 114 -14.17 -17.79 -9.40
N GLU A 115 -15.25 -17.09 -9.72
CA GLU A 115 -16.57 -17.48 -9.24
C GLU A 115 -17.66 -17.08 -10.24
N GLN A 116 -18.79 -17.77 -10.17
CA GLN A 116 -19.91 -17.50 -11.07
C GLN A 116 -20.44 -16.08 -10.85
N ILE A 117 -20.51 -15.67 -9.59
CA ILE A 117 -21.01 -14.34 -9.25
C ILE A 117 -20.17 -13.72 -8.14
N GLY A 118 -19.94 -12.41 -8.25
CA GLY A 118 -19.16 -11.72 -7.24
C GLY A 118 -19.70 -10.34 -6.93
N GLY A 119 -19.31 -9.78 -5.79
CA GLY A 119 -19.77 -8.47 -5.39
C GLY A 119 -18.75 -7.39 -5.67
N MET A 1 -45.33 23.30 5.31
CA MET A 1 -45.01 24.06 6.56
C MET A 1 -43.81 23.46 7.26
N GLY A 2 -42.61 23.82 6.81
CA GLY A 2 -41.41 23.31 7.41
C GLY A 2 -40.15 23.85 6.76
N SER A 3 -38.99 23.41 7.24
CA SER A 3 -37.72 23.86 6.70
C SER A 3 -36.65 22.80 6.88
N SER A 4 -35.73 22.69 5.92
CA SER A 4 -34.65 21.72 5.98
C SER A 4 -33.30 22.40 5.82
N HIS A 5 -32.28 21.85 6.46
CA HIS A 5 -30.93 22.40 6.40
C HIS A 5 -29.93 21.33 5.96
N HIS A 6 -29.19 21.62 4.89
CA HIS A 6 -28.21 20.69 4.37
C HIS A 6 -27.01 20.59 5.32
N HIS A 7 -26.44 19.39 5.40
CA HIS A 7 -25.28 19.16 6.27
C HIS A 7 -24.03 18.87 5.45
N HIS A 8 -23.02 19.71 5.62
CA HIS A 8 -21.76 19.54 4.90
C HIS A 8 -20.61 20.21 5.65
N HIS A 9 -19.38 19.85 5.28
CA HIS A 9 -18.20 20.41 5.92
C HIS A 9 -17.13 20.77 4.88
N HIS A 10 -16.30 21.75 5.21
CA HIS A 10 -15.23 22.18 4.32
C HIS A 10 -13.89 22.13 5.02
N GLY A 11 -12.88 21.59 4.32
CA GLY A 11 -11.55 21.49 4.89
C GLY A 11 -10.57 22.45 4.26
N SER A 12 -9.69 23.03 5.07
CA SER A 12 -8.69 23.96 4.58
C SER A 12 -7.46 23.98 5.48
N GLY A 13 -6.30 24.19 4.88
CA GLY A 13 -5.06 24.22 5.64
C GLY A 13 -4.11 25.29 5.16
N LEU A 14 -3.23 25.74 6.03
CA LEU A 14 -2.25 26.78 5.69
C LEU A 14 -0.83 26.24 5.77
N VAL A 15 -0.01 26.64 4.81
CA VAL A 15 1.38 26.21 4.79
C VAL A 15 1.50 24.70 4.95
N PRO A 16 1.00 23.94 3.98
CA PRO A 16 1.05 22.47 4.01
C PRO A 16 2.45 21.93 3.81
N ARG A 17 2.70 20.72 4.30
CA ARG A 17 4.01 20.10 4.18
C ARG A 17 4.12 19.28 2.89
N GLY A 18 3.05 19.28 2.09
CA GLY A 18 3.08 18.53 0.84
C GLY A 18 2.56 17.12 1.01
N SER A 19 2.28 16.71 2.25
CA SER A 19 1.77 15.37 2.52
C SER A 19 0.43 15.14 1.84
N ALA A 20 -0.42 16.17 1.85
CA ALA A 20 -1.74 16.08 1.24
C ALA A 20 -1.64 15.79 -0.25
N SER A 21 -2.59 15.00 -0.75
CA SER A 21 -2.62 14.63 -2.17
C SER A 21 -2.78 15.87 -3.05
N MET A 22 -2.06 15.89 -4.17
CA MET A 22 -2.12 17.02 -5.10
C MET A 22 -1.70 18.31 -4.42
N SER A 23 -0.56 18.25 -3.73
CA SER A 23 -0.04 19.43 -3.03
C SER A 23 0.47 20.47 -4.01
N ASP A 24 0.61 21.70 -3.54
CA ASP A 24 1.08 22.81 -4.37
C ASP A 24 2.58 23.07 -4.17
N SER A 25 3.26 22.16 -3.48
CA SER A 25 4.69 22.32 -3.24
C SER A 25 5.42 20.99 -3.32
N GLU A 26 6.74 21.05 -3.48
CA GLU A 26 7.57 19.85 -3.58
C GLU A 26 7.26 18.87 -2.45
N VAL A 27 7.78 17.65 -2.59
CA VAL A 27 7.55 16.61 -1.59
C VAL A 27 8.87 15.97 -1.17
N ASN A 28 8.87 15.33 0.00
CA ASN A 28 10.06 14.68 0.52
C ASN A 28 10.04 13.17 0.27
N GLN A 29 9.10 12.71 -0.57
CA GLN A 29 9.00 11.29 -0.88
C GLN A 29 8.82 10.46 0.39
N GLU A 30 7.96 10.95 1.28
CA GLU A 30 7.68 10.26 2.54
C GLU A 30 8.96 10.10 3.38
N ALA A 31 9.67 9.00 3.15
CA ALA A 31 10.91 8.73 3.89
C ALA A 31 11.86 7.86 3.09
N LYS A 32 13.15 7.94 3.41
CA LYS A 32 14.17 7.16 2.72
C LYS A 32 15.06 6.44 3.72
N PRO A 33 15.65 5.29 3.33
CA PRO A 33 16.52 4.52 4.21
C PRO A 33 17.85 5.22 4.49
N GLU A 34 18.42 4.98 5.66
CA GLU A 34 19.68 5.60 6.05
C GLU A 34 20.53 4.64 6.86
N VAL A 35 21.84 4.64 6.60
CA VAL A 35 22.78 3.78 7.31
C VAL A 35 22.68 2.33 6.84
N LYS A 36 23.74 1.56 7.07
CA LYS A 36 23.78 0.16 6.68
C LYS A 36 24.22 -0.71 7.85
N PRO A 37 23.30 -0.97 8.80
CA PRO A 37 23.58 -1.79 9.99
C PRO A 37 24.08 -3.19 9.62
N GLU A 38 25.01 -3.70 10.42
CA GLU A 38 25.57 -5.03 10.20
C GLU A 38 24.51 -6.12 10.34
N VAL A 39 23.39 -5.78 10.97
CA VAL A 39 22.30 -6.73 11.17
C VAL A 39 21.74 -7.19 9.84
N LYS A 40 21.53 -8.50 9.70
CA LYS A 40 21.00 -9.06 8.48
C LYS A 40 19.71 -9.84 8.74
N PRO A 41 18.56 -9.15 8.78
CA PRO A 41 17.25 -9.78 9.02
C PRO A 41 16.92 -10.83 7.98
N GLU A 42 16.11 -11.80 8.36
CA GLU A 42 15.70 -12.89 7.46
C GLU A 42 14.95 -12.35 6.26
N THR A 43 15.70 -11.90 5.25
CA THR A 43 15.10 -11.38 4.05
C THR A 43 14.32 -12.47 3.38
N HIS A 44 14.91 -13.65 3.33
CA HIS A 44 14.26 -14.79 2.73
C HIS A 44 13.54 -15.58 3.80
N ILE A 45 12.23 -15.54 3.71
CA ILE A 45 11.36 -16.23 4.64
C ILE A 45 10.53 -17.28 3.92
N ASN A 46 9.97 -18.22 4.68
CA ASN A 46 9.15 -19.29 4.12
C ASN A 46 7.71 -18.84 3.94
N LEU A 47 7.08 -19.28 2.86
CA LEU A 47 5.70 -18.92 2.59
C LEU A 47 4.94 -20.11 1.98
N LYS A 48 3.64 -20.18 2.24
CA LYS A 48 2.83 -21.26 1.72
C LYS A 48 1.53 -20.73 1.10
N VAL A 49 1.33 -21.03 -0.18
CA VAL A 49 0.15 -20.58 -0.89
C VAL A 49 -0.53 -21.76 -1.59
N SER A 50 -1.83 -21.91 -1.38
CA SER A 50 -2.56 -23.00 -2.00
C SER A 50 -3.92 -22.54 -2.53
N ASP A 51 -4.13 -22.74 -3.83
CA ASP A 51 -5.38 -22.35 -4.45
C ASP A 51 -6.52 -23.18 -3.87
N GLY A 52 -6.25 -24.47 -3.70
CA GLY A 52 -7.24 -25.37 -3.14
C GLY A 52 -6.66 -26.31 -2.10
N SER A 53 -5.55 -26.96 -2.45
CA SER A 53 -4.90 -27.90 -1.53
C SER A 53 -3.39 -27.93 -1.74
N SER A 54 -2.95 -27.93 -3.00
CA SER A 54 -1.53 -27.96 -3.32
C SER A 54 -0.82 -26.70 -2.83
N GLU A 55 0.42 -26.88 -2.36
CA GLU A 55 1.22 -25.76 -1.85
C GLU A 55 2.52 -25.62 -2.63
N ILE A 56 2.97 -24.38 -2.82
CA ILE A 56 4.20 -24.13 -3.56
C ILE A 56 5.11 -23.16 -2.83
N PHE A 57 6.39 -23.16 -3.20
CA PHE A 57 7.38 -22.27 -2.59
C PHE A 57 8.06 -21.43 -3.66
N PHE A 58 8.27 -20.15 -3.37
CA PHE A 58 8.91 -19.24 -4.31
C PHE A 58 9.84 -18.28 -3.58
N LYS A 59 11.08 -18.15 -4.07
CA LYS A 59 12.05 -17.26 -3.46
C LYS A 59 12.54 -16.20 -4.44
N ILE A 60 12.85 -15.02 -3.91
CA ILE A 60 13.33 -13.91 -4.73
C ILE A 60 14.59 -13.29 -4.13
N LYS A 61 15.36 -12.61 -4.97
CA LYS A 61 16.58 -11.97 -4.51
C LYS A 61 16.25 -10.75 -3.67
N LYS A 62 16.78 -10.71 -2.45
CA LYS A 62 16.52 -9.58 -1.55
C LYS A 62 15.01 -9.36 -1.42
N THR A 63 14.63 -8.18 -0.95
CA THR A 63 13.22 -7.87 -0.79
C THR A 63 12.87 -6.55 -1.47
N THR A 64 11.80 -6.56 -2.26
CA THR A 64 11.36 -5.36 -2.96
C THR A 64 9.96 -4.95 -2.48
N PRO A 65 9.82 -3.81 -1.79
CA PRO A 65 8.51 -3.35 -1.30
C PRO A 65 7.58 -2.94 -2.43
N LEU A 66 6.28 -3.06 -2.18
CA LEU A 66 5.27 -2.70 -3.16
C LEU A 66 5.38 -1.22 -3.53
N ARG A 67 5.64 -0.40 -2.53
CA ARG A 67 5.76 1.04 -2.74
C ARG A 67 6.85 1.36 -3.77
N ARG A 68 8.00 0.71 -3.63
CA ARG A 68 9.10 0.94 -4.56
C ARG A 68 8.69 0.60 -5.99
N LEU A 69 8.02 -0.53 -6.14
CA LEU A 69 7.56 -0.98 -7.46
C LEU A 69 6.55 0.02 -8.02
N MET A 70 5.66 0.49 -7.17
CA MET A 70 4.63 1.45 -7.57
C MET A 70 5.24 2.76 -8.06
N GLU A 71 6.32 3.20 -7.40
CA GLU A 71 6.99 4.43 -7.78
C GLU A 71 7.50 4.36 -9.22
N ALA A 72 8.01 3.21 -9.62
CA ALA A 72 8.52 3.04 -10.97
C ALA A 72 7.41 3.25 -12.00
N PHE A 73 6.24 2.69 -11.72
CA PHE A 73 5.10 2.83 -12.63
C PHE A 73 4.57 4.26 -12.64
N ALA A 74 4.55 4.88 -11.47
CA ALA A 74 4.07 6.25 -11.35
C ALA A 74 4.91 7.21 -12.18
N LYS A 75 6.22 7.02 -12.14
CA LYS A 75 7.14 7.87 -12.90
C LYS A 75 6.93 7.69 -14.39
N ARG A 76 6.70 6.45 -14.81
CA ARG A 76 6.48 6.13 -16.21
C ARG A 76 5.27 6.87 -16.73
N GLN A 77 4.22 6.92 -15.92
CA GLN A 77 2.99 7.60 -16.28
C GLN A 77 3.12 9.12 -16.18
N GLY A 78 4.24 9.59 -15.62
CA GLY A 78 4.45 11.02 -15.48
C GLY A 78 3.74 11.59 -14.28
N LYS A 79 3.43 10.73 -13.31
CA LYS A 79 2.73 11.16 -12.10
C LYS A 79 3.54 10.81 -10.86
N GLU A 80 3.43 11.67 -9.84
CA GLU A 80 4.16 11.45 -8.59
C GLU A 80 3.31 10.67 -7.59
N MET A 81 3.96 9.75 -6.87
CA MET A 81 3.27 8.94 -5.88
C MET A 81 2.69 9.81 -4.77
N ASP A 82 3.46 10.80 -4.33
CA ASP A 82 3.04 11.70 -3.27
C ASP A 82 1.81 12.51 -3.68
N SER A 83 1.65 12.76 -4.97
CA SER A 83 0.50 13.52 -5.45
C SER A 83 -0.79 12.73 -5.36
N LEU A 84 -0.66 11.40 -5.29
CA LEU A 84 -1.83 10.53 -5.18
C LEU A 84 -1.70 9.57 -4.02
N ARG A 85 -2.61 9.67 -3.06
CA ARG A 85 -2.59 8.81 -1.87
C ARG A 85 -4.00 8.43 -1.42
N PHE A 86 -4.15 7.19 -0.96
CA PHE A 86 -5.44 6.70 -0.48
C PHE A 86 -5.33 6.12 0.91
N LEU A 87 -6.01 6.73 1.88
CA LEU A 87 -5.98 6.24 3.26
C LEU A 87 -7.40 6.05 3.79
N TYR A 88 -7.59 5.01 4.60
CA TYR A 88 -8.90 4.72 5.17
C TYR A 88 -8.79 4.48 6.68
N ASP A 89 -9.49 5.31 7.45
CA ASP A 89 -9.48 5.18 8.91
C ASP A 89 -8.05 5.13 9.45
N GLY A 90 -7.17 5.93 8.85
CA GLY A 90 -5.79 5.96 9.29
C GLY A 90 -5.00 4.72 8.90
N ILE A 91 -5.54 3.97 7.94
CA ILE A 91 -4.88 2.75 7.47
C ILE A 91 -4.57 2.82 5.98
N ARG A 92 -3.33 2.56 5.63
CA ARG A 92 -2.90 2.60 4.23
C ARG A 92 -3.56 1.47 3.44
N ILE A 93 -3.97 1.78 2.21
CA ILE A 93 -4.61 0.81 1.34
C ILE A 93 -3.81 0.59 0.06
N GLN A 94 -3.51 -0.67 -0.24
CA GLN A 94 -2.75 -1.00 -1.44
C GLN A 94 -3.46 -2.04 -2.29
N ALA A 95 -3.29 -1.88 -3.61
CA ALA A 95 -3.91 -2.79 -4.57
C ALA A 95 -3.39 -4.21 -4.44
N ASP A 96 -2.09 -4.36 -4.22
CA ASP A 96 -1.48 -5.68 -4.08
C ASP A 96 -1.39 -6.10 -2.62
N GLN A 97 -1.42 -5.12 -1.72
CA GLN A 97 -1.34 -5.39 -0.28
C GLN A 97 -0.02 -6.09 0.07
N THR A 98 0.83 -5.41 0.84
CA THR A 98 2.11 -5.96 1.23
C THR A 98 1.94 -7.26 2.02
N PRO A 99 2.74 -8.31 1.72
CA PRO A 99 2.65 -9.60 2.42
C PRO A 99 3.02 -9.51 3.89
N GLU A 100 3.83 -8.51 4.24
CA GLU A 100 4.25 -8.33 5.62
C GLU A 100 3.05 -8.03 6.51
N ASP A 101 2.13 -7.22 6.00
CA ASP A 101 0.93 -6.87 6.73
C ASP A 101 0.06 -8.09 6.97
N LEU A 102 -0.05 -8.94 5.96
CA LEU A 102 -0.85 -10.16 6.05
C LEU A 102 -0.06 -11.30 6.70
N ASP A 103 1.24 -11.09 6.93
CA ASP A 103 2.07 -12.13 7.54
C ASP A 103 2.00 -13.42 6.73
N MET A 104 2.10 -13.29 5.41
CA MET A 104 2.05 -14.45 4.53
C MET A 104 3.20 -15.40 4.81
N GLU A 105 4.36 -14.84 5.09
CA GLU A 105 5.55 -15.64 5.37
C GLU A 105 5.46 -16.24 6.78
N ASP A 106 6.43 -17.10 7.11
CA ASP A 106 6.46 -17.74 8.42
C ASP A 106 5.14 -18.45 8.71
N ASN A 107 4.71 -19.29 7.77
CA ASN A 107 3.47 -20.04 7.91
C ASN A 107 2.26 -19.10 7.94
N ASP A 108 1.29 -19.37 7.08
CA ASP A 108 0.09 -18.55 6.99
C ASP A 108 -1.12 -19.38 6.59
N ILE A 109 -2.24 -18.71 6.37
CA ILE A 109 -3.48 -19.38 5.97
C ILE A 109 -4.06 -18.74 4.72
N ILE A 110 -4.69 -19.56 3.89
CA ILE A 110 -5.30 -19.07 2.65
C ILE A 110 -6.76 -19.47 2.55
N GLU A 111 -7.51 -18.71 1.75
CA GLU A 111 -8.94 -18.96 1.55
C GLU A 111 -9.29 -18.92 0.08
N ALA A 112 -10.28 -19.72 -0.32
CA ALA A 112 -10.71 -19.76 -1.71
C ALA A 112 -12.24 -19.63 -1.82
N HIS A 113 -12.68 -18.90 -2.83
CA HIS A 113 -14.11 -18.69 -3.05
C HIS A 113 -14.38 -18.28 -4.50
N ARG A 114 -15.64 -18.34 -4.90
CA ARG A 114 -16.04 -17.98 -6.26
C ARG A 114 -16.94 -16.76 -6.24
N GLU A 115 -16.57 -15.74 -7.01
CA GLU A 115 -17.35 -14.51 -7.09
C GLU A 115 -18.75 -14.79 -7.64
N GLN A 116 -18.82 -15.65 -8.65
CA GLN A 116 -20.10 -16.00 -9.26
C GLN A 116 -20.84 -14.76 -9.75
N ILE A 117 -20.72 -14.48 -11.04
CA ILE A 117 -21.38 -13.31 -11.62
C ILE A 117 -22.19 -13.71 -12.86
N GLY A 118 -23.15 -12.86 -13.23
CA GLY A 118 -23.97 -13.14 -14.40
C GLY A 118 -24.92 -11.99 -14.72
N GLY A 119 -25.66 -12.14 -15.81
CA GLY A 119 -26.59 -11.10 -16.21
C GLY A 119 -27.62 -10.81 -15.13
N MET A 1 -30.17 19.52 12.80
CA MET A 1 -28.88 20.08 13.26
C MET A 1 -28.94 20.45 14.74
N GLY A 2 -27.77 20.59 15.36
CA GLY A 2 -27.73 20.95 16.77
C GLY A 2 -27.91 22.45 16.99
N SER A 3 -27.93 22.85 18.26
CA SER A 3 -28.10 24.26 18.60
C SER A 3 -26.94 25.10 18.07
N SER A 4 -25.79 24.46 17.85
CA SER A 4 -24.62 25.15 17.34
C SER A 4 -24.84 25.61 15.90
N HIS A 5 -24.26 26.74 15.54
CA HIS A 5 -24.39 27.28 14.20
C HIS A 5 -23.02 27.52 13.57
N HIS A 6 -22.93 27.24 12.27
CA HIS A 6 -21.67 27.42 11.54
C HIS A 6 -21.93 27.65 10.06
N HIS A 7 -21.14 28.53 9.46
CA HIS A 7 -21.29 28.85 8.03
C HIS A 7 -19.97 28.62 7.29
N HIS A 8 -20.08 28.09 6.08
CA HIS A 8 -18.90 27.82 5.25
C HIS A 8 -18.85 28.76 4.05
N HIS A 9 -17.78 29.54 3.96
CA HIS A 9 -17.62 30.48 2.85
C HIS A 9 -16.24 30.33 2.21
N HIS A 10 -16.19 30.45 0.89
CA HIS A 10 -14.93 30.32 0.15
C HIS A 10 -13.99 31.48 0.48
N GLY A 11 -14.55 32.58 0.99
CA GLY A 11 -13.73 33.73 1.33
C GLY A 11 -12.87 33.49 2.54
N SER A 12 -11.78 34.26 2.65
CA SER A 12 -10.86 34.13 3.77
C SER A 12 -11.50 34.65 5.06
N GLY A 13 -10.94 34.23 6.19
CA GLY A 13 -11.46 34.66 7.48
C GLY A 13 -10.95 36.04 7.88
N LEU A 14 -11.41 36.53 9.02
CA LEU A 14 -11.00 37.83 9.51
C LEU A 14 -9.57 37.80 10.02
N VAL A 15 -8.82 38.85 9.72
CA VAL A 15 -7.43 38.95 10.15
C VAL A 15 -6.66 37.68 9.80
N PRO A 16 -6.54 37.38 8.50
CA PRO A 16 -5.81 36.19 8.03
C PRO A 16 -4.31 36.30 8.23
N ARG A 17 -3.65 35.14 8.38
CA ARG A 17 -2.22 35.11 8.59
C ARG A 17 -1.46 35.00 7.27
N GLY A 18 -2.19 34.95 6.16
CA GLY A 18 -1.56 34.85 4.86
C GLY A 18 -1.18 33.41 4.50
N SER A 19 -1.55 32.46 5.36
CA SER A 19 -1.24 31.06 5.12
C SER A 19 0.25 30.87 4.89
N ALA A 20 1.06 31.58 5.67
CA ALA A 20 2.52 31.49 5.55
C ALA A 20 3.01 30.10 5.93
N SER A 21 4.02 29.62 5.21
CA SER A 21 4.58 28.31 5.47
C SER A 21 6.09 28.38 5.71
N MET A 22 6.61 27.50 6.55
CA MET A 22 8.04 27.47 6.85
C MET A 22 8.86 27.16 5.60
N SER A 23 8.35 26.24 4.79
CA SER A 23 9.03 25.84 3.57
C SER A 23 10.49 25.48 3.85
N ASP A 24 10.70 24.72 4.92
CA ASP A 24 12.04 24.30 5.30
C ASP A 24 12.40 22.96 4.65
N SER A 25 13.26 23.03 3.63
CA SER A 25 13.68 21.83 2.91
C SER A 25 15.10 21.99 2.37
N GLU A 26 15.85 20.89 2.34
CA GLU A 26 17.22 20.91 1.85
C GLU A 26 18.06 21.95 2.58
N VAL A 27 17.90 22.00 3.90
CA VAL A 27 18.64 22.95 4.72
C VAL A 27 20.15 22.73 4.60
N ASN A 28 20.57 21.47 4.68
CA ASN A 28 21.98 21.13 4.57
C ASN A 28 22.17 19.65 4.27
N GLN A 29 21.30 18.81 4.84
CA GLN A 29 21.37 17.37 4.63
C GLN A 29 20.55 16.96 3.41
N GLU A 30 21.03 17.36 2.23
CA GLU A 30 20.34 17.03 0.98
C GLU A 30 20.30 15.52 0.77
N ALA A 31 21.41 14.85 1.09
CA ALA A 31 21.50 13.41 0.92
C ALA A 31 22.44 12.80 1.96
N LYS A 32 22.27 11.50 2.22
CA LYS A 32 23.10 10.80 3.19
C LYS A 32 23.67 9.53 2.58
N PRO A 33 24.64 9.67 1.66
CA PRO A 33 25.28 8.53 0.99
C PRO A 33 26.19 7.74 1.92
N GLU A 34 26.45 6.48 1.56
CA GLU A 34 27.31 5.62 2.36
C GLU A 34 26.76 5.42 3.77
N VAL A 35 25.47 5.09 3.85
CA VAL A 35 24.82 4.86 5.14
C VAL A 35 23.97 3.60 5.11
N LYS A 36 24.04 2.82 6.18
CA LYS A 36 23.26 1.58 6.28
C LYS A 36 21.78 1.88 6.47
N PRO A 37 20.91 0.95 6.05
CA PRO A 37 19.45 1.12 6.18
C PRO A 37 18.98 1.00 7.63
N GLU A 38 17.87 1.67 7.94
CA GLU A 38 17.32 1.63 9.29
C GLU A 38 16.93 0.20 9.68
N VAL A 39 16.31 -0.51 8.75
CA VAL A 39 15.90 -1.89 8.98
C VAL A 39 16.34 -2.79 7.84
N LYS A 40 16.39 -4.09 8.11
CA LYS A 40 16.81 -5.06 7.10
C LYS A 40 15.75 -5.21 6.01
N PRO A 41 16.15 -5.53 4.78
CA PRO A 41 15.22 -5.69 3.66
C PRO A 41 14.39 -6.97 3.77
N GLU A 42 13.20 -6.94 3.17
CA GLU A 42 12.31 -8.10 3.21
C GLU A 42 12.05 -8.55 4.64
N THR A 43 11.85 -7.59 5.54
CA THR A 43 11.60 -7.90 6.94
C THR A 43 10.32 -8.72 7.12
N HIS A 44 9.24 -8.27 6.48
CA HIS A 44 7.97 -8.98 6.58
C HIS A 44 7.39 -9.26 5.20
N ILE A 45 7.30 -10.54 4.84
CA ILE A 45 6.76 -10.94 3.55
C ILE A 45 6.25 -12.38 3.60
N ASN A 46 5.16 -12.63 2.89
CA ASN A 46 4.56 -13.96 2.84
C ASN A 46 4.48 -14.47 1.40
N LEU A 47 5.11 -15.62 1.14
CA LEU A 47 5.10 -16.20 -0.20
C LEU A 47 4.63 -17.65 -0.16
N LYS A 48 4.28 -18.19 -1.33
CA LYS A 48 3.81 -19.57 -1.43
C LYS A 48 4.87 -20.44 -2.10
N VAL A 49 5.23 -21.53 -1.44
CA VAL A 49 6.23 -22.45 -1.97
C VAL A 49 5.65 -23.86 -2.12
N SER A 50 5.77 -24.42 -3.32
CA SER A 50 5.27 -25.76 -3.60
C SER A 50 6.06 -26.40 -4.73
N ASP A 51 6.27 -27.71 -4.63
CA ASP A 51 7.02 -28.43 -5.65
C ASP A 51 6.33 -28.35 -7.01
N GLY A 52 5.01 -28.47 -7.01
CA GLY A 52 4.25 -28.39 -8.25
C GLY A 52 4.36 -27.06 -8.95
N SER A 53 4.33 -25.98 -8.16
CA SER A 53 4.44 -24.63 -8.70
C SER A 53 5.87 -24.09 -8.61
N SER A 54 6.80 -24.92 -8.16
CA SER A 54 8.19 -24.51 -8.03
C SER A 54 8.34 -23.49 -6.91
N GLU A 55 9.40 -22.68 -6.96
CA GLU A 55 9.65 -21.67 -5.94
C GLU A 55 9.53 -20.26 -6.54
N ILE A 56 8.87 -19.37 -5.81
CA ILE A 56 8.70 -17.99 -6.25
C ILE A 56 8.76 -17.03 -5.07
N PHE A 57 9.55 -15.98 -5.19
CA PHE A 57 9.68 -15.00 -4.10
C PHE A 57 9.69 -13.57 -4.62
N PHE A 58 8.64 -12.83 -4.24
CA PHE A 58 8.51 -11.42 -4.63
C PHE A 58 7.92 -10.62 -3.47
N LYS A 59 8.30 -9.36 -3.35
CA LYS A 59 7.78 -8.52 -2.27
C LYS A 59 6.60 -7.68 -2.74
N ILE A 60 5.42 -8.00 -2.22
CA ILE A 60 4.21 -7.29 -2.56
C ILE A 60 3.18 -7.42 -1.44
N LYS A 61 2.27 -6.47 -1.35
CA LYS A 61 1.24 -6.50 -0.33
C LYS A 61 0.04 -7.30 -0.81
N LYS A 62 -0.28 -8.38 -0.11
CA LYS A 62 -1.42 -9.20 -0.48
C LYS A 62 -2.70 -8.39 -0.41
N THR A 63 -2.78 -7.55 0.62
CA THR A 63 -3.94 -6.70 0.82
C THR A 63 -3.62 -5.28 0.40
N THR A 64 -3.65 -5.03 -0.90
CA THR A 64 -3.35 -3.70 -1.41
C THR A 64 -4.33 -2.67 -0.84
N PRO A 65 -3.82 -1.51 -0.38
CA PRO A 65 -4.66 -0.45 0.21
C PRO A 65 -5.53 0.27 -0.82
N LEU A 66 -6.53 1.00 -0.33
CA LEU A 66 -7.42 1.76 -1.19
C LEU A 66 -6.65 2.74 -2.06
N ARG A 67 -5.45 3.09 -1.63
CA ARG A 67 -4.62 4.02 -2.39
C ARG A 67 -4.40 3.46 -3.79
N ARG A 68 -4.22 2.14 -3.85
CA ARG A 68 -4.01 1.45 -5.10
C ARG A 68 -5.15 1.72 -6.08
N LEU A 69 -6.31 2.08 -5.54
CA LEU A 69 -7.49 2.38 -6.36
C LEU A 69 -7.16 3.43 -7.43
N MET A 70 -6.11 4.21 -7.19
CA MET A 70 -5.69 5.24 -8.13
C MET A 70 -5.42 4.62 -9.50
N GLU A 71 -4.90 3.39 -9.48
CA GLU A 71 -4.59 2.68 -10.72
C GLU A 71 -5.85 2.54 -11.58
N ALA A 72 -7.01 2.55 -10.94
CA ALA A 72 -8.28 2.44 -11.66
C ALA A 72 -8.39 3.59 -12.66
N PHE A 73 -7.93 4.76 -12.23
CA PHE A 73 -7.96 5.95 -13.06
C PHE A 73 -7.10 5.75 -14.31
N ALA A 74 -6.13 4.82 -14.21
CA ALA A 74 -5.24 4.54 -15.32
C ALA A 74 -6.03 4.18 -16.57
N LYS A 75 -7.15 3.49 -16.39
CA LYS A 75 -7.99 3.10 -17.52
C LYS A 75 -8.47 4.34 -18.27
N ARG A 76 -8.81 5.38 -17.52
CA ARG A 76 -9.29 6.62 -18.11
C ARG A 76 -8.19 7.25 -18.98
N GLN A 77 -6.96 7.14 -18.51
CA GLN A 77 -5.82 7.69 -19.23
C GLN A 77 -5.44 6.82 -20.43
N GLY A 78 -6.09 5.65 -20.55
CA GLY A 78 -5.80 4.75 -21.66
C GLY A 78 -4.70 3.76 -21.34
N LYS A 79 -4.32 3.66 -20.07
CA LYS A 79 -3.28 2.74 -19.66
C LYS A 79 -3.88 1.36 -19.34
N GLU A 80 -3.11 0.31 -19.58
CA GLU A 80 -3.58 -1.05 -19.33
C GLU A 80 -3.56 -1.39 -17.84
N MET A 81 -4.74 -1.35 -17.23
CA MET A 81 -4.89 -1.66 -15.81
C MET A 81 -4.65 -3.14 -15.54
N ASP A 82 -5.10 -3.96 -16.49
CA ASP A 82 -4.98 -5.41 -16.40
C ASP A 82 -3.53 -5.88 -16.33
N SER A 83 -2.58 -4.99 -16.61
CA SER A 83 -1.18 -5.36 -16.57
C SER A 83 -0.73 -5.57 -15.12
N LEU A 84 -1.46 -5.00 -14.18
CA LEU A 84 -1.14 -5.14 -12.76
C LEU A 84 -2.36 -5.62 -11.99
N ARG A 85 -2.26 -6.81 -11.39
CA ARG A 85 -3.37 -7.36 -10.63
C ARG A 85 -2.89 -8.01 -9.33
N PHE A 86 -3.76 -8.02 -8.32
CA PHE A 86 -3.43 -8.60 -7.03
C PHE A 86 -4.30 -9.82 -6.75
N LEU A 87 -3.68 -10.98 -6.59
CA LEU A 87 -4.41 -12.21 -6.32
C LEU A 87 -3.94 -12.86 -5.02
N TYR A 88 -4.88 -13.43 -4.28
CA TYR A 88 -4.57 -14.08 -3.01
C TYR A 88 -5.10 -15.51 -3.00
N ASP A 89 -4.18 -16.47 -3.04
CA ASP A 89 -4.54 -17.88 -3.03
C ASP A 89 -5.54 -18.21 -4.13
N GLY A 90 -5.36 -17.59 -5.31
CA GLY A 90 -6.24 -17.84 -6.43
C GLY A 90 -7.55 -17.06 -6.35
N ILE A 91 -7.69 -16.23 -5.31
CA ILE A 91 -8.90 -15.43 -5.14
C ILE A 91 -8.58 -13.94 -5.10
N ARG A 92 -9.29 -13.17 -5.92
CA ARG A 92 -9.08 -11.72 -5.97
C ARG A 92 -9.38 -11.08 -4.63
N ILE A 93 -8.62 -10.06 -4.28
CA ILE A 93 -8.80 -9.35 -3.01
C ILE A 93 -9.10 -7.88 -3.25
N GLN A 94 -10.12 -7.37 -2.54
CA GLN A 94 -10.51 -5.98 -2.67
C GLN A 94 -9.72 -5.07 -1.74
N ALA A 95 -9.45 -3.86 -2.21
CA ALA A 95 -8.70 -2.88 -1.43
C ALA A 95 -9.49 -2.38 -0.23
N ASP A 96 -10.81 -2.50 -0.31
CA ASP A 96 -11.69 -2.06 0.78
C ASP A 96 -11.40 -2.82 2.06
N GLN A 97 -10.84 -4.02 1.93
CA GLN A 97 -10.52 -4.84 3.09
C GLN A 97 -9.12 -4.51 3.62
N THR A 98 -9.06 -3.87 4.78
CA THR A 98 -7.80 -3.50 5.39
C THR A 98 -7.49 -4.39 6.60
N PRO A 99 -6.59 -5.39 6.46
CA PRO A 99 -6.24 -6.28 7.57
C PRO A 99 -5.19 -5.67 8.50
N GLU A 100 -5.62 -4.71 9.31
CA GLU A 100 -4.72 -4.03 10.24
C GLU A 100 -4.13 -5.00 11.25
N ASP A 101 -4.93 -5.95 11.72
CA ASP A 101 -4.47 -6.93 12.69
C ASP A 101 -3.32 -7.76 12.15
N LEU A 102 -3.38 -8.13 10.87
CA LEU A 102 -2.31 -8.92 10.26
C LEU A 102 -1.06 -8.09 10.03
N ASP A 103 -1.23 -6.77 9.98
CA ASP A 103 -0.11 -5.85 9.77
C ASP A 103 0.71 -6.27 8.55
N MET A 104 0.03 -6.83 7.55
CA MET A 104 0.70 -7.27 6.31
C MET A 104 1.97 -8.06 6.62
N GLU A 105 1.89 -8.98 7.57
CA GLU A 105 3.04 -9.79 7.94
C GLU A 105 2.71 -11.28 7.89
N ASP A 106 3.66 -12.08 7.38
CA ASP A 106 3.47 -13.51 7.28
C ASP A 106 3.13 -14.13 8.63
N ASN A 107 2.03 -14.89 8.68
CA ASN A 107 1.59 -15.53 9.91
C ASN A 107 0.95 -16.88 9.61
N ASP A 108 1.63 -17.68 8.80
CA ASP A 108 1.13 -19.00 8.42
C ASP A 108 2.30 -19.94 8.07
N ILE A 109 1.95 -21.17 7.67
CA ILE A 109 2.96 -22.15 7.32
C ILE A 109 2.61 -22.83 5.99
N ILE A 110 3.56 -22.84 5.07
CA ILE A 110 3.37 -23.47 3.77
C ILE A 110 4.45 -24.49 3.48
N GLU A 111 4.03 -25.69 3.06
CA GLU A 111 4.98 -26.76 2.75
C GLU A 111 4.58 -27.48 1.46
N ALA A 112 5.55 -28.11 0.82
CA ALA A 112 5.32 -28.84 -0.41
C ALA A 112 5.04 -30.31 -0.15
N HIS A 113 4.19 -30.91 -0.98
CA HIS A 113 3.84 -32.31 -0.83
C HIS A 113 3.32 -32.88 -2.15
N ARG A 114 3.28 -34.20 -2.23
CA ARG A 114 2.80 -34.90 -3.43
C ARG A 114 1.29 -34.80 -3.55
N GLU A 115 0.79 -34.97 -4.78
CA GLU A 115 -0.64 -34.91 -5.03
C GLU A 115 -1.22 -33.54 -4.65
N GLN A 116 -0.69 -32.50 -5.29
CA GLN A 116 -1.14 -31.14 -5.02
C GLN A 116 -2.63 -30.98 -5.37
N ILE A 117 -3.04 -31.59 -6.47
CA ILE A 117 -4.42 -31.51 -6.91
C ILE A 117 -5.06 -32.90 -6.95
N GLY A 118 -6.20 -33.04 -6.27
CA GLY A 118 -6.90 -34.31 -6.24
C GLY A 118 -8.18 -34.25 -5.44
N GLY A 119 -8.86 -35.38 -5.33
CA GLY A 119 -10.11 -35.43 -4.58
C GLY A 119 -10.15 -36.59 -3.61
N MET A 1 -43.87 5.33 10.53
CA MET A 1 -42.81 4.28 10.64
C MET A 1 -41.42 4.89 10.43
N GLY A 2 -41.18 6.02 11.08
CA GLY A 2 -39.89 6.68 10.95
C GLY A 2 -39.78 7.50 9.68
N SER A 3 -38.58 7.99 9.41
CA SER A 3 -38.35 8.80 8.21
C SER A 3 -36.90 8.69 7.77
N SER A 4 -36.69 8.67 6.45
CA SER A 4 -35.34 8.59 5.90
C SER A 4 -35.11 9.70 4.88
N HIS A 5 -33.87 10.17 4.81
CA HIS A 5 -33.53 11.25 3.88
C HIS A 5 -32.96 10.66 2.58
N HIS A 6 -33.70 10.84 1.49
CA HIS A 6 -33.27 10.32 0.19
C HIS A 6 -31.97 10.98 -0.26
N HIS A 7 -31.85 12.29 -0.04
CA HIS A 7 -30.65 13.02 -0.42
C HIS A 7 -30.23 13.98 0.68
N HIS A 8 -28.91 14.13 0.86
CA HIS A 8 -28.39 15.01 1.88
C HIS A 8 -28.37 16.46 1.39
N HIS A 9 -28.61 17.39 2.31
CA HIS A 9 -28.62 18.81 1.97
C HIS A 9 -27.86 19.63 3.02
N HIS A 10 -27.32 20.76 2.61
CA HIS A 10 -26.58 21.63 3.52
C HIS A 10 -25.29 20.96 4.00
N GLY A 11 -24.42 20.63 3.05
CA GLY A 11 -23.16 19.98 3.40
C GLY A 11 -22.23 20.90 4.17
N SER A 12 -21.38 20.31 5.01
CA SER A 12 -20.44 21.07 5.81
C SER A 12 -19.38 21.74 4.94
N GLY A 13 -18.95 22.93 5.36
CA GLY A 13 -17.96 23.67 4.61
C GLY A 13 -18.56 24.60 3.58
N LEU A 14 -17.80 25.60 3.15
CA LEU A 14 -18.27 26.55 2.16
C LEU A 14 -17.33 26.63 0.97
N VAL A 15 -16.12 27.10 1.23
CA VAL A 15 -15.12 27.23 0.20
C VAL A 15 -13.71 27.00 0.72
N PRO A 16 -13.31 25.73 0.89
CA PRO A 16 -11.98 25.38 1.39
C PRO A 16 -10.89 25.67 0.36
N ARG A 17 -9.69 26.01 0.86
CA ARG A 17 -8.57 26.31 -0.02
C ARG A 17 -7.29 25.65 0.49
N GLY A 18 -6.72 26.21 1.55
CA GLY A 18 -5.50 25.66 2.12
C GLY A 18 -5.67 24.25 2.63
N SER A 19 -6.81 23.97 3.26
CA SER A 19 -7.09 22.65 3.80
C SER A 19 -7.15 21.59 2.69
N ALA A 20 -7.36 22.03 1.45
CA ALA A 20 -7.45 21.11 0.33
C ALA A 20 -6.16 20.29 0.21
N SER A 21 -6.32 18.99 -0.03
CA SER A 21 -5.20 18.09 -0.16
C SER A 21 -4.40 18.40 -1.43
N MET A 22 -3.08 18.30 -1.34
CA MET A 22 -2.20 18.57 -2.47
C MET A 22 -1.22 17.42 -2.68
N SER A 23 -0.93 17.12 -3.95
CA SER A 23 0.01 16.03 -4.27
C SER A 23 0.61 16.23 -5.66
N ASP A 24 1.72 15.55 -5.92
CA ASP A 24 2.41 15.65 -7.19
C ASP A 24 1.56 15.08 -8.33
N SER A 25 1.69 15.68 -9.51
CA SER A 25 0.94 15.24 -10.68
C SER A 25 1.31 13.82 -11.09
N GLU A 26 2.60 13.50 -11.02
CA GLU A 26 3.08 12.18 -11.38
C GLU A 26 3.81 11.50 -10.23
N VAL A 27 3.68 10.18 -10.15
CA VAL A 27 4.32 9.40 -9.10
C VAL A 27 5.28 8.37 -9.69
N ASN A 28 6.51 8.37 -9.19
CA ASN A 28 7.53 7.43 -9.65
C ASN A 28 7.10 5.98 -9.42
N GLN A 29 7.31 5.14 -10.42
CA GLN A 29 6.95 3.73 -10.31
C GLN A 29 7.99 2.83 -10.99
N GLU A 30 8.03 1.57 -10.57
CA GLU A 30 8.98 0.61 -11.12
C GLU A 30 8.38 -0.15 -12.30
N ALA A 31 9.15 -1.09 -12.83
CA ALA A 31 8.71 -1.90 -13.97
C ALA A 31 7.46 -2.70 -13.63
N LYS A 32 7.40 -3.25 -12.43
CA LYS A 32 6.25 -4.05 -11.99
C LYS A 32 6.00 -5.23 -12.94
N PRO A 33 6.95 -6.17 -13.01
CA PRO A 33 6.83 -7.36 -13.87
C PRO A 33 5.84 -8.39 -13.33
N GLU A 34 5.37 -9.27 -14.21
CA GLU A 34 4.41 -10.31 -13.82
C GLU A 34 5.06 -11.33 -12.89
N VAL A 35 4.29 -11.81 -11.92
CA VAL A 35 4.78 -12.79 -10.95
C VAL A 35 3.68 -13.75 -10.51
N LYS A 36 4.06 -14.96 -10.12
CA LYS A 36 3.10 -15.97 -9.67
C LYS A 36 3.48 -16.54 -8.30
N PRO A 37 3.22 -15.78 -7.23
CA PRO A 37 3.53 -16.20 -5.86
C PRO A 37 2.52 -17.19 -5.30
N GLU A 38 2.89 -17.85 -4.20
CA GLU A 38 2.02 -18.82 -3.56
C GLU A 38 0.76 -18.14 -3.02
N VAL A 39 -0.35 -18.87 -3.01
CA VAL A 39 -1.61 -18.33 -2.52
C VAL A 39 -1.71 -18.40 -1.00
N LYS A 40 -1.82 -17.23 -0.36
CA LYS A 40 -1.91 -17.16 1.09
C LYS A 40 -2.23 -15.74 1.55
N PRO A 41 -3.49 -15.29 1.33
CA PRO A 41 -3.93 -13.95 1.72
C PRO A 41 -4.25 -13.83 3.21
N GLU A 42 -4.33 -14.96 3.89
CA GLU A 42 -4.65 -14.96 5.32
C GLU A 42 -3.58 -14.23 6.13
N THR A 43 -2.32 -14.43 5.78
CA THR A 43 -1.24 -13.78 6.50
C THR A 43 -1.35 -12.26 6.42
N HIS A 44 -1.58 -11.74 5.22
CA HIS A 44 -1.70 -10.31 5.02
C HIS A 44 -3.13 -9.93 4.67
N ILE A 45 -3.74 -9.17 5.56
CA ILE A 45 -5.11 -8.73 5.38
C ILE A 45 -5.20 -7.21 5.26
N ASN A 46 -5.88 -6.76 4.21
CA ASN A 46 -6.05 -5.33 3.96
C ASN A 46 -7.27 -4.78 4.68
N LEU A 47 -7.11 -3.64 5.33
CA LEU A 47 -8.21 -3.00 6.06
C LEU A 47 -8.41 -1.56 5.59
N LYS A 48 -9.67 -1.13 5.56
CA LYS A 48 -9.99 0.23 5.13
C LYS A 48 -10.57 1.04 6.29
N VAL A 49 -9.89 2.12 6.65
CA VAL A 49 -10.33 2.98 7.74
C VAL A 49 -10.36 4.44 7.30
N SER A 50 -11.52 5.08 7.49
CA SER A 50 -11.67 6.48 7.12
C SER A 50 -12.75 7.14 7.97
N ASP A 51 -12.74 8.48 8.00
CA ASP A 51 -13.71 9.24 8.76
C ASP A 51 -13.72 8.79 10.21
N GLY A 52 -12.54 8.41 10.71
CA GLY A 52 -12.43 7.97 12.09
C GLY A 52 -11.24 8.57 12.80
N SER A 53 -10.82 9.75 12.34
CA SER A 53 -9.68 10.44 12.94
C SER A 53 -8.43 9.57 12.84
N SER A 54 -8.29 8.86 11.73
CA SER A 54 -7.14 7.99 11.50
C SER A 54 -6.91 7.78 10.01
N GLU A 55 -5.71 7.30 9.67
CA GLU A 55 -5.35 7.05 8.28
C GLU A 55 -5.08 5.57 8.05
N ILE A 56 -4.79 5.23 6.78
CA ILE A 56 -4.50 3.85 6.41
C ILE A 56 -3.03 3.65 6.07
N PHE A 57 -2.55 2.44 6.28
CA PHE A 57 -1.15 2.09 6.00
C PHE A 57 -0.97 1.79 4.53
N PHE A 58 0.24 2.03 4.03
CA PHE A 58 0.56 1.77 2.63
C PHE A 58 2.04 1.45 2.45
N LYS A 59 2.34 0.36 1.76
CA LYS A 59 3.74 -0.03 1.54
C LYS A 59 4.41 0.91 0.54
N ILE A 60 5.65 1.28 0.82
CA ILE A 60 6.40 2.17 -0.05
C ILE A 60 7.84 1.69 -0.24
N LYS A 61 8.59 2.37 -1.09
CA LYS A 61 9.98 2.02 -1.36
C LYS A 61 10.83 2.07 -0.09
N LYS A 62 10.54 3.06 0.75
CA LYS A 62 11.29 3.21 2.00
C LYS A 62 11.13 1.97 2.89
N THR A 63 9.92 1.44 2.92
CA THR A 63 9.63 0.25 3.71
C THR A 63 9.17 -0.88 2.82
N THR A 64 10.12 -1.53 2.16
CA THR A 64 9.81 -2.63 1.26
C THR A 64 10.73 -3.83 1.56
N PRO A 65 10.23 -5.08 1.40
CA PRO A 65 11.03 -6.28 1.65
C PRO A 65 12.33 -6.28 0.86
N LEU A 66 13.37 -6.83 1.48
CA LEU A 66 14.68 -6.91 0.85
C LEU A 66 14.63 -7.77 -0.41
N ARG A 67 13.62 -8.62 -0.50
CA ARG A 67 13.47 -9.50 -1.65
C ARG A 67 13.31 -8.68 -2.93
N ARG A 68 12.57 -7.58 -2.85
CA ARG A 68 12.36 -6.72 -4.01
C ARG A 68 13.69 -6.17 -4.51
N LEU A 69 14.54 -5.75 -3.58
CA LEU A 69 15.85 -5.20 -3.93
C LEU A 69 16.72 -6.26 -4.58
N MET A 70 16.64 -7.48 -4.05
CA MET A 70 17.43 -8.60 -4.57
C MET A 70 17.05 -8.90 -6.01
N GLU A 71 15.76 -8.82 -6.31
CA GLU A 71 15.28 -9.09 -7.66
C GLU A 71 15.89 -8.10 -8.65
N ALA A 72 15.94 -6.84 -8.27
CA ALA A 72 16.51 -5.81 -9.13
C ALA A 72 17.98 -6.09 -9.43
N PHE A 73 18.72 -6.51 -8.41
CA PHE A 73 20.13 -6.81 -8.57
C PHE A 73 20.34 -8.02 -9.48
N ALA A 74 19.46 -9.02 -9.33
CA ALA A 74 19.56 -10.23 -10.13
C ALA A 74 19.39 -9.91 -11.61
N LYS A 75 18.44 -9.04 -11.93
CA LYS A 75 18.17 -8.64 -13.31
C LYS A 75 19.35 -7.88 -13.90
N ARG A 76 19.97 -7.02 -13.10
CA ARG A 76 21.11 -6.23 -13.56
C ARG A 76 22.27 -7.14 -13.94
N GLN A 77 22.46 -8.20 -13.18
CA GLN A 77 23.53 -9.15 -13.44
C GLN A 77 23.15 -10.12 -14.56
N GLY A 78 21.91 -10.02 -15.04
CA GLY A 78 21.47 -10.91 -16.11
C GLY A 78 21.26 -12.32 -15.62
N LYS A 79 20.90 -12.46 -14.35
CA LYS A 79 20.67 -13.78 -13.76
C LYS A 79 19.30 -13.85 -13.10
N GLU A 80 18.68 -15.03 -13.16
CA GLU A 80 17.37 -15.24 -12.57
C GLU A 80 17.48 -15.54 -11.08
N MET A 81 16.45 -15.16 -10.33
CA MET A 81 16.43 -15.39 -8.89
C MET A 81 16.34 -16.88 -8.57
N ASP A 82 15.92 -17.67 -9.57
CA ASP A 82 15.79 -19.11 -9.39
C ASP A 82 17.15 -19.76 -9.18
N SER A 83 18.22 -19.02 -9.45
CA SER A 83 19.58 -19.52 -9.27
C SER A 83 20.08 -19.34 -7.83
N LEU A 84 19.15 -19.03 -6.92
CA LEU A 84 19.50 -18.84 -5.52
C LEU A 84 19.23 -20.11 -4.72
N ARG A 85 20.23 -20.57 -3.99
CA ARG A 85 20.11 -21.77 -3.19
C ARG A 85 19.62 -21.47 -1.78
N PHE A 86 19.00 -22.45 -1.14
CA PHE A 86 18.49 -22.30 0.21
C PHE A 86 19.55 -22.63 1.23
N LEU A 87 19.55 -21.91 2.35
CA LEU A 87 20.53 -22.14 3.40
C LEU A 87 19.91 -22.91 4.57
N TYR A 88 20.68 -23.85 5.12
CA TYR A 88 20.23 -24.67 6.24
C TYR A 88 21.40 -25.01 7.16
N ASP A 89 21.12 -25.16 8.46
CA ASP A 89 22.15 -25.50 9.45
C ASP A 89 23.01 -24.29 9.80
N GLY A 90 22.39 -23.31 10.46
CA GLY A 90 23.09 -22.10 10.86
C GLY A 90 22.69 -20.90 10.04
N ILE A 91 21.98 -21.11 8.95
CA ILE A 91 21.54 -20.01 8.10
C ILE A 91 20.14 -20.29 7.56
N ARG A 92 19.16 -19.57 8.08
CA ARG A 92 17.77 -19.73 7.64
C ARG A 92 17.39 -18.67 6.62
N ILE A 93 16.76 -19.10 5.53
CA ILE A 93 16.33 -18.19 4.49
C ILE A 93 14.82 -18.24 4.30
N GLN A 94 14.17 -17.10 4.41
CA GLN A 94 12.72 -17.04 4.26
C GLN A 94 12.29 -15.62 3.90
N ALA A 95 11.33 -15.50 2.98
CA ALA A 95 10.84 -14.19 2.56
C ALA A 95 9.96 -13.53 3.62
N ASP A 96 9.64 -14.28 4.68
CA ASP A 96 8.81 -13.78 5.76
C ASP A 96 9.57 -12.80 6.65
N GLN A 97 10.89 -12.69 6.45
CA GLN A 97 11.71 -11.78 7.23
C GLN A 97 11.55 -10.33 6.75
N THR A 98 10.30 -9.85 6.76
CA THR A 98 10.01 -8.48 6.34
C THR A 98 9.69 -7.59 7.54
N PRO A 99 9.80 -6.27 7.39
CA PRO A 99 9.52 -5.31 8.47
C PRO A 99 8.11 -5.45 9.01
N GLU A 100 7.97 -5.29 10.33
CA GLU A 100 6.68 -5.40 10.98
C GLU A 100 5.92 -4.07 10.95
N ASP A 101 6.52 -3.06 10.32
CA ASP A 101 5.89 -1.75 10.23
C ASP A 101 4.55 -1.83 9.51
N LEU A 102 4.50 -2.63 8.44
CA LEU A 102 3.27 -2.80 7.67
C LEU A 102 2.80 -4.25 7.69
N ASP A 103 3.66 -5.16 8.14
CA ASP A 103 3.32 -6.58 8.19
C ASP A 103 2.90 -7.11 6.82
N MET A 104 3.49 -6.54 5.77
CA MET A 104 3.19 -6.94 4.40
C MET A 104 1.67 -7.01 4.17
N GLU A 105 0.95 -6.07 4.76
CA GLU A 105 -0.50 -6.03 4.61
C GLU A 105 -1.01 -4.59 4.63
N ASP A 106 -2.30 -4.42 4.36
CA ASP A 106 -2.91 -3.10 4.34
C ASP A 106 -2.18 -2.18 3.39
N ASN A 107 -1.99 -2.65 2.15
CA ASN A 107 -1.32 -1.86 1.13
C ASN A 107 -2.30 -1.01 0.36
N ASP A 108 -2.59 0.18 0.87
CA ASP A 108 -3.52 1.09 0.21
C ASP A 108 -3.52 2.46 0.86
N ILE A 109 -3.92 3.49 0.11
CA ILE A 109 -3.95 4.84 0.62
C ILE A 109 -5.18 5.60 0.12
N ILE A 110 -6.01 6.04 1.06
CA ILE A 110 -7.22 6.77 0.72
C ILE A 110 -7.32 8.08 1.49
N GLU A 111 -7.55 9.18 0.78
CA GLU A 111 -7.66 10.49 1.41
C GLU A 111 -9.10 10.75 1.84
N ALA A 112 -9.26 11.32 3.04
CA ALA A 112 -10.59 11.62 3.56
C ALA A 112 -10.95 13.08 3.34
N HIS A 113 -12.16 13.32 2.86
CA HIS A 113 -12.63 14.67 2.60
C HIS A 113 -14.03 14.87 3.16
N ARG A 114 -14.25 16.00 3.81
CA ARG A 114 -15.55 16.32 4.39
C ARG A 114 -16.03 17.70 3.94
N GLU A 115 -15.56 18.11 2.78
CA GLU A 115 -15.94 19.42 2.23
C GLU A 115 -15.38 19.60 0.83
N GLN A 116 -15.53 18.57 -0.01
CA GLN A 116 -15.04 18.62 -1.38
C GLN A 116 -15.76 19.70 -2.17
N ILE A 117 -15.01 20.48 -2.93
CA ILE A 117 -15.58 21.55 -3.75
C ILE A 117 -14.96 21.56 -5.14
N GLY A 118 -15.81 21.78 -6.15
CA GLY A 118 -15.33 21.82 -7.52
C GLY A 118 -16.44 22.09 -8.52
N GLY A 119 -16.09 22.10 -9.80
CA GLY A 119 -17.08 22.35 -10.83
C GLY A 119 -16.48 22.97 -12.08
#